data_6LID
#
_entry.id   6LID
#
loop_
_entity.id
_entity.type
_entity.pdbx_description
1 polymer 'Neutral and basic amino acid transport protein rBAT'
2 polymer 'b(0,+)-type amino acid transporter 1'
3 branched 2-acetamido-2-deoxy-beta-D-glucopyranose-(1-4)-2-acetamido-2-deoxy-beta-D-glucopyranose
4 non-polymer 'CALCIUM ION'
5 non-polymer 1,2-DIACYL-GLYCEROL-3-SN-PHOSPHATE
6 water water
#
loop_
_entity_poly.entity_id
_entity_poly.type
_entity_poly.pdbx_seq_one_letter_code
_entity_poly.pdbx_strand_id
1 'polypeptide(L)'
;MAHHHHHHHHHHSGRAEDKSKRDSIEMSMKGCQTNNGFVHNEDILEQTPDPGSSTDNLKHSTRGILGSQEPDFKGVQPYA
GMPKEVLFQFSGQARYRIPREILFWLTVASVLVLIAATIAIIALSPKCLDWWQEGPMYQIYPRSFKDSNKDGNGDLKGIQ
DKLDYITALNIKTVWITSFYKSSLKDFRYGVEDFREVDPIFGTMEDFENLVAAIHDKGLKLIIDFIPNHTSDKHIWFQLS
RTRTGKYTDYYIWHDCTHENGKTIPPNNWLSVYGNSSWHFDEVRNQCYFHQFMKEQPDLNFRNPDVQEEIKEILRFWLTK
GVDGFSLDAVKFLLEAKHLRDEIQVNKTQIPDTVTQYSELYHDFTTTQVGMHDIVRSFRQTMDQYSTEPGRYRFMGTEAY
AESIDRTVMYYGLPFIQEADFPFNNYLSMLDTVSGNSVYEVITSWMENMPEGKWPNWMIGGPDSSRLTSRLGNQYVNVMN
MLLFTLPGTPITYYGEEIGMGNIVAANLNESYDINTLRSKSPMQWDNSSNAGFSEASNTWLPTNSDYHTVNVDVQKTQPR
SALKLYQDLSLLHANELLLNRGWFCHLRNDSHYVVYTRELDGIDRIFIVVLNFGESTLLNLHNMISGLPAKMRIRLSTNS
ADKGSKVDTSGIFLDKGEGLIFEHNTKNLLHRQTAFRDRCFVSNRACYSSVLNILYTSC
;
A,C
2 'polypeptide(L)'
;MADYKDDDDKSGPDEVDASGRGDTGLRKRREDEKSIQSQEPKTTSLQKELGLISGISIIVGTIIGSGIFVSPKSVLSNTE
AVGPCLIIWAACGVLATLGALCFAELGTMITKSGGEYPYLMEAYGPIPAYLFSWASLIVIKPTSFAIICLSFSEYVCAPF
YVGCKPPQIVVKCLAAAAILFISTVNSLSVRLGSYVQNIFTAAKLVIVAIIIISGLVLLAQGNTKNFDNSFEGAQLSVGA
ISLAFYNGLWAYDGWNQLNYITEELRNPYRNLPLAIIIGIPLVTACYILMNVSYFTVMTATELLQSQAVAVTFGDRVLYP
ASWIVPLFVAFSTIGAANGTCFTAGRLIYVAGREGHMLKVLSYISVRRLTPAPAIIFYGIIATIYIIPGDINSLVNYFSF
AAWLFYGLTILGLIVMRFTRKELERPIKVPVVIPVLMTLISVFLVLAPIISKPTWEYLYCVLFILSGLLFYFLFVHYKFG
WAQKISKPITMHLQMLMEVVPPEEDPE
;
B,D
#
loop_
_chem_comp.id
_chem_comp.type
_chem_comp.name
_chem_comp.formula
3PH non-polymer 1,2-DIACYL-GLYCEROL-3-SN-PHOSPHATE 'C39 H77 O8 P'
CA non-polymer 'CALCIUM ION' 'Ca 2'
NAG D-saccharide, beta linking 2-acetamido-2-deoxy-beta-D-glucopyranose 'C8 H15 N O6'
#
# COMPACT_ATOMS: atom_id res chain seq x y z
N GLN A 77 -55.12 2.39 37.42
CA GLN A 77 -54.51 1.10 37.71
C GLN A 77 -54.10 0.38 36.43
N PRO A 78 -52.94 -0.29 36.45
CA PRO A 78 -52.47 -1.01 35.25
C PRO A 78 -53.30 -2.25 34.98
N TYR A 79 -54.09 -2.21 33.90
CA TYR A 79 -54.94 -3.38 33.69
C TYR A 79 -54.40 -4.37 32.65
N ALA A 80 -54.52 -4.07 31.36
CA ALA A 80 -53.94 -4.94 30.34
C ALA A 80 -53.39 -4.17 29.15
N GLY A 81 -54.12 -3.15 28.73
CA GLY A 81 -53.89 -2.48 27.47
C GLY A 81 -53.87 -0.98 27.62
N MET A 82 -53.22 -0.52 28.70
CA MET A 82 -53.05 0.85 29.17
C MET A 82 -52.77 1.84 28.05
N PRO A 83 -53.43 3.00 28.06
CA PRO A 83 -53.03 4.05 27.12
C PRO A 83 -51.80 4.79 27.61
N LYS A 84 -51.41 5.82 26.87
CA LYS A 84 -50.28 6.67 27.21
C LYS A 84 -50.47 7.40 28.54
N GLU A 85 -51.70 7.77 28.88
CA GLU A 85 -51.98 8.54 30.09
C GLU A 85 -51.89 7.73 31.37
N VAL A 86 -52.09 6.42 31.30
CA VAL A 86 -52.01 5.58 32.50
C VAL A 86 -50.62 4.97 32.64
N LEU A 87 -49.92 4.77 31.53
CA LEU A 87 -48.65 4.06 31.55
C LEU A 87 -47.54 4.88 32.20
N PHE A 88 -47.56 6.20 32.01
CA PHE A 88 -46.48 7.04 32.52
C PHE A 88 -46.49 7.16 34.04
N GLN A 89 -47.57 6.77 34.70
CA GLN A 89 -47.61 6.78 36.16
C GLN A 89 -46.82 5.63 36.78
N PHE A 90 -46.44 4.63 35.99
CA PHE A 90 -45.82 3.43 36.53
C PHE A 90 -44.52 3.03 35.85
N SER A 91 -44.29 3.41 34.59
CA SER A 91 -43.04 3.05 33.93
C SER A 91 -41.88 3.92 34.36
N GLY A 92 -42.12 4.98 35.11
CA GLY A 92 -41.08 5.79 35.68
C GLY A 92 -40.58 5.33 37.02
N GLN A 93 -41.05 4.17 37.49
CA GLN A 93 -40.64 3.64 38.78
C GLN A 93 -39.21 3.12 38.73
N ALA A 94 -38.71 2.70 39.89
CA ALA A 94 -37.34 2.23 39.95
C ALA A 94 -37.20 0.82 39.40
N ARG A 95 -38.23 -0.03 39.58
CA ARG A 95 -38.12 -1.42 39.15
C ARG A 95 -38.39 -1.62 37.67
N TYR A 96 -38.70 -0.56 36.93
CA TYR A 96 -38.83 -0.65 35.49
C TYR A 96 -37.96 0.34 34.73
N ARG A 97 -37.27 1.25 35.41
CA ARG A 97 -36.35 2.13 34.71
C ARG A 97 -34.97 1.51 34.60
N ILE A 98 -34.45 0.96 35.69
CA ILE A 98 -33.12 0.35 35.62
C ILE A 98 -33.06 -1.00 34.89
N PRO A 99 -34.06 -1.90 34.84
CA PRO A 99 -33.91 -3.03 33.90
C PRO A 99 -34.18 -2.67 32.46
N ARG A 100 -34.63 -1.46 32.19
CA ARG A 100 -34.76 -1.01 30.81
C ARG A 100 -33.49 -0.32 30.33
N GLU A 101 -32.83 0.44 31.22
CA GLU A 101 -31.61 1.14 30.84
C GLU A 101 -30.40 0.21 30.85
N ILE A 102 -30.38 -0.81 31.72
CA ILE A 102 -29.28 -1.77 31.71
C ILE A 102 -29.32 -2.61 30.43
N LEU A 103 -30.50 -3.13 30.09
CA LEU A 103 -30.63 -3.99 28.92
C LEU A 103 -30.42 -3.25 27.61
N PHE A 104 -30.62 -1.94 27.57
CA PHE A 104 -30.30 -1.20 26.36
C PHE A 104 -28.80 -0.99 26.23
N TRP A 105 -28.14 -0.57 27.31
CA TRP A 105 -26.70 -0.31 27.24
C TRP A 105 -25.87 -1.58 27.28
N LEU A 106 -26.47 -2.73 27.61
CA LEU A 106 -25.79 -4.00 27.42
C LEU A 106 -26.00 -4.56 26.02
N THR A 107 -26.78 -3.90 25.18
CA THR A 107 -26.95 -4.34 23.81
C THR A 107 -26.01 -3.61 22.87
N VAL A 108 -25.89 -2.29 23.01
CA VAL A 108 -24.91 -1.56 22.21
C VAL A 108 -23.49 -1.77 22.69
N ALA A 109 -23.29 -2.31 23.89
CA ALA A 109 -21.97 -2.75 24.31
C ALA A 109 -21.66 -4.15 23.82
N SER A 110 -22.69 -4.96 23.53
CA SER A 110 -22.45 -6.24 22.89
C SER A 110 -22.18 -6.08 21.40
N VAL A 111 -22.64 -4.98 20.78
CA VAL A 111 -22.27 -4.73 19.40
C VAL A 111 -20.81 -4.32 19.32
N LEU A 112 -20.36 -3.49 20.25
CA LEU A 112 -18.98 -3.02 20.21
C LEU A 112 -17.99 -4.10 20.62
N VAL A 113 -18.43 -5.08 21.40
CA VAL A 113 -17.54 -6.20 21.74
C VAL A 113 -17.48 -7.19 20.59
N LEU A 114 -18.62 -7.46 19.93
CA LEU A 114 -18.63 -8.40 18.83
C LEU A 114 -17.90 -7.88 17.60
N ILE A 115 -17.78 -6.56 17.45
CA ILE A 115 -16.93 -6.05 16.39
C ILE A 115 -15.47 -6.08 16.83
N ALA A 116 -15.21 -5.80 18.10
CA ALA A 116 -13.83 -5.85 18.60
C ALA A 116 -13.33 -7.27 18.77
N ALA A 117 -14.22 -8.26 18.77
CA ALA A 117 -13.76 -9.64 18.69
C ALA A 117 -13.58 -10.07 17.25
N THR A 118 -14.29 -9.46 16.32
CA THR A 118 -14.12 -9.79 14.91
C THR A 118 -12.83 -9.21 14.37
N ILE A 119 -12.51 -7.97 14.72
CA ILE A 119 -11.28 -7.35 14.26
C ILE A 119 -10.06 -7.97 14.92
N ALA A 120 -10.19 -8.44 16.16
CA ALA A 120 -9.04 -9.03 16.84
C ALA A 120 -8.67 -10.39 16.27
N ILE A 121 -9.65 -11.16 15.82
CA ILE A 121 -9.32 -12.48 15.25
C ILE A 121 -8.78 -12.34 13.83
N ILE A 122 -9.31 -11.40 13.04
CA ILE A 122 -8.80 -11.18 11.70
C ILE A 122 -7.39 -10.61 11.74
N ALA A 123 -7.11 -9.74 12.70
CA ALA A 123 -5.76 -9.19 12.81
C ALA A 123 -4.77 -10.19 13.36
N LEU A 124 -5.19 -11.09 14.23
CA LEU A 124 -4.27 -12.07 14.81
C LEU A 124 -4.25 -13.39 14.07
N SER A 125 -4.96 -13.53 12.97
CA SER A 125 -4.90 -14.79 12.24
C SER A 125 -3.62 -14.86 11.41
N PRO A 126 -3.01 -16.03 11.29
CA PRO A 126 -1.82 -16.14 10.47
C PRO A 126 -2.17 -16.20 9.00
N LYS A 127 -1.19 -15.90 8.16
CA LYS A 127 -1.34 -16.13 6.73
C LYS A 127 -1.37 -17.62 6.49
N CYS A 128 -2.47 -18.14 5.96
CA CYS A 128 -2.51 -19.58 5.81
C CYS A 128 -1.73 -20.00 4.57
N LEU A 129 -1.41 -21.28 4.50
CA LEU A 129 -0.36 -21.78 3.62
C LEU A 129 -0.71 -21.67 2.15
N ASP A 130 0.31 -21.45 1.32
CA ASP A 130 0.16 -21.54 -0.11
C ASP A 130 0.00 -22.98 -0.54
N TRP A 131 -0.31 -23.17 -1.82
CA TRP A 131 -0.51 -24.51 -2.34
C TRP A 131 0.79 -25.29 -2.44
N TRP A 132 1.92 -24.61 -2.65
CA TRP A 132 3.20 -25.29 -2.75
C TRP A 132 3.78 -25.64 -1.38
N GLN A 133 3.17 -25.18 -0.31
CA GLN A 133 3.55 -25.59 1.04
C GLN A 133 2.62 -26.64 1.62
N GLU A 134 1.45 -26.86 1.01
CA GLU A 134 0.42 -27.69 1.61
C GLU A 134 0.72 -29.18 1.45
N GLY A 135 0.88 -29.63 0.21
CA GLY A 135 0.97 -31.04 -0.06
C GLY A 135 2.22 -31.43 -0.82
N PRO A 136 2.39 -32.72 -1.06
CA PRO A 136 3.59 -33.20 -1.74
C PRO A 136 3.57 -32.95 -3.24
N MET A 137 4.77 -32.90 -3.81
CA MET A 137 4.97 -32.83 -5.25
C MET A 137 5.28 -34.21 -5.80
N TYR A 138 4.93 -34.42 -7.07
CA TYR A 138 5.14 -35.68 -7.76
C TYR A 138 5.87 -35.39 -9.06
N GLN A 139 7.10 -35.89 -9.18
CA GLN A 139 7.92 -35.61 -10.35
C GLN A 139 7.76 -36.73 -11.38
N ILE A 140 7.36 -36.35 -12.59
CA ILE A 140 7.06 -37.29 -13.66
C ILE A 140 8.07 -37.09 -14.78
N TYR A 141 8.75 -38.17 -15.17
CA TYR A 141 9.48 -38.21 -16.43
C TYR A 141 8.49 -38.59 -17.52
N PRO A 142 8.11 -37.67 -18.41
CA PRO A 142 6.91 -37.89 -19.24
C PRO A 142 7.07 -38.92 -20.34
N ARG A 143 8.30 -39.27 -20.71
CA ARG A 143 8.48 -40.32 -21.71
C ARG A 143 8.27 -41.72 -21.14
N SER A 144 8.30 -41.86 -19.82
CA SER A 144 8.25 -43.18 -19.19
C SER A 144 7.05 -43.35 -18.28
N PHE A 145 5.98 -42.59 -18.46
CA PHE A 145 4.84 -42.68 -17.56
C PHE A 145 3.69 -43.51 -18.13
N LYS A 146 3.15 -43.10 -19.27
CA LYS A 146 2.02 -43.81 -19.87
C LYS A 146 1.98 -43.54 -21.36
N ASP A 147 2.04 -44.60 -22.16
CA ASP A 147 1.89 -44.50 -23.60
C ASP A 147 0.43 -44.73 -23.96
N SER A 148 -0.13 -43.82 -24.76
CA SER A 148 -1.54 -43.89 -25.11
C SER A 148 -1.81 -44.14 -26.58
N ASN A 149 -0.86 -43.84 -27.47
CA ASN A 149 -1.06 -44.00 -28.91
C ASN A 149 -0.20 -45.11 -29.50
N LYS A 150 0.20 -46.08 -28.67
CA LYS A 150 0.96 -47.31 -29.00
C LYS A 150 2.14 -47.08 -29.95
N ASP A 151 2.96 -46.08 -29.61
CA ASP A 151 4.20 -45.81 -30.32
C ASP A 151 5.45 -46.04 -29.48
N GLY A 152 5.30 -46.50 -28.22
CA GLY A 152 6.43 -46.80 -27.38
C GLY A 152 6.89 -45.70 -26.46
N ASN A 153 6.42 -44.47 -26.66
CA ASN A 153 6.84 -43.33 -25.85
C ASN A 153 5.67 -42.85 -25.00
N GLY A 154 5.98 -42.40 -23.79
CA GLY A 154 4.96 -41.77 -22.97
C GLY A 154 4.60 -40.40 -23.52
N ASP A 155 3.33 -40.04 -23.41
CA ASP A 155 2.83 -38.78 -23.93
C ASP A 155 2.03 -38.05 -22.85
N LEU A 156 1.64 -36.82 -23.17
CA LEU A 156 0.89 -36.01 -22.22
C LEU A 156 -0.55 -36.48 -22.09
N LYS A 157 -1.07 -37.14 -23.13
CA LYS A 157 -2.40 -37.73 -23.05
C LYS A 157 -2.41 -38.91 -22.09
N GLY A 158 -1.30 -39.65 -22.00
CA GLY A 158 -1.22 -40.75 -21.05
C GLY A 158 -1.16 -40.30 -19.61
N ILE A 159 -0.62 -39.11 -19.36
CA ILE A 159 -0.62 -38.56 -18.00
C ILE A 159 -2.03 -38.16 -17.60
N GLN A 160 -2.81 -37.64 -18.55
CA GLN A 160 -4.18 -37.21 -18.28
C GLN A 160 -5.09 -38.39 -17.94
N ASP A 161 -4.83 -39.56 -18.51
CA ASP A 161 -5.61 -40.75 -18.19
C ASP A 161 -5.24 -41.36 -16.85
N LYS A 162 -4.15 -40.93 -16.23
CA LYS A 162 -3.69 -41.47 -14.96
C LYS A 162 -3.80 -40.46 -13.83
N LEU A 163 -4.62 -39.42 -14.00
CA LEU A 163 -4.75 -38.41 -12.95
C LEU A 163 -5.58 -38.91 -11.78
N ASP A 164 -6.38 -39.96 -11.97
CA ASP A 164 -7.10 -40.55 -10.85
C ASP A 164 -6.17 -41.31 -9.93
N TYR A 165 -5.09 -41.87 -10.47
CA TYR A 165 -4.10 -42.54 -9.64
C TYR A 165 -3.31 -41.55 -8.81
N ILE A 166 -3.09 -40.35 -9.35
CA ILE A 166 -2.25 -39.35 -8.69
C ILE A 166 -3.01 -38.70 -7.54
N THR A 167 -4.30 -38.46 -7.71
CA THR A 167 -5.11 -37.91 -6.61
C THR A 167 -5.34 -38.94 -5.51
N ALA A 168 -5.27 -40.23 -5.83
CA ALA A 168 -5.35 -41.27 -4.81
C ALA A 168 -4.06 -41.41 -4.01
N LEU A 169 -2.97 -40.79 -4.47
CA LEU A 169 -1.74 -40.70 -3.69
C LEU A 169 -1.70 -39.46 -2.81
N ASN A 170 -2.79 -38.69 -2.77
CA ASN A 170 -2.92 -37.43 -2.01
C ASN A 170 -1.85 -36.42 -2.41
N ILE A 171 -1.64 -36.29 -3.71
CA ILE A 171 -0.61 -35.42 -4.29
C ILE A 171 -1.24 -34.08 -4.61
N LYS A 172 -0.54 -32.99 -4.29
CA LYS A 172 -1.01 -31.66 -4.65
C LYS A 172 -0.47 -31.18 -6.00
N THR A 173 0.83 -31.27 -6.22
CA THR A 173 1.50 -30.69 -7.38
C THR A 173 2.06 -31.78 -8.27
N VAL A 174 1.88 -31.63 -9.58
CA VAL A 174 2.51 -32.49 -10.57
C VAL A 174 3.66 -31.71 -11.20
N TRP A 175 4.86 -32.29 -11.14
CA TRP A 175 6.06 -31.71 -11.73
C TRP A 175 6.42 -32.54 -12.96
N ILE A 176 6.35 -31.93 -14.13
CA ILE A 176 6.70 -32.59 -15.39
C ILE A 176 8.01 -31.99 -15.88
N THR A 177 8.96 -32.86 -16.19
CA THR A 177 10.26 -32.40 -16.70
C THR A 177 10.14 -32.05 -18.17
N SER A 178 11.28 -31.84 -18.84
CA SER A 178 11.32 -31.10 -20.10
C SER A 178 10.65 -31.86 -21.24
N PHE A 179 9.65 -31.21 -21.85
CA PHE A 179 8.94 -31.76 -23.00
C PHE A 179 8.97 -30.81 -24.20
N TYR A 180 9.89 -29.85 -24.20
CA TYR A 180 10.01 -28.91 -25.32
C TYR A 180 10.53 -29.63 -26.56
N LYS A 181 10.37 -28.96 -27.70
CA LYS A 181 10.89 -29.46 -28.96
C LYS A 181 12.42 -29.38 -28.94
N SER A 182 13.07 -30.54 -28.97
CA SER A 182 14.48 -30.66 -28.64
C SER A 182 15.22 -31.45 -29.71
N SER A 183 16.50 -31.14 -29.86
CA SER A 183 17.42 -32.01 -30.58
C SER A 183 18.11 -33.00 -29.65
N LEU A 184 18.35 -32.59 -28.41
CA LEU A 184 19.01 -33.41 -27.41
C LEU A 184 18.07 -33.53 -26.22
N LYS A 185 17.77 -34.77 -25.84
CA LYS A 185 16.84 -35.04 -24.75
C LYS A 185 17.53 -35.50 -23.50
N ASP A 186 18.85 -35.33 -23.41
CA ASP A 186 19.60 -35.52 -22.19
C ASP A 186 20.65 -34.41 -22.14
N PHE A 187 21.57 -34.51 -21.17
CA PHE A 187 22.69 -33.58 -21.00
C PHE A 187 22.22 -32.13 -20.84
N ARG A 188 21.25 -31.96 -19.94
CA ARG A 188 20.58 -30.68 -19.66
C ARG A 188 19.89 -30.06 -20.88
N TYR A 189 19.40 -30.91 -21.80
CA TYR A 189 18.31 -30.58 -22.72
C TYR A 189 18.52 -29.45 -23.73
N GLY A 190 19.30 -29.66 -24.78
CA GLY A 190 19.32 -28.73 -25.90
C GLY A 190 18.00 -28.55 -26.63
N VAL A 191 17.43 -27.34 -26.60
CA VAL A 191 16.05 -27.09 -27.00
C VAL A 191 16.01 -26.30 -28.32
N GLU A 192 15.17 -26.75 -29.26
CA GLU A 192 14.99 -26.10 -30.56
C GLU A 192 13.92 -25.02 -30.56
N ASP A 193 12.79 -25.24 -29.89
CA ASP A 193 11.70 -24.27 -29.85
C ASP A 193 11.14 -24.26 -28.44
N PHE A 194 11.23 -23.10 -27.78
CA PHE A 194 10.79 -22.99 -26.40
C PHE A 194 9.28 -22.89 -26.26
N ARG A 195 8.56 -22.66 -27.35
CA ARG A 195 7.10 -22.50 -27.31
C ARG A 195 6.37 -23.65 -27.98
N GLU A 196 7.01 -24.79 -28.17
CA GLU A 196 6.38 -25.93 -28.81
C GLU A 196 6.64 -27.18 -28.00
N VAL A 197 5.71 -28.12 -28.11
CA VAL A 197 5.85 -29.43 -27.51
C VAL A 197 6.56 -30.35 -28.50
N ASP A 198 7.38 -31.26 -28.00
CA ASP A 198 8.05 -32.21 -28.86
C ASP A 198 7.03 -33.22 -29.39
N PRO A 199 7.13 -33.61 -30.67
CA PRO A 199 6.07 -34.44 -31.27
C PRO A 199 5.94 -35.85 -30.70
N ILE A 200 6.92 -36.34 -29.93
CA ILE A 200 6.76 -37.65 -29.29
C ILE A 200 5.91 -37.58 -28.02
N PHE A 201 5.59 -36.38 -27.54
CA PHE A 201 4.74 -36.20 -26.38
C PHE A 201 3.34 -35.74 -26.75
N GLY A 202 3.12 -35.31 -27.98
CA GLY A 202 1.81 -34.84 -28.40
C GLY A 202 1.88 -33.49 -29.07
N THR A 203 0.76 -32.78 -29.08
CA THR A 203 0.68 -31.46 -29.70
C THR A 203 0.45 -30.42 -28.61
N MET A 204 0.25 -29.17 -29.05
CA MET A 204 -0.10 -28.11 -28.11
C MET A 204 -1.53 -28.27 -27.60
N GLU A 205 -2.41 -28.85 -28.42
CA GLU A 205 -3.76 -29.16 -27.97
C GLU A 205 -3.75 -30.25 -26.89
N ASP A 206 -2.80 -31.19 -26.98
CA ASP A 206 -2.67 -32.21 -25.95
C ASP A 206 -2.18 -31.63 -24.63
N PHE A 207 -1.37 -30.57 -24.69
CA PHE A 207 -0.92 -29.93 -23.46
C PHE A 207 -2.04 -29.11 -22.84
N GLU A 208 -2.84 -28.43 -23.66
CA GLU A 208 -3.90 -27.57 -23.14
C GLU A 208 -5.05 -28.39 -22.56
N ASN A 209 -5.25 -29.61 -23.05
CA ASN A 209 -6.24 -30.49 -22.44
C ASN A 209 -5.75 -31.03 -21.10
N LEU A 210 -4.43 -31.16 -20.94
CA LEU A 210 -3.89 -31.68 -19.68
C LEU A 210 -3.94 -30.63 -18.59
N VAL A 211 -3.75 -29.36 -18.93
CA VAL A 211 -3.79 -28.29 -17.94
C VAL A 211 -5.20 -28.10 -17.42
N ALA A 212 -6.19 -28.19 -18.31
CA ALA A 212 -7.59 -28.07 -17.90
C ALA A 212 -8.02 -29.25 -17.04
N ALA A 213 -7.52 -30.44 -17.35
CA ALA A 213 -7.91 -31.62 -16.58
C ALA A 213 -7.23 -31.66 -15.23
N ILE A 214 -6.01 -31.11 -15.14
CA ILE A 214 -5.30 -31.05 -13.86
C ILE A 214 -5.99 -30.07 -12.93
N HIS A 215 -6.47 -28.95 -13.47
CA HIS A 215 -7.14 -27.93 -12.66
C HIS A 215 -8.50 -28.41 -12.18
N ASP A 216 -9.17 -29.27 -12.95
CA ASP A 216 -10.49 -29.74 -12.57
C ASP A 216 -10.47 -30.76 -11.46
N LYS A 217 -9.32 -31.30 -11.10
CA LYS A 217 -9.20 -32.20 -9.97
C LYS A 217 -8.56 -31.52 -8.77
N GLY A 218 -8.35 -30.22 -8.82
CA GLY A 218 -7.72 -29.51 -7.73
C GLY A 218 -6.23 -29.64 -7.66
N LEU A 219 -5.57 -30.02 -8.75
CA LEU A 219 -4.13 -30.19 -8.76
C LEU A 219 -3.46 -28.95 -9.34
N LYS A 220 -2.14 -28.92 -9.25
CA LYS A 220 -1.32 -27.86 -9.81
C LYS A 220 -0.25 -28.47 -10.71
N LEU A 221 0.35 -27.64 -11.55
CA LEU A 221 1.31 -28.09 -12.54
C LEU A 221 2.51 -27.15 -12.57
N ILE A 222 3.70 -27.70 -12.35
CA ILE A 222 4.93 -26.97 -12.60
C ILE A 222 5.74 -27.72 -13.65
N ILE A 223 6.49 -26.98 -14.45
CA ILE A 223 7.26 -27.53 -15.54
C ILE A 223 8.70 -27.06 -15.43
N ASP A 224 9.58 -27.73 -16.17
CA ASP A 224 10.98 -27.33 -16.22
C ASP A 224 11.18 -26.14 -17.14
N PHE A 225 12.20 -25.35 -16.83
CA PHE A 225 12.59 -24.23 -17.67
C PHE A 225 14.09 -24.25 -17.84
N ILE A 226 14.55 -24.10 -19.08
CA ILE A 226 15.97 -24.14 -19.42
C ILE A 226 16.38 -22.78 -19.95
N PRO A 227 16.91 -21.89 -19.11
CA PRO A 227 17.27 -20.55 -19.60
C PRO A 227 18.69 -20.44 -20.12
N ASN A 228 19.56 -21.39 -19.77
CA ASN A 228 21.00 -21.16 -19.92
C ASN A 228 21.46 -21.28 -21.37
N HIS A 229 20.88 -22.21 -22.12
CA HIS A 229 21.40 -22.53 -23.45
C HIS A 229 20.26 -23.00 -24.32
N THR A 230 20.49 -22.96 -25.63
CA THR A 230 19.59 -23.53 -26.62
C THR A 230 20.33 -24.61 -27.38
N SER A 231 19.68 -25.12 -28.42
CA SER A 231 20.33 -26.04 -29.33
C SER A 231 21.02 -25.26 -30.45
N ASP A 232 21.87 -25.95 -31.20
CA ASP A 232 22.49 -25.32 -32.36
C ASP A 232 21.59 -25.33 -33.58
N LYS A 233 20.40 -25.94 -33.48
CA LYS A 233 19.39 -25.88 -34.52
C LYS A 233 18.29 -24.89 -34.19
N HIS A 234 18.42 -24.13 -33.12
CA HIS A 234 17.50 -23.04 -32.83
C HIS A 234 17.65 -21.95 -33.88
N ILE A 235 16.56 -21.20 -34.09
CA ILE A 235 16.57 -20.18 -35.14
C ILE A 235 17.40 -18.97 -34.73
N TRP A 236 17.65 -18.79 -33.43
CA TRP A 236 18.52 -17.70 -32.99
C TRP A 236 19.97 -17.99 -33.33
N PHE A 237 20.40 -19.24 -33.20
CA PHE A 237 21.78 -19.59 -33.48
C PHE A 237 22.09 -19.63 -34.97
N GLN A 238 21.10 -19.97 -35.79
CA GLN A 238 21.32 -19.95 -37.24
C GLN A 238 21.40 -18.53 -37.77
N LEU A 239 20.79 -17.57 -37.06
CA LEU A 239 20.94 -16.17 -37.42
C LEU A 239 22.13 -15.53 -36.71
N SER A 240 22.61 -16.16 -35.63
CA SER A 240 23.76 -15.62 -34.91
C SER A 240 25.05 -15.85 -35.67
N ARG A 241 25.19 -17.02 -36.28
CA ARG A 241 26.43 -17.36 -36.97
C ARG A 241 26.46 -16.87 -38.41
N THR A 242 25.42 -16.20 -38.87
CA THR A 242 25.45 -15.47 -40.13
C THR A 242 25.48 -13.96 -39.91
N ARG A 243 25.57 -13.53 -38.64
CA ARG A 243 25.61 -12.13 -38.21
C ARG A 243 24.40 -11.36 -38.71
N THR A 244 23.22 -11.93 -38.50
CA THR A 244 21.97 -11.37 -38.99
C THR A 244 21.34 -10.52 -37.90
N GLY A 245 21.41 -9.20 -38.06
CA GLY A 245 20.62 -8.29 -37.25
C GLY A 245 21.12 -8.17 -35.82
N LYS A 246 20.19 -8.21 -34.88
CA LYS A 246 20.50 -8.14 -33.46
C LYS A 246 20.99 -9.47 -32.89
N TYR A 247 20.89 -10.55 -33.65
CA TYR A 247 21.22 -11.88 -33.14
C TYR A 247 22.71 -12.15 -33.08
N THR A 248 23.54 -11.21 -33.52
CA THR A 248 24.99 -11.41 -33.56
C THR A 248 25.57 -11.56 -32.14
N ASP A 249 24.97 -10.88 -31.17
CA ASP A 249 25.39 -10.97 -29.78
C ASP A 249 24.44 -11.77 -28.91
N TYR A 250 23.67 -12.69 -29.50
CA TYR A 250 22.83 -13.56 -28.68
C TYR A 250 23.64 -14.68 -28.05
N TYR A 251 24.82 -14.97 -28.57
CA TYR A 251 25.69 -16.02 -28.06
C TYR A 251 27.06 -15.42 -27.85
N ILE A 252 27.92 -16.15 -27.16
CA ILE A 252 29.23 -15.65 -26.77
C ILE A 252 30.25 -16.14 -27.79
N TRP A 253 30.75 -15.22 -28.61
CA TRP A 253 31.67 -15.54 -29.70
C TRP A 253 33.03 -14.90 -29.45
N HIS A 254 34.10 -15.65 -29.75
CA HIS A 254 35.44 -15.11 -29.66
C HIS A 254 36.30 -15.70 -30.76
N ASP A 255 37.36 -14.97 -31.13
CA ASP A 255 38.26 -15.42 -32.17
C ASP A 255 39.18 -16.53 -31.67
N CYS A 256 39.55 -17.41 -32.59
CA CYS A 256 40.42 -18.54 -32.27
C CYS A 256 41.23 -18.89 -33.53
N THR A 257 42.07 -19.92 -33.41
CA THR A 257 43.12 -20.18 -34.40
C THR A 257 42.98 -21.64 -34.92
N HIS A 258 41.79 -21.96 -35.39
CA HIS A 258 41.51 -23.30 -35.90
C HIS A 258 42.18 -23.48 -37.25
N GLU A 259 43.10 -24.44 -37.34
CA GLU A 259 43.71 -24.82 -38.61
C GLU A 259 44.16 -26.28 -38.53
N ASN A 260 44.16 -26.92 -39.72
CA ASN A 260 44.40 -28.37 -39.95
C ASN A 260 43.80 -29.28 -38.88
N GLY A 261 42.56 -29.02 -38.48
CA GLY A 261 41.81 -29.95 -37.66
C GLY A 261 41.93 -29.76 -36.17
N LYS A 262 42.64 -28.73 -35.71
CA LYS A 262 42.74 -28.49 -34.27
C LYS A 262 42.57 -27.00 -33.99
N THR A 263 41.74 -26.72 -33.00
CA THR A 263 41.46 -25.35 -32.57
C THR A 263 42.33 -25.01 -31.36
N ILE A 264 42.79 -23.77 -31.30
CA ILE A 264 43.44 -23.24 -30.10
C ILE A 264 42.42 -22.36 -29.38
N PRO A 265 41.92 -22.79 -28.21
CA PRO A 265 40.83 -22.06 -27.55
C PRO A 265 41.34 -20.81 -26.88
N PRO A 266 40.46 -19.84 -26.58
CA PRO A 266 40.92 -18.60 -25.93
C PRO A 266 41.41 -18.78 -24.50
N ASN A 267 40.89 -19.75 -23.75
CA ASN A 267 41.43 -20.04 -22.42
C ASN A 267 41.34 -21.54 -22.19
N ASN A 268 41.59 -21.97 -20.96
CA ASN A 268 41.61 -23.38 -20.60
C ASN A 268 40.29 -23.89 -20.03
N TRP A 269 39.21 -23.15 -20.23
CA TRP A 269 37.92 -23.50 -19.64
C TRP A 269 37.39 -24.80 -20.24
N LEU A 270 36.75 -25.60 -19.41
CA LEU A 270 36.30 -26.92 -19.81
C LEU A 270 34.79 -27.05 -19.66
N SER A 271 34.20 -27.91 -20.48
CA SER A 271 32.78 -28.20 -20.33
C SER A 271 32.59 -29.27 -19.26
N VAL A 272 31.33 -29.38 -18.79
CA VAL A 272 31.00 -30.25 -17.67
C VAL A 272 31.21 -31.71 -18.03
N TYR A 273 30.89 -32.08 -19.26
CA TYR A 273 31.08 -33.45 -19.73
C TYR A 273 32.48 -33.71 -20.25
N GLY A 274 33.29 -32.66 -20.42
CA GLY A 274 34.73 -32.75 -20.35
C GLY A 274 35.47 -32.80 -21.68
N ASN A 275 35.86 -31.62 -22.13
CA ASN A 275 36.90 -31.26 -23.09
C ASN A 275 36.82 -29.75 -23.07
N SER A 276 37.47 -29.06 -24.02
CA SER A 276 37.35 -27.61 -24.13
C SER A 276 35.90 -27.16 -24.30
N SER A 277 35.58 -26.02 -23.70
CA SER A 277 34.25 -25.43 -23.73
C SER A 277 34.10 -24.41 -24.85
N TRP A 278 35.04 -24.37 -25.78
CA TRP A 278 34.98 -23.50 -26.95
C TRP A 278 35.00 -24.38 -28.20
N HIS A 279 34.07 -24.11 -29.12
CA HIS A 279 33.97 -24.90 -30.34
C HIS A 279 33.96 -23.97 -31.54
N PHE A 280 34.74 -24.33 -32.56
CA PHE A 280 34.91 -23.49 -33.74
C PHE A 280 33.76 -23.68 -34.72
N ASP A 281 33.18 -22.57 -35.17
CA ASP A 281 32.13 -22.58 -36.18
C ASP A 281 32.71 -22.10 -37.50
N GLU A 282 32.42 -22.84 -38.57
CA GLU A 282 33.04 -22.56 -39.86
C GLU A 282 32.32 -21.48 -40.64
N VAL A 283 31.05 -21.23 -40.37
CA VAL A 283 30.32 -20.17 -41.05
C VAL A 283 30.69 -18.81 -40.47
N ARG A 284 30.77 -18.72 -39.14
CA ARG A 284 31.09 -17.47 -38.47
C ARG A 284 32.58 -17.18 -38.48
N ASN A 285 33.40 -18.24 -38.60
CA ASN A 285 34.87 -18.21 -38.47
C ASN A 285 35.28 -17.65 -37.10
N GLN A 286 34.55 -18.08 -36.07
CA GLN A 286 34.85 -17.75 -34.69
C GLN A 286 34.54 -18.97 -33.83
N CYS A 287 34.83 -18.85 -32.54
CA CYS A 287 34.54 -19.90 -31.57
C CYS A 287 33.40 -19.45 -30.66
N TYR A 288 32.51 -20.37 -30.32
CA TYR A 288 31.44 -20.10 -29.37
C TYR A 288 31.61 -20.92 -28.11
N PHE A 289 31.00 -20.44 -27.03
CA PHE A 289 31.12 -21.02 -25.71
C PHE A 289 29.94 -21.94 -25.43
N HIS A 290 30.21 -23.04 -24.71
CA HIS A 290 29.16 -23.94 -24.27
C HIS A 290 29.57 -24.56 -22.95
N GLN A 291 28.65 -24.60 -21.99
CA GLN A 291 28.97 -25.21 -20.70
C GLN A 291 28.87 -26.73 -20.73
N PHE A 292 28.01 -27.30 -21.58
CA PHE A 292 27.75 -28.73 -21.51
C PHE A 292 28.21 -29.50 -22.73
N MET A 293 27.67 -29.23 -23.91
CA MET A 293 28.01 -29.98 -25.11
C MET A 293 28.12 -29.00 -26.26
N LYS A 294 28.81 -29.42 -27.33
CA LYS A 294 28.99 -28.53 -28.46
C LYS A 294 27.70 -28.29 -29.24
N GLU A 295 26.69 -29.13 -29.03
CA GLU A 295 25.36 -28.92 -29.58
C GLU A 295 24.48 -28.06 -28.71
N GLN A 296 25.01 -27.50 -27.62
CA GLN A 296 24.26 -26.64 -26.71
C GLN A 296 25.00 -25.33 -26.48
N PRO A 297 24.95 -24.38 -27.42
CA PRO A 297 25.63 -23.10 -27.21
C PRO A 297 24.93 -22.24 -26.16
N ASP A 298 25.74 -21.56 -25.35
CA ASP A 298 25.24 -20.76 -24.25
C ASP A 298 24.74 -19.39 -24.71
N LEU A 299 23.64 -18.95 -24.12
CA LEU A 299 23.11 -17.63 -24.39
C LEU A 299 23.92 -16.57 -23.66
N ASN A 300 23.96 -15.37 -24.25
CA ASN A 300 24.72 -14.25 -23.70
C ASN A 300 23.77 -13.43 -22.84
N PHE A 301 23.82 -13.66 -21.53
CA PHE A 301 22.92 -12.98 -20.61
C PHE A 301 23.43 -11.61 -20.16
N ARG A 302 24.56 -11.16 -20.70
CA ARG A 302 24.94 -9.76 -20.58
C ARG A 302 24.31 -8.91 -21.66
N ASN A 303 23.58 -9.52 -22.59
CA ASN A 303 22.86 -8.80 -23.63
C ASN A 303 21.42 -8.60 -23.18
N PRO A 304 20.92 -7.36 -23.08
CA PRO A 304 19.53 -7.16 -22.62
C PRO A 304 18.47 -7.55 -23.64
N ASP A 305 18.84 -7.85 -24.88
CA ASP A 305 17.87 -8.42 -25.81
C ASP A 305 17.63 -9.90 -25.53
N VAL A 306 18.62 -10.58 -24.94
CA VAL A 306 18.45 -11.98 -24.60
C VAL A 306 17.54 -12.14 -23.39
N GLN A 307 17.68 -11.25 -22.41
CA GLN A 307 16.86 -11.32 -21.20
C GLN A 307 15.40 -10.98 -21.47
N GLU A 308 15.13 -10.17 -22.49
CA GLU A 308 13.75 -9.87 -22.85
C GLU A 308 13.11 -11.03 -23.60
N GLU A 309 13.90 -11.77 -24.39
CA GLU A 309 13.39 -12.95 -25.08
C GLU A 309 13.09 -14.08 -24.10
N ILE A 310 13.80 -14.16 -22.99
CA ILE A 310 13.55 -15.19 -21.99
C ILE A 310 12.29 -14.85 -21.20
N LYS A 311 12.06 -13.56 -20.95
CA LYS A 311 10.85 -13.14 -20.23
C LYS A 311 9.60 -13.33 -21.06
N GLU A 312 9.71 -13.30 -22.39
CA GLU A 312 8.56 -13.60 -23.22
C GLU A 312 8.20 -15.07 -23.20
N ILE A 313 9.19 -15.95 -22.99
CA ILE A 313 8.93 -17.37 -22.89
C ILE A 313 8.26 -17.69 -21.56
N LEU A 314 8.63 -16.97 -20.50
CA LEU A 314 7.97 -17.15 -19.21
C LEU A 314 6.52 -16.69 -19.26
N ARG A 315 6.27 -15.56 -19.93
CA ARG A 315 4.90 -15.06 -20.04
C ARG A 315 4.05 -15.91 -20.96
N PHE A 316 4.67 -16.66 -21.87
CA PHE A 316 3.94 -17.53 -22.76
C PHE A 316 3.31 -18.71 -22.01
N TRP A 317 4.08 -19.34 -21.13
CA TRP A 317 3.60 -20.51 -20.44
C TRP A 317 2.73 -20.17 -19.24
N LEU A 318 2.92 -18.99 -18.63
CA LEU A 318 2.04 -18.56 -17.56
C LEU A 318 0.66 -18.17 -18.10
N THR A 319 0.60 -17.74 -19.36
CA THR A 319 -0.69 -17.46 -20.00
C THR A 319 -1.44 -18.75 -20.28
N LYS A 320 -0.74 -19.82 -20.61
CA LYS A 320 -1.38 -21.12 -20.85
C LYS A 320 -1.93 -21.74 -19.57
N GLY A 321 -1.53 -21.25 -18.40
CA GLY A 321 -2.06 -21.74 -17.15
C GLY A 321 -1.12 -22.56 -16.31
N VAL A 322 0.17 -22.54 -16.60
CA VAL A 322 1.15 -23.28 -15.80
C VAL A 322 1.33 -22.56 -14.47
N ASP A 323 1.34 -23.33 -13.38
CA ASP A 323 1.37 -22.77 -12.04
C ASP A 323 2.76 -22.49 -11.51
N GLY A 324 3.80 -22.85 -12.24
CA GLY A 324 5.14 -22.58 -11.74
C GLY A 324 6.21 -23.21 -12.60
N PHE A 325 7.45 -22.91 -12.22
CA PHE A 325 8.61 -23.33 -12.97
C PHE A 325 9.68 -23.86 -12.03
N SER A 326 10.46 -24.82 -12.50
CA SER A 326 11.70 -25.22 -11.86
C SER A 326 12.83 -24.80 -12.80
N LEU A 327 13.71 -23.93 -12.31
CA LEU A 327 14.78 -23.38 -13.11
C LEU A 327 16.00 -24.29 -13.03
N ASP A 328 16.55 -24.63 -14.19
CA ASP A 328 17.67 -25.56 -14.27
C ASP A 328 18.94 -24.82 -14.67
N ALA A 329 20.06 -25.22 -14.04
CA ALA A 329 21.42 -24.75 -14.34
C ALA A 329 21.56 -23.22 -14.20
N VAL A 330 21.07 -22.68 -13.09
CA VAL A 330 21.12 -21.23 -12.92
C VAL A 330 22.51 -20.77 -12.53
N LYS A 331 23.32 -21.63 -11.92
CA LYS A 331 24.67 -21.23 -11.57
C LYS A 331 25.61 -21.17 -12.77
N PHE A 332 25.19 -21.67 -13.92
CA PHE A 332 25.98 -21.59 -15.14
C PHE A 332 25.60 -20.41 -16.02
N LEU A 333 24.82 -19.46 -15.49
CA LEU A 333 24.24 -18.41 -16.32
C LEU A 333 25.30 -17.41 -16.80
N LEU A 334 26.12 -16.91 -15.88
CA LEU A 334 27.10 -15.89 -16.22
C LEU A 334 28.51 -16.46 -16.12
N GLU A 335 29.41 -15.90 -16.92
CA GLU A 335 30.83 -16.21 -16.87
C GLU A 335 31.59 -14.91 -16.79
N ALA A 336 32.85 -15.00 -16.38
CA ALA A 336 33.70 -13.82 -16.29
C ALA A 336 34.05 -13.32 -17.69
N LYS A 337 33.95 -12.01 -17.90
CA LYS A 337 34.26 -11.47 -19.21
C LYS A 337 35.73 -11.10 -19.36
N HIS A 338 36.54 -11.22 -18.32
CA HIS A 338 37.97 -11.03 -18.50
C HIS A 338 38.64 -12.23 -19.16
N LEU A 339 37.96 -13.39 -19.16
CA LEU A 339 38.36 -14.60 -19.90
C LEU A 339 39.70 -15.15 -19.46
N ARG A 340 40.01 -15.08 -18.16
CA ARG A 340 41.28 -15.58 -17.67
C ARG A 340 41.19 -17.07 -17.37
N ASP A 341 42.36 -17.70 -17.28
CA ASP A 341 42.42 -19.13 -17.06
C ASP A 341 42.01 -19.50 -15.63
N GLU A 342 41.38 -20.65 -15.49
CA GLU A 342 41.07 -21.17 -14.17
C GLU A 342 42.34 -21.67 -13.49
N ILE A 343 42.23 -21.94 -12.20
CA ILE A 343 43.32 -22.50 -11.43
C ILE A 343 43.19 -24.02 -11.44
N GLN A 344 44.28 -24.70 -11.75
CA GLN A 344 44.29 -26.15 -11.70
C GLN A 344 44.34 -26.64 -10.26
N VAL A 345 43.67 -27.77 -10.02
CA VAL A 345 43.76 -28.43 -8.72
C VAL A 345 45.16 -28.97 -8.50
N ASN A 346 45.75 -29.53 -9.53
CA ASN A 346 47.14 -29.99 -9.54
C ASN A 346 47.94 -28.98 -10.35
N LYS A 347 48.75 -28.18 -9.67
CA LYS A 347 49.42 -27.07 -10.33
C LYS A 347 50.68 -27.49 -11.08
N THR A 348 51.23 -28.66 -10.79
CA THR A 348 52.37 -29.16 -11.55
C THR A 348 51.95 -29.98 -12.77
N GLN A 349 50.65 -30.15 -12.99
CA GLN A 349 50.16 -30.87 -14.15
C GLN A 349 50.36 -30.04 -15.42
N ILE A 350 50.78 -30.70 -16.48
CA ILE A 350 51.01 -30.04 -17.77
C ILE A 350 49.64 -29.65 -18.36
N PRO A 351 49.48 -28.42 -18.86
CA PRO A 351 48.14 -27.97 -19.28
C PRO A 351 47.57 -28.65 -20.52
N ASP A 352 48.36 -29.42 -21.26
CA ASP A 352 47.82 -30.14 -22.39
C ASP A 352 47.10 -31.42 -21.99
N THR A 353 47.25 -31.85 -20.74
CA THR A 353 46.58 -33.04 -20.23
C THR A 353 45.37 -32.70 -19.37
N VAL A 354 45.11 -31.43 -19.11
CA VAL A 354 43.98 -31.03 -18.28
C VAL A 354 42.73 -31.01 -19.15
N THR A 355 41.97 -32.10 -19.12
CA THR A 355 40.77 -32.24 -19.93
C THR A 355 39.52 -32.63 -19.15
N GLN A 356 39.67 -33.17 -17.94
CA GLN A 356 38.53 -33.52 -17.11
C GLN A 356 38.05 -32.30 -16.35
N TYR A 357 36.73 -32.22 -16.15
CA TYR A 357 36.11 -31.05 -15.52
C TYR A 357 36.50 -30.92 -14.05
N SER A 358 36.83 -32.04 -13.40
CA SER A 358 37.20 -32.05 -12.00
C SER A 358 38.65 -31.64 -11.75
N GLU A 359 39.39 -31.27 -12.78
CA GLU A 359 40.78 -30.89 -12.64
C GLU A 359 40.98 -29.38 -12.51
N LEU A 360 39.91 -28.59 -12.62
CA LEU A 360 40.00 -27.15 -12.47
C LEU A 360 39.09 -26.69 -11.34
N TYR A 361 39.45 -25.56 -10.75
CA TYR A 361 38.56 -24.83 -9.85
C TYR A 361 37.77 -23.84 -10.68
N HIS A 362 36.44 -23.92 -10.59
CA HIS A 362 35.57 -23.16 -11.49
C HIS A 362 35.10 -21.87 -10.84
N ASP A 363 36.06 -20.96 -10.67
CA ASP A 363 35.81 -19.68 -10.05
C ASP A 363 35.30 -18.64 -11.03
N PHE A 364 35.53 -18.83 -12.33
CA PHE A 364 35.14 -17.85 -13.33
C PHE A 364 33.99 -18.29 -14.22
N THR A 365 33.46 -19.50 -14.02
CA THR A 365 32.39 -20.00 -14.87
C THR A 365 31.12 -20.36 -14.11
N THR A 366 31.13 -20.34 -12.78
CA THR A 366 29.95 -20.59 -11.98
C THR A 366 29.83 -19.53 -10.91
N THR A 367 28.58 -19.09 -10.66
CA THR A 367 28.19 -18.20 -9.57
C THR A 367 28.95 -16.87 -9.63
N GLN A 368 28.74 -16.14 -10.72
CA GLN A 368 29.39 -14.87 -10.93
C GLN A 368 28.53 -13.75 -10.35
N VAL A 369 29.12 -12.54 -10.30
CA VAL A 369 28.42 -11.38 -9.77
C VAL A 369 27.37 -10.94 -10.80
N GLY A 370 26.12 -10.87 -10.37
CA GLY A 370 25.01 -10.53 -11.22
C GLY A 370 24.12 -11.70 -11.57
N MET A 371 24.50 -12.92 -11.20
CA MET A 371 23.68 -14.08 -11.51
C MET A 371 22.42 -14.13 -10.66
N HIS A 372 22.53 -13.76 -9.39
CA HIS A 372 21.36 -13.78 -8.51
C HIS A 372 20.35 -12.69 -8.89
N ASP A 373 20.81 -11.62 -9.53
CA ASP A 373 19.91 -10.57 -9.99
C ASP A 373 19.10 -11.01 -11.20
N ILE A 374 19.63 -11.93 -12.01
CA ILE A 374 18.87 -12.46 -13.14
C ILE A 374 17.74 -13.36 -12.65
N VAL A 375 18.02 -14.15 -11.61
CA VAL A 375 17.00 -14.99 -11.00
C VAL A 375 15.95 -14.14 -10.29
N ARG A 376 16.36 -13.00 -9.71
CA ARG A 376 15.41 -12.10 -9.07
C ARG A 376 14.53 -11.38 -10.08
N SER A 377 15.03 -11.16 -11.30
CA SER A 377 14.20 -10.54 -12.33
C SER A 377 13.21 -11.53 -12.91
N PHE A 378 13.52 -12.82 -12.88
CA PHE A 378 12.54 -13.84 -13.25
C PHE A 378 11.39 -13.87 -12.25
N ARG A 379 11.71 -13.69 -10.97
CA ARG A 379 10.69 -13.67 -9.92
C ARG A 379 9.78 -12.45 -10.07
N GLN A 380 10.31 -11.34 -10.58
CA GLN A 380 9.49 -10.16 -10.80
C GLN A 380 8.63 -10.30 -12.04
N THR A 381 9.06 -11.09 -13.02
CA THR A 381 8.24 -11.35 -14.20
C THR A 381 7.03 -12.21 -13.83
N MET A 382 7.21 -13.17 -12.95
CA MET A 382 6.12 -14.03 -12.51
C MET A 382 5.26 -13.40 -11.44
N ASP A 383 5.68 -12.27 -10.86
CA ASP A 383 4.86 -11.58 -9.87
C ASP A 383 3.68 -10.86 -10.51
N GLN A 384 3.74 -10.55 -11.80
CA GLN A 384 2.61 -9.97 -12.50
C GLN A 384 1.50 -10.97 -12.75
N TYR A 385 1.77 -12.26 -12.64
CA TYR A 385 0.76 -13.30 -12.80
C TYR A 385 0.37 -13.91 -11.46
N SER A 386 0.83 -13.33 -10.36
CA SER A 386 0.59 -13.86 -9.01
C SER A 386 -0.30 -12.97 -8.17
N THR A 387 -0.80 -11.86 -8.71
CA THR A 387 -1.59 -10.93 -7.93
C THR A 387 -2.99 -11.42 -7.66
N GLU A 388 -3.42 -12.44 -8.32
CA GLU A 388 -4.71 -13.06 -8.08
C GLU A 388 -4.60 -14.05 -6.92
N PRO A 389 -5.52 -14.01 -5.96
CA PRO A 389 -5.40 -14.91 -4.80
C PRO A 389 -5.72 -16.35 -5.16
N GLY A 390 -4.91 -17.27 -4.64
CA GLY A 390 -5.02 -18.67 -4.98
C GLY A 390 -4.30 -19.07 -6.25
N ARG A 391 -3.78 -18.11 -7.01
CA ARG A 391 -3.06 -18.36 -8.25
C ARG A 391 -1.66 -17.79 -8.16
N TYR A 392 -1.01 -18.05 -7.03
CA TYR A 392 0.40 -17.72 -6.88
C TYR A 392 1.24 -18.64 -7.76
N ARG A 393 2.29 -18.09 -8.36
CA ARG A 393 3.16 -18.84 -9.24
C ARG A 393 4.46 -19.20 -8.52
N PHE A 394 4.79 -20.49 -8.52
CA PHE A 394 5.93 -21.04 -7.80
C PHE A 394 7.21 -20.91 -8.61
N MET A 395 8.32 -20.64 -7.94
CA MET A 395 9.62 -20.67 -8.60
C MET A 395 10.60 -21.45 -7.73
N GLY A 396 11.17 -22.50 -8.30
CA GLY A 396 12.22 -23.25 -7.64
C GLY A 396 13.45 -23.31 -8.53
N THR A 397 14.62 -23.36 -7.90
CA THR A 397 15.88 -23.43 -8.62
C THR A 397 16.58 -24.74 -8.30
N GLU A 398 17.25 -25.29 -9.29
CA GLU A 398 18.03 -26.52 -9.15
C GLU A 398 19.51 -26.18 -9.28
N ALA A 399 20.22 -26.26 -8.16
CA ALA A 399 21.67 -26.06 -8.16
C ALA A 399 22.28 -27.20 -7.36
N TYR A 400 22.90 -28.13 -8.05
CA TYR A 400 23.44 -29.35 -7.46
C TYR A 400 24.97 -29.31 -7.50
N ALA A 401 25.57 -30.30 -6.84
CA ALA A 401 27.02 -30.43 -6.64
C ALA A 401 27.59 -29.15 -6.03
N GLU A 402 26.93 -28.68 -4.98
CA GLU A 402 27.17 -27.36 -4.43
C GLU A 402 27.28 -27.44 -2.92
N SER A 403 27.99 -26.49 -2.33
CA SER A 403 28.06 -26.39 -0.89
C SER A 403 26.73 -25.86 -0.33
N ILE A 404 26.50 -26.14 0.95
CA ILE A 404 25.20 -25.81 1.55
C ILE A 404 25.04 -24.30 1.73
N ASP A 405 26.13 -23.56 1.92
CA ASP A 405 26.03 -22.12 2.12
C ASP A 405 25.78 -21.38 0.81
N ARG A 406 26.05 -21.99 -0.33
CA ARG A 406 25.72 -21.38 -1.61
C ARG A 406 24.33 -21.73 -2.08
N THR A 407 23.80 -22.88 -1.64
CA THR A 407 22.44 -23.27 -2.00
C THR A 407 21.40 -22.41 -1.29
N VAL A 408 21.67 -22.01 -0.04
CA VAL A 408 20.68 -21.26 0.72
C VAL A 408 20.63 -19.80 0.31
N MET A 409 21.52 -19.35 -0.58
CA MET A 409 21.43 -18.01 -1.12
C MET A 409 20.27 -17.85 -2.09
N TYR A 410 19.76 -18.95 -2.64
CA TYR A 410 18.60 -18.89 -3.52
C TYR A 410 17.29 -18.67 -2.77
N TYR A 411 17.30 -18.81 -1.44
CA TYR A 411 16.14 -18.41 -0.64
C TYR A 411 15.93 -16.92 -0.67
N GLY A 412 16.99 -16.15 -0.84
CA GLY A 412 16.88 -14.71 -0.92
C GLY A 412 17.19 -14.05 0.40
N LEU A 413 16.81 -12.78 0.48
CA LEU A 413 16.99 -11.94 1.65
C LEU A 413 15.62 -11.67 2.27
N PRO A 414 15.57 -11.17 3.51
CA PRO A 414 14.26 -10.81 4.09
C PRO A 414 13.55 -9.66 3.40
N PHE A 415 14.22 -8.91 2.53
CA PHE A 415 13.60 -7.80 1.81
C PHE A 415 13.70 -7.92 0.30
N ILE A 416 14.38 -8.94 -0.22
CA ILE A 416 14.42 -9.23 -1.65
C ILE A 416 13.85 -10.62 -1.88
N GLN A 417 12.95 -10.74 -2.84
CA GLN A 417 12.32 -12.01 -3.15
C GLN A 417 13.11 -12.77 -4.20
N GLU A 418 13.12 -14.10 -4.05
CA GLU A 418 13.82 -15.01 -4.94
C GLU A 418 13.00 -16.30 -4.99
N ALA A 419 13.65 -17.43 -5.30
CA ALA A 419 12.97 -18.73 -5.36
C ALA A 419 12.28 -19.08 -4.04
N ASP A 420 11.17 -19.81 -4.15
CA ASP A 420 10.39 -20.20 -2.98
C ASP A 420 11.15 -21.21 -2.14
N PHE A 421 11.75 -22.21 -2.76
CA PHE A 421 12.86 -22.92 -2.15
C PHE A 421 13.80 -23.36 -3.26
N PRO A 422 15.09 -23.47 -2.98
CA PRO A 422 15.95 -24.27 -3.84
C PRO A 422 15.72 -25.75 -3.58
N PHE A 423 15.82 -26.55 -4.63
CA PHE A 423 15.53 -27.97 -4.50
C PHE A 423 16.66 -28.68 -3.75
N ASN A 424 16.27 -29.54 -2.82
CA ASN A 424 17.19 -30.18 -1.88
C ASN A 424 17.37 -31.64 -2.31
N ASN A 425 18.58 -31.98 -2.75
CA ASN A 425 18.88 -33.33 -3.20
C ASN A 425 19.93 -34.01 -2.33
N TYR A 426 20.16 -33.53 -1.11
CA TYR A 426 21.24 -34.06 -0.28
C TYR A 426 20.92 -35.44 0.29
N LEU A 427 19.66 -35.84 0.33
CA LEU A 427 19.33 -37.21 0.67
C LEU A 427 19.41 -38.14 -0.53
N SER A 428 19.39 -37.60 -1.75
CA SER A 428 19.59 -38.41 -2.94
C SER A 428 21.04 -38.77 -3.16
N MET A 429 21.96 -38.03 -2.53
CA MET A 429 23.39 -38.23 -2.71
C MET A 429 23.96 -39.24 -1.72
N LEU A 430 23.14 -39.80 -0.83
CA LEU A 430 23.58 -40.81 0.12
C LEU A 430 23.56 -42.16 -0.59
N ASP A 431 24.73 -42.76 -0.76
CA ASP A 431 24.79 -44.10 -1.34
C ASP A 431 24.79 -45.18 -0.27
N THR A 432 25.24 -44.88 0.93
CA THR A 432 25.03 -45.71 2.09
C THR A 432 24.36 -44.88 3.17
N VAL A 433 23.51 -45.51 3.96
CA VAL A 433 22.67 -44.80 4.91
C VAL A 433 23.05 -45.22 6.32
N SER A 434 22.94 -44.28 7.25
CA SER A 434 23.34 -44.51 8.64
C SER A 434 22.63 -43.49 9.51
N GLY A 435 22.74 -43.69 10.83
CA GLY A 435 22.10 -42.78 11.76
C GLY A 435 22.83 -41.45 11.85
N ASN A 436 24.16 -41.46 11.72
CA ASN A 436 24.92 -40.22 11.74
C ASN A 436 24.80 -39.45 10.43
N SER A 437 24.73 -40.16 9.30
CA SER A 437 24.72 -39.50 8.01
C SER A 437 23.35 -38.90 7.68
N VAL A 438 22.28 -39.48 8.21
CA VAL A 438 20.96 -38.89 8.03
C VAL A 438 20.80 -37.68 8.94
N TYR A 439 21.34 -37.74 10.15
CA TYR A 439 21.34 -36.60 11.07
C TYR A 439 22.14 -35.43 10.50
N GLU A 440 23.19 -35.73 9.74
CA GLU A 440 24.04 -34.67 9.20
C GLU A 440 23.36 -33.96 8.04
N VAL A 441 22.55 -34.67 7.26
CA VAL A 441 21.85 -34.05 6.14
C VAL A 441 20.70 -33.17 6.65
N ILE A 442 19.95 -33.67 7.64
CA ILE A 442 18.78 -32.97 8.13
C ILE A 442 19.17 -31.71 8.88
N THR A 443 20.16 -31.81 9.77
CA THR A 443 20.53 -30.66 10.60
C THR A 443 21.29 -29.60 9.82
N SER A 444 21.98 -29.95 8.74
CA SER A 444 22.70 -28.94 7.99
C SER A 444 21.75 -28.08 7.16
N TRP A 445 20.64 -28.64 6.72
CA TRP A 445 19.65 -27.84 6.00
C TRP A 445 18.88 -26.93 6.97
N MET A 446 18.53 -27.43 8.14
CA MET A 446 17.72 -26.66 9.06
C MET A 446 18.54 -25.56 9.75
N GLU A 447 19.84 -25.77 9.90
CA GLU A 447 20.67 -24.74 10.54
C GLU A 447 21.13 -23.67 9.57
N ASN A 448 21.24 -23.98 8.28
CA ASN A 448 21.82 -23.04 7.34
C ASN A 448 20.78 -22.23 6.60
N MET A 449 19.56 -22.74 6.43
CA MET A 449 18.54 -21.97 5.76
C MET A 449 18.05 -20.85 6.68
N PRO A 450 17.62 -19.71 6.11
CA PRO A 450 17.16 -18.60 6.94
C PRO A 450 15.89 -18.93 7.69
N GLU A 451 15.72 -18.26 8.83
CA GLU A 451 14.62 -18.56 9.73
C GLU A 451 13.30 -18.11 9.14
N GLY A 452 12.29 -18.98 9.23
CA GLY A 452 10.99 -18.70 8.67
C GLY A 452 10.84 -19.07 7.22
N LYS A 453 11.86 -19.64 6.60
CA LYS A 453 11.77 -20.11 5.23
C LYS A 453 11.23 -21.54 5.21
N TRP A 454 10.81 -21.99 4.04
CA TRP A 454 10.17 -23.28 3.90
C TRP A 454 11.16 -24.30 3.37
N PRO A 455 11.36 -25.43 4.03
CA PRO A 455 12.26 -26.46 3.51
C PRO A 455 11.55 -27.43 2.57
N ASN A 456 12.35 -28.32 1.98
CA ASN A 456 11.84 -29.34 1.07
C ASN A 456 12.85 -30.48 1.07
N TRP A 457 12.37 -31.67 0.68
CA TRP A 457 13.16 -32.89 0.77
C TRP A 457 12.88 -33.80 -0.42
N MET A 458 13.95 -34.29 -1.04
CA MET A 458 13.87 -35.30 -2.10
C MET A 458 14.77 -36.48 -1.74
N ILE A 459 14.35 -37.67 -2.16
CA ILE A 459 15.16 -38.87 -1.96
C ILE A 459 15.51 -39.53 -3.28
N GLY A 460 15.16 -38.93 -4.40
CA GLY A 460 15.46 -39.51 -5.69
C GLY A 460 15.23 -38.49 -6.78
N GLY A 461 15.37 -38.97 -8.01
CA GLY A 461 15.18 -38.13 -9.17
C GLY A 461 15.66 -38.81 -10.43
N PRO A 462 15.50 -38.16 -11.58
CA PRO A 462 15.91 -38.77 -12.84
C PRO A 462 17.41 -38.88 -13.02
N ASP A 463 18.20 -38.15 -12.24
CA ASP A 463 19.66 -38.23 -12.31
C ASP A 463 20.26 -39.00 -11.14
N SER A 464 19.44 -39.58 -10.28
CA SER A 464 19.90 -40.36 -9.15
C SER A 464 19.64 -41.84 -9.40
N SER A 465 20.37 -42.68 -8.68
CA SER A 465 20.02 -44.09 -8.64
C SER A 465 18.74 -44.27 -7.82
N ARG A 466 17.91 -45.23 -8.23
CA ARG A 466 16.67 -45.48 -7.53
C ARG A 466 16.94 -46.08 -6.15
N LEU A 467 16.01 -45.85 -5.23
CA LEU A 467 16.29 -46.01 -3.80
C LEU A 467 16.50 -47.47 -3.41
N THR A 468 15.69 -48.39 -3.93
CA THR A 468 15.85 -49.79 -3.57
C THR A 468 17.07 -50.43 -4.20
N SER A 469 17.66 -49.80 -5.21
CA SER A 469 18.93 -50.23 -5.76
C SER A 469 20.11 -49.45 -5.18
N ARG A 470 19.85 -48.30 -4.58
CA ARG A 470 20.91 -47.51 -3.96
C ARG A 470 21.17 -47.98 -2.54
N LEU A 471 20.13 -48.24 -1.77
CA LEU A 471 20.23 -48.60 -0.37
C LEU A 471 19.78 -50.00 -0.06
N GLY A 472 18.88 -50.56 -0.85
CA GLY A 472 18.35 -51.87 -0.53
C GLY A 472 16.84 -51.87 -0.43
N ASN A 473 16.25 -53.06 -0.43
CA ASN A 473 14.81 -53.19 -0.38
C ASN A 473 14.25 -52.84 1.00
N GLN A 474 15.05 -53.01 2.05
CA GLN A 474 14.62 -52.78 3.42
C GLN A 474 14.49 -51.31 3.79
N TYR A 475 14.95 -50.39 2.95
CA TYR A 475 14.94 -48.97 3.26
C TYR A 475 13.90 -48.20 2.48
N VAL A 476 13.03 -48.89 1.72
CA VAL A 476 12.01 -48.20 0.94
C VAL A 476 10.96 -47.58 1.86
N ASN A 477 10.50 -48.36 2.85
CA ASN A 477 9.44 -47.89 3.73
C ASN A 477 9.92 -46.83 4.71
N VAL A 478 11.15 -46.96 5.22
CA VAL A 478 11.62 -46.04 6.23
C VAL A 478 12.04 -44.69 5.62
N MET A 479 12.37 -44.66 4.33
CA MET A 479 12.70 -43.39 3.71
C MET A 479 11.46 -42.64 3.26
N ASN A 480 10.37 -43.36 2.97
CA ASN A 480 9.10 -42.70 2.74
C ASN A 480 8.50 -42.16 4.03
N MET A 481 8.76 -42.82 5.16
CA MET A 481 8.32 -42.31 6.46
C MET A 481 9.14 -41.09 6.85
N LEU A 482 10.42 -41.06 6.49
CA LEU A 482 11.26 -39.90 6.75
C LEU A 482 10.81 -38.71 5.90
N LEU A 483 10.34 -38.96 4.68
CA LEU A 483 9.96 -37.89 3.78
C LEU A 483 8.70 -37.18 4.22
N PHE A 484 7.77 -37.89 4.85
CA PHE A 484 6.48 -37.34 5.21
C PHE A 484 6.40 -36.87 6.65
N THR A 485 7.43 -37.08 7.45
CA THR A 485 7.43 -36.60 8.82
C THR A 485 8.40 -35.45 9.05
N LEU A 486 9.24 -35.13 8.07
CA LEU A 486 10.11 -33.97 8.12
C LEU A 486 9.31 -32.70 7.81
N PRO A 487 9.73 -31.55 8.31
CA PRO A 487 9.02 -30.32 7.99
C PRO A 487 9.29 -29.87 6.56
N GLY A 488 8.27 -29.26 5.96
CA GLY A 488 8.42 -28.74 4.62
C GLY A 488 7.62 -29.49 3.57
N THR A 489 8.15 -29.53 2.35
CA THR A 489 7.46 -30.12 1.22
C THR A 489 8.15 -31.40 0.79
N PRO A 490 7.49 -32.55 0.83
CA PRO A 490 8.10 -33.77 0.29
C PRO A 490 7.92 -33.83 -1.22
N ILE A 491 8.97 -34.27 -1.91
CA ILE A 491 8.95 -34.40 -3.36
C ILE A 491 9.23 -35.85 -3.70
N THR A 492 8.35 -36.46 -4.49
CA THR A 492 8.40 -37.87 -4.82
C THR A 492 8.66 -38.05 -6.30
N TYR A 493 9.74 -38.76 -6.63
CA TYR A 493 9.97 -39.23 -7.97
C TYR A 493 9.00 -40.37 -8.28
N TYR A 494 8.64 -40.51 -9.56
CA TYR A 494 7.64 -41.52 -9.92
C TYR A 494 8.20 -42.92 -9.76
N GLY A 495 7.37 -43.82 -9.23
CA GLY A 495 7.78 -45.16 -8.93
C GLY A 495 8.39 -45.37 -7.56
N GLU A 496 8.61 -44.31 -6.80
CA GLU A 496 9.16 -44.48 -5.46
C GLU A 496 8.09 -44.96 -4.47
N GLU A 497 6.83 -44.63 -4.75
CA GLU A 497 5.72 -45.11 -3.92
C GLU A 497 5.47 -46.60 -4.10
N ILE A 498 5.96 -47.18 -5.18
CA ILE A 498 5.83 -48.61 -5.44
C ILE A 498 7.09 -49.35 -5.01
N GLY A 499 8.26 -48.78 -5.27
CA GLY A 499 9.51 -49.42 -4.97
C GLY A 499 10.19 -49.97 -6.19
N MET A 500 10.14 -49.22 -7.29
CA MET A 500 10.77 -49.63 -8.54
C MET A 500 12.30 -49.57 -8.41
N GLY A 501 12.97 -50.48 -9.11
CA GLY A 501 14.42 -50.53 -9.14
C GLY A 501 14.99 -50.08 -10.47
N ASN A 502 16.31 -49.97 -10.49
CA ASN A 502 17.04 -49.63 -11.69
C ASN A 502 16.97 -50.76 -12.71
N ILE A 503 17.26 -50.42 -13.96
CA ILE A 503 17.45 -51.41 -15.01
C ILE A 503 18.90 -51.36 -15.45
N VAL A 504 19.35 -52.45 -16.07
CA VAL A 504 20.68 -52.47 -16.68
C VAL A 504 20.59 -51.78 -18.03
N ALA A 505 21.43 -50.77 -18.23
CA ALA A 505 21.26 -49.79 -19.30
C ALA A 505 21.59 -50.42 -20.65
N ALA A 506 20.57 -50.57 -21.49
CA ALA A 506 20.78 -50.98 -22.87
C ALA A 506 21.27 -49.79 -23.67
N ASN A 507 21.83 -50.05 -24.84
CA ASN A 507 22.28 -48.98 -25.71
C ASN A 507 21.12 -48.47 -26.56
N LEU A 508 20.99 -47.15 -26.63
CA LEU A 508 19.98 -46.51 -27.44
C LEU A 508 20.65 -45.90 -28.65
N ASN A 509 19.92 -45.81 -29.76
CA ASN A 509 20.40 -45.10 -30.94
C ASN A 509 19.96 -43.64 -30.93
N GLU A 510 19.55 -43.13 -29.77
CA GLU A 510 19.44 -41.72 -29.48
C GLU A 510 20.48 -41.36 -28.43
N SER A 511 20.91 -40.10 -28.44
CA SER A 511 21.98 -39.64 -27.57
C SER A 511 21.42 -39.46 -26.16
N TYR A 512 21.77 -40.40 -25.28
CA TYR A 512 21.35 -40.37 -23.88
C TYR A 512 22.53 -40.71 -23.00
N ASP A 513 22.57 -40.12 -21.81
CA ASP A 513 23.61 -40.44 -20.84
C ASP A 513 23.28 -41.78 -20.20
N ILE A 514 24.04 -42.82 -20.54
CA ILE A 514 23.73 -44.16 -20.09
C ILE A 514 24.10 -44.41 -18.63
N ASN A 515 24.80 -43.47 -17.99
CA ASN A 515 25.00 -43.56 -16.56
C ASN A 515 23.73 -43.24 -15.79
N THR A 516 22.81 -42.49 -16.39
CA THR A 516 21.58 -42.09 -15.74
C THR A 516 20.33 -42.69 -16.38
N LEU A 517 20.48 -43.56 -17.37
CA LEU A 517 19.32 -44.17 -18.00
C LEU A 517 18.64 -45.21 -17.13
N ARG A 518 19.30 -45.66 -16.06
CA ARG A 518 18.77 -46.70 -15.19
C ARG A 518 17.51 -46.26 -14.44
N SER A 519 17.36 -44.97 -14.17
CA SER A 519 16.25 -44.46 -13.38
C SER A 519 15.06 -44.02 -14.21
N LYS A 520 15.14 -44.10 -15.54
CA LYS A 520 14.08 -43.62 -16.41
C LYS A 520 13.28 -44.74 -17.04
N SER A 521 13.25 -45.90 -16.40
CA SER A 521 12.50 -47.04 -16.92
C SER A 521 11.00 -46.77 -16.80
N PRO A 522 10.18 -47.36 -17.69
CA PRO A 522 8.74 -47.06 -17.69
C PRO A 522 8.02 -47.51 -16.45
N MET A 523 6.94 -46.79 -16.13
CA MET A 523 6.17 -47.02 -14.91
C MET A 523 5.43 -48.35 -14.98
N GLN A 524 5.47 -49.10 -13.87
CA GLN A 524 5.00 -50.47 -13.84
C GLN A 524 3.57 -50.51 -13.29
N TRP A 525 2.60 -50.46 -14.20
CA TRP A 525 1.21 -50.78 -13.93
C TRP A 525 1.02 -52.29 -14.05
N ASP A 526 -0.22 -52.75 -14.23
CA ASP A 526 -0.65 -54.15 -14.27
C ASP A 526 0.21 -55.12 -15.07
N ASN A 527 0.16 -56.41 -14.75
CA ASN A 527 1.13 -57.37 -15.28
C ASN A 527 0.87 -57.80 -16.72
N SER A 528 0.66 -56.84 -17.61
CA SER A 528 0.46 -57.09 -19.02
C SER A 528 1.80 -57.03 -19.74
N SER A 529 1.78 -56.99 -21.06
CA SER A 529 3.01 -56.74 -21.82
C SER A 529 3.46 -55.30 -21.59
N ASN A 530 4.77 -55.13 -21.39
CA ASN A 530 5.42 -53.87 -21.02
C ASN A 530 4.85 -53.28 -19.73
N ALA A 531 4.36 -54.14 -18.83
CA ALA A 531 3.81 -53.80 -17.52
C ALA A 531 2.67 -52.77 -17.61
N GLY A 532 1.87 -52.88 -18.65
CA GLY A 532 0.76 -51.96 -18.82
C GLY A 532 1.14 -50.54 -19.21
N PHE A 533 2.42 -50.28 -19.50
CA PHE A 533 2.84 -48.95 -19.91
C PHE A 533 2.42 -48.66 -21.33
N SER A 534 2.46 -49.66 -22.20
CA SER A 534 2.18 -49.48 -23.61
C SER A 534 1.55 -50.75 -24.15
N GLU A 535 0.86 -50.61 -25.28
CA GLU A 535 0.36 -51.75 -26.02
C GLU A 535 1.14 -51.98 -27.31
N ALA A 536 2.26 -51.28 -27.49
CA ALA A 536 3.11 -51.48 -28.64
C ALA A 536 3.95 -52.75 -28.47
N SER A 537 4.72 -53.06 -29.51
CA SER A 537 5.56 -54.25 -29.48
C SER A 537 6.74 -54.08 -28.54
N ASN A 538 7.52 -53.01 -28.73
CA ASN A 538 8.64 -52.69 -27.87
C ASN A 538 8.59 -51.22 -27.45
N THR A 539 9.05 -50.94 -26.25
CA THR A 539 9.04 -49.58 -25.74
C THR A 539 10.41 -48.94 -25.96
N TRP A 540 10.51 -47.66 -25.59
CA TRP A 540 11.75 -46.93 -25.83
C TRP A 540 12.84 -47.36 -24.86
N LEU A 541 12.48 -47.84 -23.69
CA LEU A 541 13.37 -48.45 -22.73
C LEU A 541 12.77 -49.77 -22.27
N PRO A 542 13.60 -50.74 -21.88
CA PRO A 542 13.05 -51.99 -21.34
C PRO A 542 12.45 -51.80 -19.96
N THR A 543 11.33 -52.48 -19.75
CA THR A 543 10.73 -52.54 -18.42
C THR A 543 11.57 -53.44 -17.53
N ASN A 544 11.64 -53.11 -16.24
CA ASN A 544 12.30 -53.98 -15.27
C ASN A 544 11.57 -55.32 -15.17
N SER A 545 12.34 -56.40 -15.04
CA SER A 545 11.79 -57.73 -15.13
C SER A 545 11.04 -58.18 -13.88
N ASP A 546 11.01 -57.38 -12.81
CA ASP A 546 10.25 -57.72 -11.62
C ASP A 546 8.82 -57.19 -11.65
N TYR A 547 8.30 -56.86 -12.83
CA TYR A 547 7.00 -56.21 -12.91
C TYR A 547 5.84 -57.17 -12.66
N HIS A 548 6.08 -58.47 -12.61
CA HIS A 548 5.02 -59.40 -12.28
C HIS A 548 4.67 -59.33 -10.80
N THR A 549 5.63 -59.00 -9.95
CA THR A 549 5.39 -58.89 -8.51
C THR A 549 5.43 -57.46 -8.01
N VAL A 550 6.09 -56.55 -8.70
CA VAL A 550 6.25 -55.17 -8.27
C VAL A 550 5.50 -54.32 -9.28
N ASN A 551 4.22 -54.03 -8.99
CA ASN A 551 3.43 -53.17 -9.87
C ASN A 551 2.29 -52.57 -9.06
N VAL A 552 1.60 -51.61 -9.68
CA VAL A 552 0.56 -50.85 -8.99
C VAL A 552 -0.67 -51.72 -8.75
N ASP A 553 -1.03 -52.56 -9.73
CA ASP A 553 -2.28 -53.31 -9.67
C ASP A 553 -2.25 -54.38 -8.58
N VAL A 554 -1.11 -55.03 -8.37
CA VAL A 554 -1.05 -56.06 -7.33
C VAL A 554 -0.88 -55.44 -5.95
N GLN A 555 -0.26 -54.27 -5.85
CA GLN A 555 -0.02 -53.65 -4.55
C GLN A 555 -1.25 -52.96 -4.00
N LYS A 556 -2.28 -52.75 -4.81
CA LYS A 556 -3.55 -52.25 -4.29
C LYS A 556 -4.35 -53.32 -3.57
N THR A 557 -4.04 -54.60 -3.82
CA THR A 557 -4.72 -55.71 -3.17
C THR A 557 -3.86 -56.34 -2.07
N GLN A 558 -2.67 -55.81 -1.84
CA GLN A 558 -1.79 -56.28 -0.79
C GLN A 558 -1.85 -55.32 0.38
N PRO A 559 -2.24 -55.77 1.57
CA PRO A 559 -2.32 -54.85 2.72
C PRO A 559 -0.96 -54.52 3.34
N ARG A 560 0.11 -55.20 2.94
CA ARG A 560 1.44 -54.96 3.48
C ARG A 560 2.37 -54.36 2.44
N SER A 561 1.82 -53.74 1.41
CA SER A 561 2.64 -53.28 0.30
C SER A 561 3.22 -51.89 0.58
N ALA A 562 4.15 -51.48 -0.29
CA ALA A 562 4.75 -50.15 -0.16
C ALA A 562 3.78 -49.06 -0.59
N LEU A 563 2.83 -49.38 -1.47
CA LEU A 563 1.85 -48.39 -1.91
C LEU A 563 0.87 -48.04 -0.80
N LYS A 564 0.52 -49.01 0.04
CA LYS A 564 -0.45 -48.77 1.10
C LYS A 564 0.15 -47.97 2.23
N LEU A 565 1.46 -48.10 2.47
CA LEU A 565 2.11 -47.29 3.48
C LEU A 565 2.26 -45.85 3.00
N TYR A 566 2.56 -45.68 1.71
CA TYR A 566 2.63 -44.34 1.13
C TYR A 566 1.29 -43.63 1.19
N GLN A 567 0.21 -44.38 0.97
CA GLN A 567 -1.11 -43.76 0.98
C GLN A 567 -1.57 -43.43 2.39
N ASP A 568 -1.14 -44.20 3.38
CA ASP A 568 -1.40 -43.88 4.77
C ASP A 568 -0.54 -42.74 5.29
N LEU A 569 0.68 -42.60 4.79
CA LEU A 569 1.57 -41.53 5.24
C LEU A 569 1.16 -40.19 4.67
N SER A 570 0.75 -40.16 3.40
CA SER A 570 0.34 -38.91 2.77
C SER A 570 -1.03 -38.45 3.22
N LEU A 571 -1.91 -39.37 3.63
CA LEU A 571 -3.20 -38.97 4.18
C LEU A 571 -3.04 -38.44 5.60
N LEU A 572 -2.14 -39.04 6.37
CA LEU A 572 -1.83 -38.54 7.71
C LEU A 572 -1.17 -37.17 7.64
N HIS A 573 -0.35 -36.94 6.63
CA HIS A 573 0.30 -35.65 6.46
C HIS A 573 -0.69 -34.56 6.09
N ALA A 574 -1.77 -34.93 5.39
CA ALA A 574 -2.74 -33.93 4.95
C ALA A 574 -3.78 -33.60 6.01
N ASN A 575 -4.02 -34.50 6.95
CA ASN A 575 -5.08 -34.33 7.94
C ASN A 575 -4.57 -33.83 9.28
N GLU A 576 -3.26 -33.79 9.51
CA GLU A 576 -2.70 -33.45 10.80
C GLU A 576 -1.99 -32.11 10.73
N LEU A 577 -2.35 -31.19 11.62
CA LEU A 577 -1.68 -29.90 11.70
C LEU A 577 -0.27 -30.02 12.27
N LEU A 578 0.01 -31.08 13.02
CA LEU A 578 1.35 -31.28 13.57
C LEU A 578 2.36 -31.60 12.49
N LEU A 579 1.94 -32.29 11.43
CA LEU A 579 2.88 -32.78 10.43
C LEU A 579 3.10 -31.79 9.29
N ASN A 580 2.09 -31.00 8.93
CA ASN A 580 2.29 -30.05 7.85
C ASN A 580 2.57 -28.62 8.32
N ARG A 581 2.45 -28.35 9.62
CA ARG A 581 2.69 -27.00 10.12
C ARG A 581 3.57 -26.93 11.36
N GLY A 582 3.65 -27.99 12.16
CA GLY A 582 4.18 -27.88 13.51
C GLY A 582 5.69 -27.71 13.61
N TRP A 583 6.14 -27.65 14.85
CA TRP A 583 7.56 -27.51 15.15
C TRP A 583 8.32 -28.79 14.78
N PHE A 584 9.61 -28.64 14.57
CA PHE A 584 10.50 -29.77 14.35
C PHE A 584 11.60 -29.71 15.38
N CYS A 585 11.54 -30.62 16.36
CA CYS A 585 12.50 -30.65 17.46
C CYS A 585 13.24 -31.97 17.42
N HIS A 586 14.53 -31.93 17.10
CA HIS A 586 15.32 -33.14 17.02
C HIS A 586 16.15 -33.34 18.28
N LEU A 587 16.45 -34.60 18.57
CA LEU A 587 17.26 -34.97 19.72
C LEU A 587 18.72 -35.10 19.30
N ARG A 588 19.53 -35.69 20.17
CA ARG A 588 20.95 -35.87 19.89
C ARG A 588 21.17 -36.93 18.83
N ASN A 589 22.37 -36.92 18.24
CA ASN A 589 22.67 -37.87 17.19
C ASN A 589 23.01 -39.25 17.76
N ASP A 590 22.91 -40.26 16.90
CA ASP A 590 23.19 -41.63 17.26
C ASP A 590 23.64 -42.37 16.01
N SER A 591 24.42 -43.43 16.22
CA SER A 591 24.94 -44.20 15.09
C SER A 591 23.87 -45.05 14.43
N HIS A 592 22.81 -45.41 15.15
CA HIS A 592 21.78 -46.30 14.63
C HIS A 592 20.52 -45.55 14.20
N TYR A 593 19.91 -44.80 15.12
CA TYR A 593 18.55 -44.33 14.92
C TYR A 593 18.47 -42.81 14.92
N VAL A 594 17.37 -42.30 14.36
CA VAL A 594 17.05 -40.88 14.32
C VAL A 594 15.71 -40.69 15.01
N VAL A 595 15.69 -39.82 16.02
CA VAL A 595 14.49 -39.54 16.80
C VAL A 595 14.22 -38.04 16.74
N TYR A 596 12.99 -37.67 16.38
CA TYR A 596 12.58 -36.28 16.44
C TYR A 596 11.10 -36.22 16.77
N THR A 597 10.64 -35.02 17.13
CA THR A 597 9.24 -34.80 17.49
C THR A 597 8.64 -33.69 16.64
N ARG A 598 7.33 -33.77 16.45
CA ARG A 598 6.54 -32.74 15.77
C ARG A 598 5.53 -32.19 16.76
N GLU A 599 5.57 -30.88 17.00
CA GLU A 599 4.85 -30.25 18.09
C GLU A 599 4.15 -28.99 17.61
N LEU A 600 3.04 -28.65 18.26
CA LEU A 600 2.37 -27.39 18.01
C LEU A 600 1.71 -26.93 19.29
N ASP A 601 1.94 -25.67 19.66
CA ASP A 601 1.41 -25.15 20.91
C ASP A 601 -0.08 -24.90 20.78
N GLY A 602 -0.85 -25.44 21.72
CA GLY A 602 -2.29 -25.41 21.67
C GLY A 602 -2.91 -26.77 21.46
N ILE A 603 -2.29 -27.61 20.65
CA ILE A 603 -2.68 -29.02 20.52
C ILE A 603 -1.92 -29.80 21.58
N ASP A 604 -2.64 -30.61 22.35
CA ASP A 604 -2.09 -31.28 23.51
C ASP A 604 -1.62 -32.70 23.22
N ARG A 605 -1.11 -32.94 22.02
CA ARG A 605 -0.47 -34.22 21.72
C ARG A 605 0.70 -33.96 20.76
N ILE A 606 1.69 -34.85 20.83
CA ILE A 606 2.88 -34.75 20.00
C ILE A 606 3.01 -36.02 19.18
N PHE A 607 3.79 -35.93 18.11
CA PHE A 607 4.18 -37.09 17.31
C PHE A 607 5.64 -37.37 17.58
N ILE A 608 5.98 -38.63 17.88
CA ILE A 608 7.34 -39.05 18.10
C ILE A 608 7.72 -40.03 17.00
N VAL A 609 8.68 -39.64 16.17
CA VAL A 609 9.11 -40.43 15.03
C VAL A 609 10.45 -41.07 15.38
N VAL A 610 10.52 -42.39 15.27
CA VAL A 610 11.71 -43.16 15.57
C VAL A 610 12.06 -44.00 14.35
N LEU A 611 13.22 -43.73 13.74
CA LEU A 611 13.62 -44.36 12.50
C LEU A 611 14.98 -45.00 12.68
N ASN A 612 15.06 -46.31 12.51
CA ASN A 612 16.32 -47.04 12.65
C ASN A 612 16.98 -47.17 11.28
N PHE A 613 18.20 -46.64 11.14
CA PHE A 613 18.94 -46.72 9.90
C PHE A 613 20.14 -47.65 9.97
N GLY A 614 20.47 -48.19 11.13
CA GLY A 614 21.44 -49.25 11.27
C GLY A 614 20.78 -50.60 11.19
N GLU A 615 21.44 -51.62 11.74
CA GLU A 615 20.81 -52.93 11.85
C GLU A 615 20.06 -53.02 13.17
N SER A 616 19.67 -54.24 13.55
CA SER A 616 18.69 -54.46 14.62
C SER A 616 19.25 -54.04 15.98
N THR A 617 18.47 -53.26 16.73
CA THR A 617 18.93 -52.66 17.97
C THR A 617 17.76 -52.52 18.94
N LEU A 618 18.08 -52.28 20.20
CA LEU A 618 17.08 -52.03 21.23
C LEU A 618 17.21 -50.60 21.72
N LEU A 619 16.06 -49.91 21.83
CA LEU A 619 16.01 -48.50 22.20
C LEU A 619 15.30 -48.30 23.52
N ASN A 620 15.91 -47.50 24.40
CA ASN A 620 15.29 -47.05 25.64
C ASN A 620 14.86 -45.60 25.43
N LEU A 621 13.56 -45.41 25.18
CA LEU A 621 13.05 -44.07 24.91
C LEU A 621 12.91 -43.22 26.17
N HIS A 622 13.01 -43.83 27.35
CA HIS A 622 12.98 -43.06 28.59
C HIS A 622 14.23 -42.22 28.76
N ASN A 623 15.34 -42.64 28.15
CA ASN A 623 16.59 -41.90 28.26
C ASN A 623 16.70 -40.76 27.26
N MET A 624 15.72 -40.56 26.40
CA MET A 624 15.74 -39.47 25.44
C MET A 624 14.67 -38.42 25.70
N ILE A 625 13.46 -38.84 26.05
CA ILE A 625 12.35 -37.94 26.31
C ILE A 625 11.79 -38.26 27.69
N SER A 626 11.71 -37.24 28.54
CA SER A 626 11.22 -37.43 29.90
C SER A 626 9.70 -37.35 29.95
N GLY A 627 9.11 -38.03 30.92
CA GLY A 627 7.68 -37.96 31.13
C GLY A 627 6.86 -38.91 30.28
N LEU A 628 7.44 -39.99 29.83
CA LEU A 628 6.73 -40.95 28.98
C LEU A 628 6.11 -42.04 29.84
N PRO A 629 4.97 -42.60 29.42
CA PRO A 629 4.35 -43.69 30.18
C PRO A 629 5.10 -45.00 29.95
N ALA A 630 4.61 -46.03 30.65
CA ALA A 630 5.24 -47.35 30.56
C ALA A 630 4.97 -48.04 29.23
N LYS A 631 3.89 -47.68 28.54
CA LYS A 631 3.55 -48.28 27.27
C LYS A 631 3.05 -47.20 26.32
N MET A 632 3.47 -47.30 25.06
CA MET A 632 3.08 -46.34 24.02
C MET A 632 2.40 -47.08 22.88
N ARG A 633 1.34 -46.48 22.35
CA ARG A 633 0.59 -47.07 21.25
C ARG A 633 1.15 -46.57 19.92
N ILE A 634 1.28 -47.49 18.96
CA ILE A 634 1.85 -47.18 17.66
C ILE A 634 0.77 -46.57 16.77
N ARG A 635 1.07 -45.41 16.20
CA ARG A 635 0.17 -44.80 15.23
C ARG A 635 0.41 -45.35 13.82
N LEU A 636 1.66 -45.48 13.42
CA LEU A 636 2.01 -45.94 12.09
C LEU A 636 3.37 -46.61 12.14
N SER A 637 3.54 -47.67 11.36
CA SER A 637 4.78 -48.43 11.35
C SER A 637 5.14 -48.80 9.93
N THR A 638 6.43 -48.98 9.68
CA THR A 638 6.90 -49.42 8.37
C THR A 638 6.56 -50.89 8.11
N ASN A 639 6.30 -51.66 9.15
CA ASN A 639 5.66 -52.96 9.03
C ASN A 639 4.22 -52.77 9.46
N SER A 640 3.29 -52.87 8.49
CA SER A 640 1.91 -52.44 8.69
C SER A 640 1.11 -53.36 9.59
N ALA A 641 1.64 -54.52 9.96
CA ALA A 641 0.95 -55.40 10.90
C ALA A 641 0.94 -54.82 12.30
N ASP A 642 1.95 -54.02 12.65
CA ASP A 642 2.05 -53.43 13.98
C ASP A 642 1.45 -52.03 14.03
N LYS A 643 0.20 -51.89 13.60
CA LYS A 643 -0.52 -50.62 13.71
C LYS A 643 -1.58 -50.75 14.79
N GLY A 644 -1.57 -49.85 15.75
CA GLY A 644 -2.47 -49.89 16.87
C GLY A 644 -2.02 -50.78 18.01
N SER A 645 -0.88 -51.45 17.87
CA SER A 645 -0.35 -52.26 18.94
C SER A 645 0.37 -51.38 19.96
N LYS A 646 0.92 -52.03 20.99
CA LYS A 646 1.50 -51.33 22.12
C LYS A 646 2.87 -51.93 22.43
N VAL A 647 3.90 -51.09 22.43
CA VAL A 647 5.22 -51.48 22.86
C VAL A 647 5.48 -50.82 24.22
N ASP A 648 6.51 -51.29 24.91
CA ASP A 648 6.92 -50.70 26.16
C ASP A 648 8.07 -49.73 25.92
N THR A 649 8.08 -48.64 26.70
CA THR A 649 8.98 -47.52 26.44
C THR A 649 10.43 -47.85 26.72
N SER A 650 10.69 -48.64 27.76
CA SER A 650 12.07 -48.93 28.13
C SER A 650 12.73 -49.89 27.15
N GLY A 651 11.98 -50.83 26.60
CA GLY A 651 12.52 -51.70 25.59
C GLY A 651 11.74 -51.70 24.30
N ILE A 652 12.31 -51.10 23.27
CA ILE A 652 11.72 -51.07 21.93
C ILE A 652 12.69 -51.77 21.01
N PHE A 653 12.25 -52.89 20.43
CA PHE A 653 13.08 -53.64 19.51
C PHE A 653 12.82 -53.16 18.09
N LEU A 654 13.85 -52.55 17.49
CA LEU A 654 13.76 -52.03 16.14
C LEU A 654 14.57 -52.94 15.22
N ASP A 655 13.94 -53.43 14.16
CA ASP A 655 14.65 -54.20 13.15
C ASP A 655 15.46 -53.25 12.25
N LYS A 656 16.19 -53.84 11.31
CA LYS A 656 16.92 -53.05 10.34
C LYS A 656 15.94 -52.43 9.34
N GLY A 657 15.95 -51.10 9.26
CA GLY A 657 15.03 -50.40 8.39
C GLY A 657 13.63 -50.25 8.92
N GLU A 658 13.47 -50.09 10.22
CA GLU A 658 12.15 -49.98 10.82
C GLU A 658 11.88 -48.56 11.29
N GLY A 659 10.67 -48.09 11.04
CA GLY A 659 10.24 -46.78 11.51
C GLY A 659 8.96 -46.90 12.30
N LEU A 660 8.83 -46.06 13.32
CA LEU A 660 7.66 -46.03 14.17
C LEU A 660 7.22 -44.58 14.38
N ILE A 661 5.91 -44.38 14.44
CA ILE A 661 5.32 -43.09 14.77
C ILE A 661 4.44 -43.28 15.99
N PHE A 662 4.76 -42.58 17.07
CA PHE A 662 3.98 -42.62 18.31
C PHE A 662 3.18 -41.34 18.43
N GLU A 663 1.98 -41.46 19.00
CA GLU A 663 1.16 -40.30 19.34
C GLU A 663 1.03 -40.26 20.85
N HIS A 664 1.51 -39.17 21.45
CA HIS A 664 1.63 -39.07 22.91
C HIS A 664 0.91 -37.82 23.38
N ASN A 665 -0.11 -38.00 24.23
CA ASN A 665 -0.86 -36.89 24.78
C ASN A 665 -0.09 -36.30 25.96
N THR A 666 0.33 -35.05 25.82
CA THR A 666 1.08 -34.37 26.88
C THR A 666 0.93 -32.86 26.70
N LYS A 667 1.35 -32.12 27.72
CA LYS A 667 1.34 -30.65 27.67
C LYS A 667 2.73 -30.05 27.84
N ASN A 668 3.77 -30.86 27.86
CA ASN A 668 5.14 -30.36 28.00
C ASN A 668 5.84 -30.51 26.65
N LEU A 669 5.86 -29.42 25.88
CA LEU A 669 6.48 -29.40 24.57
C LEU A 669 7.96 -29.07 24.69
N LEU A 670 8.76 -29.55 23.74
CA LEU A 670 10.20 -29.42 23.85
C LEU A 670 10.68 -28.02 23.48
N HIS A 671 9.95 -27.32 22.61
CA HIS A 671 10.38 -25.97 22.24
C HIS A 671 10.09 -24.93 23.32
N ARG A 672 9.33 -25.31 24.36
CA ARG A 672 9.13 -24.44 25.50
C ARG A 672 10.18 -24.67 26.58
N GLN A 673 10.91 -25.78 26.52
CA GLN A 673 12.00 -26.02 27.45
C GLN A 673 13.29 -25.43 26.89
N THR A 674 14.00 -24.67 27.71
CA THR A 674 15.17 -23.95 27.23
C THR A 674 16.38 -24.85 27.00
N ALA A 675 16.35 -26.09 27.47
CA ALA A 675 17.39 -27.05 27.16
C ALA A 675 17.23 -27.68 25.78
N PHE A 676 16.08 -27.48 25.13
CA PHE A 676 15.83 -28.03 23.81
C PHE A 676 15.55 -26.96 22.76
N ARG A 677 15.58 -25.68 23.14
CA ARG A 677 15.18 -24.60 22.23
C ARG A 677 16.18 -24.42 21.09
N ASP A 678 17.43 -24.78 21.31
CA ASP A 678 18.47 -24.65 20.28
C ASP A 678 18.28 -25.62 19.12
N ARG A 679 17.46 -26.66 19.29
CA ARG A 679 17.26 -27.69 18.27
C ARG A 679 15.82 -27.77 17.79
N CYS A 680 15.10 -26.65 17.81
CA CYS A 680 13.71 -26.59 17.37
C CYS A 680 13.54 -25.52 16.31
N PHE A 681 12.70 -25.80 15.31
CA PHE A 681 12.57 -24.94 14.14
C PHE A 681 11.11 -24.82 13.71
N VAL A 682 10.75 -23.65 13.18
CA VAL A 682 9.44 -23.41 12.58
C VAL A 682 9.52 -22.46 11.40
N SER A 683 8.56 -22.63 10.50
CA SER A 683 8.13 -21.63 9.54
C SER A 683 6.64 -21.44 9.72
N ASN A 684 6.19 -20.18 9.63
CA ASN A 684 4.79 -19.77 9.84
C ASN A 684 4.31 -20.17 11.23
N ARG A 685 4.91 -19.51 12.22
CA ARG A 685 4.64 -19.79 13.62
C ARG A 685 3.23 -19.35 14.02
N ALA A 686 2.49 -20.24 14.67
CA ALA A 686 1.13 -19.95 15.09
C ALA A 686 0.73 -20.91 16.20
N CYS A 687 -0.13 -20.44 17.10
CA CYS A 687 -0.71 -21.28 18.14
C CYS A 687 -2.11 -21.71 17.72
N TYR A 688 -2.68 -22.60 18.50
CA TYR A 688 -4.00 -23.14 18.22
C TYR A 688 -4.90 -22.94 19.44
N SER A 689 -6.10 -22.43 19.21
CA SER A 689 -7.10 -22.26 20.25
C SER A 689 -8.17 -23.33 20.06
N SER A 690 -8.24 -24.28 20.99
CA SER A 690 -9.23 -25.35 20.89
C SER A 690 -10.64 -24.86 21.19
N VAL A 691 -10.79 -23.75 21.88
CA VAL A 691 -12.11 -23.22 22.20
C VAL A 691 -12.77 -22.62 20.97
N LEU A 692 -12.02 -21.79 20.24
CA LEU A 692 -12.57 -21.10 19.08
C LEU A 692 -12.38 -21.86 17.78
N ASN A 693 -11.51 -22.87 17.77
CA ASN A 693 -11.08 -23.59 16.56
C ASN A 693 -10.51 -22.63 15.51
N ILE A 694 -9.50 -21.86 15.91
CA ILE A 694 -8.78 -20.97 15.02
C ILE A 694 -7.28 -21.17 15.25
N LEU A 695 -6.49 -20.55 14.39
CA LEU A 695 -5.07 -20.36 14.64
C LEU A 695 -4.84 -18.87 14.89
N TYR A 696 -3.91 -18.55 15.77
CA TYR A 696 -3.62 -17.17 16.11
C TYR A 696 -2.12 -17.02 16.32
N THR A 697 -1.62 -15.82 16.04
CA THR A 697 -0.19 -15.56 16.05
C THR A 697 0.31 -14.99 17.36
N SER A 698 -0.58 -14.59 18.26
CA SER A 698 -0.16 -13.99 19.52
C SER A 698 0.30 -15.11 20.45
N CYS A 699 1.48 -15.64 20.15
CA CYS A 699 2.00 -16.80 20.87
C CYS A 699 2.50 -16.42 22.25
N LEU B 50 -47.91 7.01 -10.10
CA LEU B 50 -47.14 5.95 -10.73
C LEU B 50 -47.80 5.47 -12.00
N GLY B 51 -47.10 5.62 -13.13
CA GLY B 51 -47.57 5.11 -14.40
C GLY B 51 -47.24 3.64 -14.57
N LEU B 52 -46.92 3.27 -15.82
CA LEU B 52 -46.52 1.90 -16.09
C LEU B 52 -45.01 1.72 -15.94
N ILE B 53 -44.23 2.72 -16.36
CA ILE B 53 -42.77 2.60 -16.35
C ILE B 53 -42.24 2.66 -14.93
N SER B 54 -42.78 3.55 -14.10
CA SER B 54 -42.46 3.54 -12.68
C SER B 54 -43.20 2.46 -11.91
N GLY B 55 -44.12 1.74 -12.56
CA GLY B 55 -44.69 0.56 -11.96
C GLY B 55 -43.78 -0.65 -12.07
N ILE B 56 -43.07 -0.79 -13.19
CA ILE B 56 -42.13 -1.90 -13.33
C ILE B 56 -40.78 -1.60 -12.71
N SER B 57 -40.53 -0.36 -12.30
CA SER B 57 -39.28 -0.03 -11.63
C SER B 57 -39.30 -0.39 -10.16
N ILE B 58 -40.47 -0.41 -9.53
CA ILE B 58 -40.55 -0.87 -8.15
C ILE B 58 -40.47 -2.39 -8.11
N ILE B 59 -40.91 -3.05 -9.18
CA ILE B 59 -40.85 -4.50 -9.25
C ILE B 59 -39.41 -4.97 -9.40
N VAL B 60 -38.63 -4.28 -10.23
CA VAL B 60 -37.22 -4.63 -10.41
C VAL B 60 -36.42 -4.31 -9.14
N GLY B 61 -36.71 -3.20 -8.48
CA GLY B 61 -35.98 -2.85 -7.27
C GLY B 61 -36.31 -3.73 -6.09
N THR B 62 -37.51 -4.29 -6.04
CA THR B 62 -37.90 -5.19 -4.96
C THR B 62 -37.30 -6.58 -5.11
N ILE B 63 -37.23 -7.10 -6.34
CA ILE B 63 -36.90 -8.50 -6.54
C ILE B 63 -35.39 -8.72 -6.57
N ILE B 64 -34.64 -7.74 -7.08
CA ILE B 64 -33.18 -7.80 -6.97
C ILE B 64 -32.79 -7.64 -5.52
N GLY B 65 -32.23 -8.69 -4.92
CA GLY B 65 -31.81 -8.63 -3.55
C GLY B 65 -30.43 -9.22 -3.39
N SER B 66 -30.11 -9.70 -2.19
CA SER B 66 -28.81 -10.28 -1.93
C SER B 66 -28.67 -11.71 -2.43
N GLY B 67 -29.69 -12.24 -3.11
CA GLY B 67 -29.67 -13.65 -3.48
C GLY B 67 -28.71 -13.98 -4.60
N ILE B 68 -28.56 -13.08 -5.57
CA ILE B 68 -27.70 -13.36 -6.73
C ILE B 68 -26.22 -13.35 -6.38
N PHE B 69 -25.86 -12.90 -5.19
CA PHE B 69 -24.47 -12.91 -4.76
C PHE B 69 -24.11 -14.10 -3.91
N VAL B 70 -25.08 -14.94 -3.51
CA VAL B 70 -24.83 -16.12 -2.69
C VAL B 70 -25.29 -17.40 -3.39
N SER B 71 -26.42 -17.35 -4.07
CA SER B 71 -27.02 -18.51 -4.74
C SER B 71 -26.30 -19.21 -5.90
N PRO B 72 -25.43 -18.58 -6.72
CA PRO B 72 -24.81 -19.35 -7.82
C PRO B 72 -23.93 -20.52 -7.40
N LYS B 73 -23.38 -20.50 -6.19
CA LYS B 73 -22.58 -21.63 -5.74
C LYS B 73 -23.44 -22.85 -5.47
N SER B 74 -24.63 -22.66 -4.88
CA SER B 74 -25.46 -23.79 -4.48
C SER B 74 -26.35 -24.32 -5.61
N VAL B 75 -26.56 -23.55 -6.67
CA VAL B 75 -27.22 -24.10 -7.85
C VAL B 75 -26.25 -24.98 -8.63
N LEU B 76 -24.99 -24.55 -8.74
CA LEU B 76 -23.98 -25.35 -9.41
C LEU B 76 -23.54 -26.54 -8.57
N SER B 77 -23.69 -26.45 -7.24
CA SER B 77 -23.32 -27.57 -6.38
C SER B 77 -24.27 -28.75 -6.51
N ASN B 78 -25.48 -28.53 -7.02
CA ASN B 78 -26.47 -29.59 -7.10
C ASN B 78 -26.68 -30.06 -8.54
N THR B 79 -26.59 -29.16 -9.50
CA THR B 79 -26.50 -29.52 -10.92
C THR B 79 -25.08 -29.20 -11.36
N GLU B 80 -24.24 -30.23 -11.50
CA GLU B 80 -22.80 -30.00 -11.56
C GLU B 80 -22.29 -29.52 -12.92
N ALA B 81 -23.15 -29.08 -13.83
CA ALA B 81 -22.71 -28.59 -15.12
C ALA B 81 -23.19 -27.17 -15.34
N VAL B 82 -22.57 -26.49 -16.30
CA VAL B 82 -22.90 -25.09 -16.56
C VAL B 82 -24.25 -24.99 -17.28
N GLY B 83 -24.52 -25.92 -18.19
CA GLY B 83 -25.74 -25.92 -18.97
C GLY B 83 -27.03 -26.06 -18.19
N PRO B 84 -27.14 -27.12 -17.37
CA PRO B 84 -28.28 -27.18 -16.44
C PRO B 84 -28.30 -26.08 -15.39
N CYS B 85 -27.20 -25.39 -15.14
CA CYS B 85 -27.21 -24.32 -14.15
C CYS B 85 -27.92 -23.08 -14.67
N LEU B 86 -27.93 -22.89 -15.98
CA LEU B 86 -28.60 -21.74 -16.57
C LEU B 86 -30.07 -22.01 -16.87
N ILE B 87 -30.47 -23.28 -16.90
CA ILE B 87 -31.88 -23.61 -17.10
C ILE B 87 -32.66 -23.43 -15.81
N ILE B 88 -32.05 -23.75 -14.67
CA ILE B 88 -32.72 -23.56 -13.39
C ILE B 88 -32.87 -22.08 -13.07
N TRP B 89 -31.93 -21.24 -13.53
CA TRP B 89 -32.06 -19.81 -13.31
C TRP B 89 -33.15 -19.20 -14.18
N ALA B 90 -33.49 -19.85 -15.29
CA ALA B 90 -34.59 -19.37 -16.12
C ALA B 90 -35.91 -19.96 -15.69
N ALA B 91 -35.90 -21.18 -15.17
CA ALA B 91 -37.15 -21.82 -14.74
C ALA B 91 -37.61 -21.29 -13.39
N CYS B 92 -36.71 -20.69 -12.61
CA CYS B 92 -37.12 -20.03 -11.38
C CYS B 92 -37.78 -18.69 -11.66
N GLY B 93 -37.47 -18.04 -12.77
CA GLY B 93 -38.12 -16.79 -13.12
C GLY B 93 -39.49 -16.99 -13.73
N VAL B 94 -39.80 -18.21 -14.16
CA VAL B 94 -41.16 -18.55 -14.56
C VAL B 94 -42.02 -18.88 -13.35
N LEU B 95 -41.44 -19.51 -12.32
CA LEU B 95 -42.20 -19.76 -11.10
C LEU B 95 -42.47 -18.47 -10.32
N ALA B 96 -41.61 -17.47 -10.48
CA ALA B 96 -41.85 -16.20 -9.82
C ALA B 96 -42.88 -15.38 -10.57
N THR B 97 -43.02 -15.60 -11.87
CA THR B 97 -43.94 -14.81 -12.68
C THR B 97 -45.34 -15.43 -12.64
N LEU B 98 -45.44 -16.75 -12.70
CA LEU B 98 -46.73 -17.39 -12.55
C LEU B 98 -47.21 -17.36 -11.11
N GLY B 99 -46.28 -17.28 -10.16
CA GLY B 99 -46.68 -17.17 -8.77
C GLY B 99 -47.22 -15.79 -8.43
N ALA B 100 -46.63 -14.75 -9.02
CA ALA B 100 -47.08 -13.39 -8.75
C ALA B 100 -48.37 -13.04 -9.48
N LEU B 101 -48.70 -13.77 -10.55
CA LEU B 101 -49.98 -13.55 -11.23
C LEU B 101 -51.13 -14.12 -10.42
N CYS B 102 -50.92 -15.25 -9.76
CA CYS B 102 -51.95 -15.82 -8.91
C CYS B 102 -52.18 -14.96 -7.68
N PHE B 103 -51.14 -14.34 -7.16
CA PHE B 103 -51.31 -13.41 -6.05
C PHE B 103 -51.94 -12.10 -6.49
N ALA B 104 -51.88 -11.79 -7.79
CA ALA B 104 -52.53 -10.59 -8.30
C ALA B 104 -54.03 -10.76 -8.38
N GLU B 105 -54.51 -11.99 -8.63
CA GLU B 105 -55.94 -12.22 -8.62
C GLU B 105 -56.49 -12.23 -7.20
N LEU B 106 -55.76 -12.86 -6.28
CA LEU B 106 -56.20 -12.91 -4.89
C LEU B 106 -56.16 -11.54 -4.22
N GLY B 107 -55.31 -10.64 -4.71
CA GLY B 107 -55.21 -9.32 -4.11
C GLY B 107 -56.35 -8.40 -4.46
N THR B 108 -56.92 -8.55 -5.65
CA THR B 108 -58.05 -7.75 -6.07
C THR B 108 -59.40 -8.37 -5.71
N MET B 109 -59.43 -9.67 -5.46
CA MET B 109 -60.69 -10.33 -5.14
C MET B 109 -61.09 -10.07 -3.69
N ILE B 110 -60.13 -10.02 -2.78
CA ILE B 110 -60.41 -9.97 -1.34
C ILE B 110 -60.28 -8.55 -0.79
N THR B 111 -59.15 -7.90 -1.07
CA THR B 111 -58.86 -6.50 -0.70
C THR B 111 -58.91 -6.32 0.83
N LYS B 112 -57.95 -6.96 1.48
CA LYS B 112 -57.78 -6.86 2.92
C LYS B 112 -56.29 -6.86 3.24
N SER B 113 -55.92 -6.16 4.29
CA SER B 113 -54.52 -6.08 4.67
C SER B 113 -54.07 -7.38 5.32
N GLY B 114 -52.78 -7.51 5.52
CA GLY B 114 -52.16 -8.74 5.96
C GLY B 114 -51.14 -9.21 4.96
N GLY B 115 -50.97 -10.52 4.90
CA GLY B 115 -50.15 -11.12 3.87
C GLY B 115 -50.95 -12.09 3.04
N GLU B 116 -50.62 -13.37 3.16
CA GLU B 116 -51.49 -14.45 2.72
C GLU B 116 -52.53 -14.80 3.77
N TYR B 117 -52.56 -14.07 4.87
CA TYR B 117 -53.48 -14.37 5.96
C TYR B 117 -54.95 -14.12 5.61
N PRO B 118 -55.37 -13.02 4.95
CA PRO B 118 -56.78 -12.96 4.53
C PRO B 118 -57.10 -13.85 3.34
N TYR B 119 -56.09 -14.41 2.68
CA TYR B 119 -56.38 -15.28 1.55
C TYR B 119 -56.68 -16.70 2.01
N LEU B 120 -55.99 -17.16 3.05
CA LEU B 120 -56.21 -18.52 3.55
C LEU B 120 -57.46 -18.62 4.40
N MET B 121 -57.88 -17.53 5.03
CA MET B 121 -59.10 -17.54 5.82
C MET B 121 -60.33 -17.62 4.93
N GLU B 122 -60.27 -16.98 3.76
CA GLU B 122 -61.40 -16.98 2.86
C GLU B 122 -61.58 -18.32 2.17
N ALA B 123 -60.53 -19.13 2.08
CA ALA B 123 -60.60 -20.39 1.36
C ALA B 123 -60.84 -21.58 2.29
N TYR B 124 -60.06 -21.72 3.36
CA TYR B 124 -60.13 -22.90 4.21
C TYR B 124 -60.71 -22.65 5.59
N GLY B 125 -60.62 -21.44 6.11
CA GLY B 125 -61.08 -21.17 7.45
C GLY B 125 -59.96 -20.72 8.34
N PRO B 126 -60.11 -20.89 9.64
CA PRO B 126 -59.14 -20.31 10.57
C PRO B 126 -57.87 -21.13 10.77
N ILE B 127 -57.92 -22.44 10.56
CA ILE B 127 -56.80 -23.30 10.94
C ILE B 127 -55.59 -23.16 10.01
N PRO B 128 -55.71 -23.10 8.67
CA PRO B 128 -54.51 -22.74 7.89
C PRO B 128 -54.15 -21.28 7.98
N ALA B 129 -55.07 -20.40 8.34
CA ALA B 129 -54.72 -19.00 8.55
C ALA B 129 -53.93 -18.82 9.84
N TYR B 130 -54.25 -19.61 10.86
CA TYR B 130 -53.49 -19.54 12.10
C TYR B 130 -52.10 -20.11 11.92
N LEU B 131 -51.96 -21.20 11.17
CA LEU B 131 -50.66 -21.83 11.00
C LEU B 131 -49.74 -20.99 10.13
N PHE B 132 -50.29 -20.12 9.29
CA PHE B 132 -49.45 -19.20 8.55
C PHE B 132 -48.97 -18.06 9.43
N SER B 133 -49.80 -17.59 10.37
CA SER B 133 -49.36 -16.55 11.27
C SER B 133 -48.35 -17.09 12.27
N TRP B 134 -48.42 -18.38 12.58
CA TRP B 134 -47.48 -18.98 13.51
C TRP B 134 -46.15 -19.27 12.84
N ALA B 135 -46.18 -19.77 11.60
CA ALA B 135 -44.95 -20.10 10.89
C ALA B 135 -44.25 -18.86 10.35
N SER B 136 -44.98 -17.77 10.12
CA SER B 136 -44.26 -16.59 9.69
C SER B 136 -43.65 -15.85 10.87
N LEU B 137 -44.09 -16.17 12.09
CA LEU B 137 -43.52 -15.53 13.27
C LEU B 137 -42.20 -16.16 13.68
N ILE B 138 -42.13 -17.49 13.73
CA ILE B 138 -40.99 -18.17 14.32
C ILE B 138 -40.09 -18.84 13.29
N VAL B 139 -40.53 -19.01 12.04
CA VAL B 139 -39.76 -19.71 11.02
C VAL B 139 -39.42 -18.82 9.84
N ILE B 140 -40.42 -18.22 9.22
CA ILE B 140 -40.21 -17.60 7.91
C ILE B 140 -39.51 -16.24 8.05
N LYS B 141 -40.03 -15.36 8.89
CA LYS B 141 -39.44 -14.03 9.02
C LYS B 141 -38.10 -13.97 9.75
N PRO B 142 -37.83 -14.70 10.84
CA PRO B 142 -36.49 -14.61 11.42
C PRO B 142 -35.41 -15.32 10.61
N THR B 143 -35.75 -16.34 9.82
CA THR B 143 -34.72 -16.99 9.02
C THR B 143 -34.33 -16.12 7.84
N SER B 144 -35.29 -15.40 7.26
CA SER B 144 -34.99 -14.44 6.20
C SER B 144 -34.10 -13.32 6.70
N PHE B 145 -34.25 -12.93 7.96
CA PHE B 145 -33.37 -11.94 8.56
C PHE B 145 -32.00 -12.53 8.90
N ALA B 146 -31.92 -13.85 9.05
CA ALA B 146 -30.65 -14.49 9.37
C ALA B 146 -29.83 -14.82 8.13
N ILE B 147 -30.49 -15.16 7.01
CA ILE B 147 -29.76 -15.44 5.78
C ILE B 147 -29.16 -14.15 5.21
N ILE B 148 -29.87 -13.04 5.35
CA ILE B 148 -29.37 -11.77 4.83
C ILE B 148 -28.19 -11.27 5.64
N CYS B 149 -28.26 -11.37 6.97
CA CYS B 149 -27.16 -10.90 7.80
C CYS B 149 -25.98 -11.85 7.76
N LEU B 150 -26.20 -13.14 7.46
CA LEU B 150 -25.08 -14.04 7.21
C LEU B 150 -24.44 -13.74 5.87
N SER B 151 -25.23 -13.34 4.88
CA SER B 151 -24.68 -13.00 3.56
C SER B 151 -23.92 -11.69 3.60
N PHE B 152 -24.20 -10.84 4.58
CA PHE B 152 -23.43 -9.62 4.76
C PHE B 152 -22.03 -9.94 5.29
N SER B 153 -21.92 -10.89 6.21
CA SER B 153 -20.63 -11.19 6.81
C SER B 153 -19.77 -12.10 5.95
N GLU B 154 -20.33 -12.74 4.92
CA GLU B 154 -19.47 -13.45 3.98
C GLU B 154 -18.71 -12.48 3.08
N TYR B 155 -19.28 -11.32 2.82
CA TYR B 155 -18.68 -10.38 1.90
C TYR B 155 -17.80 -9.34 2.58
N VAL B 156 -17.84 -9.25 3.90
CA VAL B 156 -16.87 -8.41 4.59
C VAL B 156 -15.63 -9.21 4.95
N CYS B 157 -15.81 -10.48 5.30
CA CYS B 157 -14.69 -11.28 5.75
C CYS B 157 -13.92 -11.94 4.62
N ALA B 158 -14.48 -12.02 3.42
CA ALA B 158 -13.80 -12.65 2.30
C ALA B 158 -12.56 -11.92 1.77
N PRO B 159 -12.52 -10.58 1.62
CA PRO B 159 -11.27 -9.98 1.12
C PRO B 159 -10.14 -9.96 2.13
N PHE B 160 -10.38 -10.30 3.40
CA PHE B 160 -9.32 -10.38 4.38
C PHE B 160 -8.68 -11.76 4.45
N TYR B 161 -9.37 -12.78 3.96
CA TYR B 161 -8.87 -14.15 3.87
C TYR B 161 -8.83 -14.46 2.39
N VAL B 162 -7.72 -14.08 1.74
CA VAL B 162 -7.67 -14.01 0.28
C VAL B 162 -7.70 -15.40 -0.34
N GLY B 163 -6.80 -16.29 0.04
CA GLY B 163 -6.80 -17.63 -0.53
C GLY B 163 -7.22 -18.71 0.44
N CYS B 164 -8.14 -18.46 1.35
CA CYS B 164 -8.48 -19.53 2.28
C CYS B 164 -9.80 -19.16 2.90
N LYS B 165 -10.41 -20.07 3.65
CA LYS B 165 -11.68 -19.61 4.20
C LYS B 165 -11.47 -18.85 5.49
N PRO B 166 -12.34 -17.89 5.81
CA PRO B 166 -12.40 -17.39 7.16
C PRO B 166 -12.89 -18.47 8.10
N PRO B 167 -12.46 -18.47 9.35
CA PRO B 167 -13.01 -19.41 10.31
C PRO B 167 -14.47 -19.11 10.61
N GLN B 168 -15.18 -20.13 11.07
CA GLN B 168 -16.61 -20.00 11.28
C GLN B 168 -16.96 -19.11 12.45
N ILE B 169 -16.01 -18.81 13.33
CA ILE B 169 -16.31 -17.93 14.45
C ILE B 169 -16.35 -16.48 14.00
N VAL B 170 -15.74 -16.14 12.87
CA VAL B 170 -15.68 -14.73 12.47
C VAL B 170 -16.89 -14.35 11.64
N VAL B 171 -17.37 -15.26 10.79
CA VAL B 171 -18.54 -14.96 9.99
C VAL B 171 -19.81 -14.98 10.84
N LYS B 172 -19.78 -15.69 11.96
CA LYS B 172 -20.95 -15.75 12.83
C LYS B 172 -20.97 -14.61 13.84
N CYS B 173 -19.81 -14.23 14.36
CA CYS B 173 -19.77 -13.12 15.31
C CYS B 173 -19.90 -11.77 14.63
N LEU B 174 -19.64 -11.68 13.34
CA LEU B 174 -19.95 -10.48 12.59
C LEU B 174 -21.40 -10.43 12.14
N ALA B 175 -22.01 -11.59 11.89
CA ALA B 175 -23.42 -11.61 11.51
C ALA B 175 -24.32 -11.28 12.68
N ALA B 176 -23.92 -11.68 13.90
CA ALA B 176 -24.69 -11.32 15.09
C ALA B 176 -24.52 -9.84 15.43
N ALA B 177 -23.41 -9.23 15.05
CA ALA B 177 -23.26 -7.80 15.25
C ALA B 177 -24.05 -6.99 14.24
N ALA B 178 -24.40 -7.58 13.09
CA ALA B 178 -25.26 -6.89 12.14
C ALA B 178 -26.73 -7.03 12.50
N ILE B 179 -27.10 -8.14 13.15
CA ILE B 179 -28.47 -8.29 13.61
C ILE B 179 -28.77 -7.32 14.75
N LEU B 180 -27.86 -7.25 15.72
CA LEU B 180 -28.10 -6.39 16.88
C LEU B 180 -27.93 -4.92 16.55
N PHE B 181 -27.21 -4.59 15.48
CA PHE B 181 -27.12 -3.19 15.08
C PHE B 181 -28.38 -2.73 14.35
N ILE B 182 -28.94 -3.57 13.48
CA ILE B 182 -30.13 -3.19 12.74
C ILE B 182 -31.36 -3.25 13.64
N SER B 183 -31.38 -4.15 14.61
CA SER B 183 -32.55 -4.26 15.50
C SER B 183 -32.63 -3.12 16.50
N THR B 184 -31.54 -2.37 16.69
CA THR B 184 -31.62 -1.21 17.57
C THR B 184 -31.79 0.08 16.77
N VAL B 185 -31.28 0.13 15.55
CA VAL B 185 -31.45 1.32 14.73
C VAL B 185 -32.90 1.45 14.27
N ASN B 186 -33.53 0.32 13.91
CA ASN B 186 -34.93 0.35 13.51
C ASN B 186 -35.88 0.47 14.68
N SER B 187 -35.40 0.25 15.90
CA SER B 187 -36.23 0.36 17.09
C SER B 187 -36.08 1.70 17.79
N LEU B 188 -35.42 2.66 17.16
CA LEU B 188 -35.23 4.00 17.70
C LEU B 188 -35.66 5.10 16.76
N SER B 189 -35.47 4.92 15.46
CA SER B 189 -35.46 6.04 14.53
C SER B 189 -36.19 5.68 13.23
N VAL B 190 -37.49 5.38 13.36
CA VAL B 190 -38.41 4.88 12.33
C VAL B 190 -38.25 5.52 10.94
N ARG B 191 -37.92 6.81 10.88
CA ARG B 191 -37.78 7.48 9.59
C ARG B 191 -36.35 7.46 9.07
N LEU B 192 -35.36 7.13 9.89
CA LEU B 192 -33.98 7.07 9.43
C LEU B 192 -33.74 5.91 8.48
N GLY B 193 -34.50 4.83 8.63
CA GLY B 193 -34.36 3.68 7.76
C GLY B 193 -34.76 3.94 6.33
N SER B 194 -35.62 4.92 6.09
CA SER B 194 -36.08 5.18 4.73
C SER B 194 -35.36 6.33 4.04
N TYR B 195 -34.60 7.15 4.77
CA TYR B 195 -33.73 8.12 4.10
C TYR B 195 -32.55 7.42 3.44
N VAL B 196 -31.99 6.42 4.11
CA VAL B 196 -30.85 5.68 3.55
C VAL B 196 -31.30 4.56 2.64
N GLN B 197 -32.61 4.37 2.45
CA GLN B 197 -33.09 3.22 1.68
C GLN B 197 -32.90 3.42 0.18
N ASN B 198 -32.88 4.67 -0.29
CA ASN B 198 -32.80 4.88 -1.72
C ASN B 198 -31.37 4.91 -2.21
N ILE B 199 -30.40 5.18 -1.34
CA ILE B 199 -29.00 5.05 -1.71
C ILE B 199 -28.48 3.64 -1.51
N PHE B 200 -29.25 2.78 -0.85
CA PHE B 200 -28.91 1.37 -0.77
C PHE B 200 -29.44 0.59 -1.97
N THR B 201 -30.47 1.13 -2.64
CA THR B 201 -30.97 0.53 -3.86
C THR B 201 -30.15 0.99 -5.06
N ALA B 202 -29.61 2.20 -5.00
CA ALA B 202 -28.74 2.68 -6.08
C ALA B 202 -27.39 1.98 -6.06
N ALA B 203 -26.90 1.60 -4.87
CA ALA B 203 -25.66 0.84 -4.79
C ALA B 203 -25.83 -0.60 -5.24
N LYS B 204 -27.06 -1.08 -5.31
CA LYS B 204 -27.33 -2.47 -5.68
C LYS B 204 -27.42 -2.64 -7.19
N LEU B 205 -28.09 -1.71 -7.86
CA LEU B 205 -28.26 -1.76 -9.31
C LEU B 205 -26.99 -1.39 -10.06
N VAL B 206 -26.11 -0.61 -9.45
CA VAL B 206 -24.84 -0.25 -10.08
C VAL B 206 -23.90 -1.44 -10.14
N ILE B 207 -23.76 -2.17 -9.03
CA ILE B 207 -22.85 -3.31 -9.02
C ILE B 207 -23.43 -4.51 -9.76
N VAL B 208 -24.73 -4.51 -10.03
CA VAL B 208 -25.30 -5.51 -10.94
C VAL B 208 -25.00 -5.13 -12.39
N ALA B 209 -25.10 -3.85 -12.72
CA ALA B 209 -24.84 -3.40 -14.08
C ALA B 209 -23.36 -3.42 -14.42
N ILE B 210 -22.47 -3.37 -13.43
CA ILE B 210 -21.04 -3.49 -13.71
C ILE B 210 -20.69 -4.92 -14.12
N ILE B 211 -21.30 -5.90 -13.45
CA ILE B 211 -21.00 -7.30 -13.72
C ILE B 211 -21.60 -7.74 -15.06
N ILE B 212 -22.79 -7.25 -15.39
CA ILE B 212 -23.44 -7.63 -16.64
C ILE B 212 -22.70 -7.06 -17.84
N ILE B 213 -22.36 -5.76 -17.79
CA ILE B 213 -21.72 -5.10 -18.91
C ILE B 213 -20.30 -5.61 -19.13
N SER B 214 -19.51 -5.73 -18.06
CA SER B 214 -18.15 -6.21 -18.19
C SER B 214 -18.09 -7.71 -18.50
N GLY B 215 -19.18 -8.44 -18.32
CA GLY B 215 -19.24 -9.81 -18.78
C GLY B 215 -19.57 -9.97 -20.24
N LEU B 216 -20.33 -9.02 -20.80
CA LEU B 216 -20.61 -9.05 -22.24
C LEU B 216 -19.44 -8.54 -23.06
N VAL B 217 -18.55 -7.74 -22.46
CA VAL B 217 -17.34 -7.33 -23.15
C VAL B 217 -16.38 -8.50 -23.26
N LEU B 218 -16.22 -9.26 -22.17
CA LEU B 218 -15.34 -10.43 -22.18
C LEU B 218 -15.91 -11.54 -23.05
N LEU B 219 -17.22 -11.59 -23.22
CA LEU B 219 -17.81 -12.62 -24.06
C LEU B 219 -17.60 -12.33 -25.54
N ALA B 220 -17.44 -11.06 -25.90
CA ALA B 220 -17.16 -10.70 -27.28
C ALA B 220 -15.72 -10.96 -27.67
N GLN B 221 -14.78 -10.87 -26.72
CA GLN B 221 -13.37 -11.07 -27.02
C GLN B 221 -13.02 -12.53 -27.23
N GLY B 222 -13.85 -13.46 -26.77
CA GLY B 222 -13.61 -14.87 -27.03
C GLY B 222 -13.27 -15.68 -25.81
N ASN B 223 -13.80 -15.30 -24.65
CA ASN B 223 -13.61 -16.05 -23.41
C ASN B 223 -14.76 -17.03 -23.18
N THR B 224 -15.03 -17.86 -24.19
CA THR B 224 -16.18 -18.76 -24.17
C THR B 224 -15.79 -20.22 -24.10
N LYS B 225 -14.68 -20.55 -23.44
CA LYS B 225 -14.24 -21.94 -23.40
C LYS B 225 -15.03 -22.77 -22.41
N ASN B 226 -15.50 -22.16 -21.32
CA ASN B 226 -16.20 -22.89 -20.27
C ASN B 226 -17.62 -23.29 -20.64
N PHE B 227 -18.16 -22.79 -21.75
CA PHE B 227 -19.48 -23.15 -22.23
C PHE B 227 -19.45 -24.27 -23.26
N ASP B 228 -18.30 -24.89 -23.48
CA ASP B 228 -18.13 -25.74 -24.66
C ASP B 228 -18.78 -27.11 -24.47
N ASN B 229 -18.73 -27.65 -23.25
CA ASN B 229 -19.29 -28.97 -23.02
C ASN B 229 -20.29 -28.93 -21.88
N SER B 230 -21.26 -28.02 -21.97
CA SER B 230 -22.07 -27.61 -20.83
C SER B 230 -23.05 -28.66 -20.33
N PHE B 231 -23.18 -29.81 -20.99
CA PHE B 231 -24.18 -30.80 -20.61
C PHE B 231 -23.55 -32.16 -20.34
N GLU B 232 -22.29 -32.18 -19.91
CA GLU B 232 -21.57 -33.42 -19.70
C GLU B 232 -21.27 -33.56 -18.21
N GLY B 233 -22.03 -34.45 -17.56
CA GLY B 233 -21.93 -34.66 -16.13
C GLY B 233 -23.02 -33.88 -15.44
N ALA B 234 -24.13 -34.54 -15.12
CA ALA B 234 -25.31 -33.83 -14.66
C ALA B 234 -26.14 -34.77 -13.80
N GLN B 235 -27.22 -34.25 -13.23
CA GLN B 235 -28.08 -34.98 -12.32
C GLN B 235 -29.54 -34.79 -12.68
N LEU B 236 -30.20 -35.86 -13.11
CA LEU B 236 -31.66 -35.94 -13.00
C LEU B 236 -32.04 -36.82 -11.82
N SER B 237 -31.72 -36.35 -10.63
CA SER B 237 -32.26 -36.88 -9.39
C SER B 237 -33.31 -35.90 -8.90
N VAL B 238 -34.32 -36.40 -8.19
CA VAL B 238 -35.35 -35.48 -7.72
C VAL B 238 -34.90 -34.65 -6.53
N GLY B 239 -33.79 -34.99 -5.91
CA GLY B 239 -33.32 -34.21 -4.78
C GLY B 239 -32.22 -33.23 -5.15
N ALA B 240 -31.59 -33.45 -6.29
CA ALA B 240 -30.59 -32.50 -6.76
C ALA B 240 -31.23 -31.32 -7.47
N ILE B 241 -32.36 -31.56 -8.14
CA ILE B 241 -33.03 -30.49 -8.85
C ILE B 241 -33.87 -29.66 -7.88
N SER B 242 -34.51 -30.32 -6.92
CA SER B 242 -35.42 -29.62 -6.01
C SER B 242 -34.68 -28.73 -5.02
N LEU B 243 -33.42 -29.06 -4.69
CA LEU B 243 -32.61 -28.15 -3.89
C LEU B 243 -31.94 -27.07 -4.72
N ALA B 244 -31.74 -27.31 -6.02
CA ALA B 244 -31.30 -26.24 -6.90
C ALA B 244 -32.41 -25.23 -7.14
N PHE B 245 -33.67 -25.63 -6.94
CA PHE B 245 -34.77 -24.69 -7.04
C PHE B 245 -34.95 -23.91 -5.75
N TYR B 246 -34.50 -24.45 -4.63
CA TYR B 246 -34.59 -23.72 -3.36
C TYR B 246 -33.67 -22.52 -3.39
N ASN B 247 -32.48 -22.67 -3.97
CA ASN B 247 -31.48 -21.62 -3.95
C ASN B 247 -31.71 -20.59 -5.03
N GLY B 248 -32.24 -21.00 -6.19
CA GLY B 248 -32.57 -20.04 -7.21
C GLY B 248 -33.76 -19.18 -6.85
N LEU B 249 -34.78 -19.78 -6.24
CA LEU B 249 -35.97 -19.04 -5.84
C LEU B 249 -35.75 -18.19 -4.60
N TRP B 250 -34.64 -18.37 -3.89
CA TRP B 250 -34.29 -17.43 -2.83
C TRP B 250 -33.87 -16.08 -3.41
N ALA B 251 -33.26 -16.11 -4.60
CA ALA B 251 -32.85 -14.87 -5.27
C ALA B 251 -34.03 -14.10 -5.84
N TYR B 252 -35.22 -14.69 -5.87
CA TYR B 252 -36.43 -14.03 -6.31
C TYR B 252 -37.33 -13.66 -5.15
N ASP B 253 -36.81 -13.59 -3.94
CA ASP B 253 -37.64 -13.41 -2.75
C ASP B 253 -38.23 -12.01 -2.71
N GLY B 254 -39.55 -11.94 -2.66
CA GLY B 254 -40.28 -10.69 -2.76
C GLY B 254 -41.37 -10.68 -3.80
N TRP B 255 -41.64 -11.79 -4.48
CA TRP B 255 -42.69 -11.79 -5.48
C TRP B 255 -44.08 -11.91 -4.87
N ASN B 256 -44.17 -12.33 -3.61
CA ASN B 256 -45.47 -12.51 -2.97
C ASN B 256 -45.94 -11.28 -2.23
N GLN B 257 -45.16 -10.19 -2.24
CA GLN B 257 -45.56 -8.94 -1.63
C GLN B 257 -45.55 -7.78 -2.64
N LEU B 258 -45.73 -8.09 -3.93
CA LEU B 258 -45.81 -7.06 -4.97
C LEU B 258 -47.20 -6.47 -5.08
N ASN B 259 -48.15 -6.93 -4.28
CA ASN B 259 -49.54 -6.56 -4.47
C ASN B 259 -49.86 -5.25 -3.78
N TYR B 260 -49.33 -5.08 -2.57
CA TYR B 260 -49.76 -3.99 -1.71
C TYR B 260 -49.18 -2.65 -2.14
N ILE B 261 -47.99 -2.66 -2.75
CA ILE B 261 -47.32 -1.41 -3.07
C ILE B 261 -47.48 -1.00 -4.51
N THR B 262 -47.87 -1.91 -5.40
CA THR B 262 -47.98 -1.62 -6.81
C THR B 262 -49.43 -1.65 -7.28
N GLU B 263 -50.37 -1.32 -6.40
CA GLU B 263 -51.78 -1.21 -6.75
C GLU B 263 -52.30 0.23 -6.58
N GLU B 264 -51.41 1.17 -6.27
CA GLU B 264 -51.72 2.60 -6.32
C GLU B 264 -51.24 3.20 -7.63
N LEU B 265 -51.70 2.62 -8.74
CA LEU B 265 -51.28 3.00 -10.08
C LEU B 265 -52.32 3.89 -10.75
N ARG B 266 -51.99 4.29 -11.98
CA ARG B 266 -52.90 5.16 -12.74
C ARG B 266 -54.06 4.40 -13.35
N ASN B 267 -53.90 3.09 -13.59
CA ASN B 267 -54.97 2.27 -14.15
C ASN B 267 -54.72 0.83 -13.74
N PRO B 268 -55.22 0.43 -12.58
CA PRO B 268 -55.05 -0.96 -12.15
C PRO B 268 -55.99 -1.89 -12.92
N TYR B 269 -55.80 -3.19 -12.65
CA TYR B 269 -56.42 -4.35 -13.28
C TYR B 269 -55.96 -4.56 -14.72
N ARG B 270 -55.20 -3.66 -15.30
CA ARG B 270 -54.53 -3.85 -16.58
C ARG B 270 -53.04 -3.63 -16.48
N ASN B 271 -52.61 -2.64 -15.70
CA ASN B 271 -51.19 -2.36 -15.54
C ASN B 271 -50.54 -3.18 -14.44
N LEU B 272 -51.31 -3.78 -13.54
CA LEU B 272 -50.65 -4.67 -12.60
C LEU B 272 -50.23 -6.00 -13.24
N PRO B 273 -51.08 -6.76 -13.96
CA PRO B 273 -50.56 -7.99 -14.57
C PRO B 273 -49.66 -7.73 -15.78
N LEU B 274 -49.63 -6.52 -16.31
CA LEU B 274 -48.67 -6.19 -17.35
C LEU B 274 -47.31 -5.79 -16.81
N ALA B 275 -47.25 -5.27 -15.58
CA ALA B 275 -45.96 -5.00 -14.95
C ALA B 275 -45.31 -6.27 -14.41
N ILE B 276 -46.08 -7.34 -14.21
CA ILE B 276 -45.49 -8.59 -13.76
C ILE B 276 -44.92 -9.38 -14.93
N ILE B 277 -45.63 -9.40 -16.07
CA ILE B 277 -45.15 -10.08 -17.27
C ILE B 277 -43.95 -9.37 -17.88
N ILE B 278 -43.78 -8.09 -17.64
CA ILE B 278 -42.61 -7.36 -18.11
C ILE B 278 -41.51 -7.30 -17.05
N GLY B 279 -41.90 -7.14 -15.78
CA GLY B 279 -40.90 -6.84 -14.75
C GLY B 279 -40.10 -8.05 -14.31
N ILE B 280 -40.78 -9.16 -14.00
CA ILE B 280 -40.12 -10.35 -13.47
C ILE B 280 -39.40 -11.15 -14.55
N PRO B 281 -39.87 -11.24 -15.81
CA PRO B 281 -38.97 -11.77 -16.85
C PRO B 281 -37.79 -10.88 -17.19
N LEU B 282 -37.81 -9.58 -16.88
CA LEU B 282 -36.63 -8.78 -17.19
C LEU B 282 -35.57 -8.89 -16.10
N VAL B 283 -35.95 -9.19 -14.87
CA VAL B 283 -34.96 -9.51 -13.85
C VAL B 283 -34.44 -10.92 -14.05
N THR B 284 -35.22 -11.78 -14.70
CA THR B 284 -34.74 -13.11 -15.05
C THR B 284 -33.65 -13.03 -16.11
N ALA B 285 -33.75 -12.04 -17.01
CA ALA B 285 -32.68 -11.81 -17.96
C ALA B 285 -31.43 -11.23 -17.31
N CYS B 286 -31.57 -10.47 -16.21
CA CYS B 286 -30.40 -9.94 -15.53
C CYS B 286 -29.75 -10.98 -14.63
N TYR B 287 -30.47 -12.04 -14.27
CA TYR B 287 -29.86 -13.08 -13.45
C TYR B 287 -29.13 -14.11 -14.30
N ILE B 288 -29.63 -14.36 -15.51
CA ILE B 288 -28.91 -15.25 -16.43
C ILE B 288 -27.64 -14.57 -16.92
N LEU B 289 -27.72 -13.27 -17.20
CA LEU B 289 -26.56 -12.52 -17.66
C LEU B 289 -25.51 -12.32 -16.58
N MET B 290 -25.87 -12.45 -15.30
CA MET B 290 -24.85 -12.39 -14.26
C MET B 290 -24.18 -13.74 -14.04
N ASN B 291 -24.87 -14.83 -14.36
CA ASN B 291 -24.22 -16.13 -14.32
C ASN B 291 -23.36 -16.37 -15.55
N VAL B 292 -23.75 -15.80 -16.68
CA VAL B 292 -22.90 -15.83 -17.87
C VAL B 292 -21.60 -15.07 -17.61
N SER B 293 -21.68 -13.97 -16.88
CA SER B 293 -20.49 -13.19 -16.56
C SER B 293 -19.58 -13.91 -15.55
N TYR B 294 -20.14 -14.73 -14.68
CA TYR B 294 -19.32 -15.48 -13.74
C TYR B 294 -18.54 -16.58 -14.44
N PHE B 295 -19.11 -17.15 -15.50
CA PHE B 295 -18.48 -18.27 -16.19
C PHE B 295 -17.53 -17.85 -17.29
N THR B 296 -17.33 -16.55 -17.52
CA THR B 296 -16.29 -16.11 -18.42
C THR B 296 -14.92 -16.05 -17.76
N VAL B 297 -14.86 -15.76 -16.46
CA VAL B 297 -13.58 -15.67 -15.76
C VAL B 297 -13.33 -16.85 -14.83
N MET B 298 -14.33 -17.69 -14.56
CA MET B 298 -14.16 -18.82 -13.67
C MET B 298 -14.56 -20.10 -14.37
N THR B 299 -13.88 -21.18 -14.04
CA THR B 299 -14.34 -22.50 -14.41
C THR B 299 -15.42 -22.91 -13.41
N ALA B 300 -16.15 -23.98 -13.73
CA ALA B 300 -17.16 -24.47 -12.80
C ALA B 300 -16.55 -25.08 -11.54
N THR B 301 -15.26 -25.42 -11.57
CA THR B 301 -14.61 -25.89 -10.36
C THR B 301 -14.11 -24.72 -9.51
N GLU B 302 -13.71 -23.63 -10.16
CA GLU B 302 -13.26 -22.45 -9.42
C GLU B 302 -14.40 -21.74 -8.74
N LEU B 303 -15.61 -21.86 -9.26
CA LEU B 303 -16.76 -21.23 -8.62
C LEU B 303 -17.20 -22.01 -7.40
N LEU B 304 -16.99 -23.32 -7.37
CA LEU B 304 -17.35 -24.10 -6.19
C LEU B 304 -16.32 -23.91 -5.09
N GLN B 305 -15.08 -23.63 -5.46
CA GLN B 305 -13.99 -23.40 -4.51
C GLN B 305 -13.86 -21.91 -4.20
N SER B 306 -14.95 -21.27 -3.81
CA SER B 306 -14.98 -19.82 -3.65
C SER B 306 -15.82 -19.47 -2.44
N GLN B 307 -15.42 -18.41 -1.73
CA GLN B 307 -16.14 -18.02 -0.52
C GLN B 307 -17.30 -17.08 -0.84
N ALA B 308 -17.01 -16.01 -1.56
CA ALA B 308 -18.02 -15.11 -2.10
C ALA B 308 -17.78 -15.03 -3.60
N VAL B 309 -18.83 -15.24 -4.39
CA VAL B 309 -18.63 -15.48 -5.82
C VAL B 309 -18.33 -14.20 -6.58
N ALA B 310 -18.76 -13.05 -6.07
CA ALA B 310 -18.58 -11.82 -6.81
C ALA B 310 -17.30 -11.10 -6.43
N VAL B 311 -16.74 -11.41 -5.26
CA VAL B 311 -15.39 -10.96 -4.95
C VAL B 311 -14.37 -11.62 -5.86
N THR B 312 -14.51 -12.92 -6.12
CA THR B 312 -13.65 -13.62 -7.07
C THR B 312 -13.81 -13.07 -8.49
N PHE B 313 -15.00 -12.57 -8.82
CA PHE B 313 -15.17 -11.92 -10.13
C PHE B 313 -14.43 -10.60 -10.18
N GLY B 314 -14.58 -9.77 -9.15
CA GLY B 314 -13.93 -8.47 -9.11
C GLY B 314 -12.44 -8.54 -8.85
N ASP B 315 -11.90 -9.71 -8.55
CA ASP B 315 -10.47 -9.90 -8.45
C ASP B 315 -9.82 -10.31 -9.75
N ARG B 316 -10.59 -10.73 -10.75
CA ARG B 316 -10.05 -11.12 -12.05
C ARG B 316 -10.42 -10.17 -13.17
N VAL B 317 -11.24 -9.15 -12.91
CA VAL B 317 -11.67 -8.21 -13.94
C VAL B 317 -11.27 -6.78 -13.57
N LEU B 318 -11.70 -6.32 -12.41
CA LEU B 318 -11.50 -4.94 -11.97
C LEU B 318 -10.29 -4.93 -11.04
N TYR B 319 -9.09 -5.01 -11.62
CA TYR B 319 -7.93 -5.34 -10.79
C TYR B 319 -7.44 -4.18 -9.91
N PRO B 320 -7.22 -2.95 -10.39
CA PRO B 320 -6.75 -1.90 -9.46
C PRO B 320 -7.84 -1.38 -8.53
N ALA B 321 -9.10 -1.75 -8.75
CA ALA B 321 -10.23 -1.31 -7.92
C ALA B 321 -11.07 -2.52 -7.51
N SER B 322 -10.41 -3.55 -7.00
CA SER B 322 -11.10 -4.80 -6.66
C SER B 322 -11.91 -4.71 -5.38
N TRP B 323 -11.80 -3.63 -4.63
CA TRP B 323 -12.51 -3.52 -3.36
C TRP B 323 -13.90 -2.95 -3.50
N ILE B 324 -14.32 -2.54 -4.70
CA ILE B 324 -15.66 -1.98 -4.83
C ILE B 324 -16.73 -3.05 -4.81
N VAL B 325 -16.40 -4.30 -5.10
CA VAL B 325 -17.39 -5.38 -5.04
C VAL B 325 -17.64 -5.83 -3.60
N PRO B 326 -16.65 -5.98 -2.70
CA PRO B 326 -17.01 -6.18 -1.29
C PRO B 326 -17.61 -4.96 -0.61
N LEU B 327 -17.45 -3.76 -1.18
CA LEU B 327 -18.02 -2.57 -0.58
C LEU B 327 -19.48 -2.37 -0.95
N PHE B 328 -19.82 -2.51 -2.24
CA PHE B 328 -21.18 -2.26 -2.69
C PHE B 328 -22.14 -3.38 -2.35
N VAL B 329 -21.66 -4.62 -2.28
CA VAL B 329 -22.54 -5.72 -1.88
C VAL B 329 -22.82 -5.66 -0.38
N ALA B 330 -21.86 -5.17 0.41
CA ALA B 330 -22.08 -5.04 1.84
C ALA B 330 -23.01 -3.88 2.17
N PHE B 331 -23.06 -2.84 1.34
CA PHE B 331 -24.08 -1.80 1.52
C PHE B 331 -25.46 -2.32 1.15
N SER B 332 -25.55 -3.06 0.05
CA SER B 332 -26.83 -3.49 -0.47
C SER B 332 -27.44 -4.61 0.34
N THR B 333 -26.67 -5.24 1.21
CA THR B 333 -27.16 -6.37 1.98
C THR B 333 -27.74 -5.94 3.33
N ILE B 334 -27.13 -4.94 3.98
CA ILE B 334 -27.78 -4.40 5.16
C ILE B 334 -28.96 -3.51 4.80
N GLY B 335 -29.03 -3.03 3.56
CA GLY B 335 -30.23 -2.36 3.11
C GLY B 335 -31.38 -3.31 2.87
N ALA B 336 -31.08 -4.56 2.54
CA ALA B 336 -32.12 -5.57 2.43
C ALA B 336 -32.54 -6.10 3.79
N ALA B 337 -31.72 -5.91 4.81
CA ALA B 337 -32.10 -6.25 6.18
C ALA B 337 -32.75 -5.08 6.90
N ASN B 338 -32.42 -3.85 6.51
CA ASN B 338 -33.13 -2.69 7.01
C ASN B 338 -34.55 -2.64 6.45
N GLY B 339 -34.74 -3.15 5.23
CA GLY B 339 -36.05 -3.10 4.60
C GLY B 339 -37.05 -4.07 5.18
N THR B 340 -36.59 -5.15 5.78
CA THR B 340 -37.51 -6.13 6.34
C THR B 340 -37.96 -5.76 7.75
N CYS B 341 -37.33 -4.76 8.35
CA CYS B 341 -37.78 -4.26 9.64
C CYS B 341 -38.81 -3.15 9.50
N PHE B 342 -39.10 -2.69 8.28
CA PHE B 342 -40.22 -1.78 8.07
C PHE B 342 -41.53 -2.52 8.17
N THR B 343 -41.53 -3.79 7.76
CA THR B 343 -42.74 -4.60 7.66
C THR B 343 -43.09 -5.26 8.98
N ALA B 344 -42.30 -5.01 10.02
CA ALA B 344 -42.49 -5.66 11.30
C ALA B 344 -43.73 -5.12 12.01
N GLY B 345 -44.75 -5.96 12.12
CA GLY B 345 -45.97 -5.62 12.84
C GLY B 345 -47.22 -5.53 12.00
N ARG B 346 -47.15 -5.67 10.67
CA ARG B 346 -48.34 -5.53 9.85
C ARG B 346 -49.21 -6.77 9.88
N LEU B 347 -48.59 -7.95 9.76
CA LEU B 347 -49.33 -9.19 9.88
C LEU B 347 -49.62 -9.52 11.35
N ILE B 348 -48.75 -9.07 12.25
CA ILE B 348 -48.95 -9.35 13.67
C ILE B 348 -50.15 -8.58 14.20
N TYR B 349 -50.42 -7.40 13.64
CA TYR B 349 -51.59 -6.64 14.06
C TYR B 349 -52.88 -7.27 13.54
N VAL B 350 -52.88 -7.74 12.30
CA VAL B 350 -54.12 -8.23 11.70
C VAL B 350 -54.41 -9.65 12.17
N ALA B 351 -53.40 -10.38 12.64
CA ALA B 351 -53.64 -11.70 13.19
C ALA B 351 -54.09 -11.62 14.64
N GLY B 352 -53.64 -10.60 15.38
CA GLY B 352 -54.06 -10.44 16.75
C GLY B 352 -55.45 -9.88 16.89
N ARG B 353 -56.01 -9.33 15.81
CA ARG B 353 -57.37 -8.80 15.85
C ARG B 353 -58.40 -9.92 15.83
N GLU B 354 -58.01 -11.11 15.40
CA GLU B 354 -58.90 -12.27 15.43
C GLU B 354 -58.65 -13.18 16.62
N GLY B 355 -57.62 -12.90 17.41
CA GLY B 355 -57.24 -13.79 18.49
C GLY B 355 -56.28 -14.88 18.08
N HIS B 356 -55.58 -14.73 16.97
CA HIS B 356 -54.62 -15.74 16.51
C HIS B 356 -53.18 -15.37 16.81
N MET B 357 -52.93 -14.26 17.49
CA MET B 357 -51.58 -13.84 17.82
C MET B 357 -51.63 -12.98 19.08
N LEU B 358 -50.55 -13.00 19.85
CA LEU B 358 -50.43 -12.21 21.07
C LEU B 358 -50.56 -10.72 20.77
N LYS B 359 -51.19 -10.00 21.69
CA LYS B 359 -51.41 -8.58 21.48
C LYS B 359 -50.35 -7.70 22.12
N VAL B 360 -49.42 -8.28 22.89
CA VAL B 360 -48.32 -7.46 23.39
C VAL B 360 -47.37 -7.12 22.24
N LEU B 361 -47.26 -8.01 21.25
CA LEU B 361 -46.65 -7.65 19.98
C LEU B 361 -47.60 -6.74 19.21
N SER B 362 -47.04 -6.06 18.21
CA SER B 362 -47.70 -4.97 17.48
C SER B 362 -48.17 -3.86 18.42
N TYR B 363 -47.43 -3.59 19.49
CA TYR B 363 -47.57 -2.38 20.26
C TYR B 363 -46.54 -1.36 19.78
N ILE B 364 -46.83 -0.08 20.05
CA ILE B 364 -46.06 1.04 19.55
C ILE B 364 -45.44 1.76 20.74
N SER B 365 -44.16 2.10 20.64
CA SER B 365 -43.49 2.87 21.68
C SER B 365 -44.05 4.29 21.74
N VAL B 366 -44.13 4.84 22.96
CA VAL B 366 -44.69 6.19 23.11
C VAL B 366 -43.72 7.25 22.60
N ARG B 367 -42.47 7.21 23.04
CA ARG B 367 -41.39 7.96 22.42
C ARG B 367 -40.78 7.05 21.37
N ARG B 368 -40.36 7.63 20.24
CA ARG B 368 -39.78 6.90 19.11
C ARG B 368 -40.77 5.85 18.58
N LEU B 369 -41.78 6.36 17.88
CA LEU B 369 -43.01 5.65 17.57
C LEU B 369 -42.77 4.47 16.63
N THR B 370 -42.20 3.39 17.17
CA THR B 370 -41.67 2.24 16.47
C THR B 370 -42.37 0.98 16.96
N PRO B 371 -42.45 -0.07 16.14
CA PRO B 371 -42.98 -1.36 16.64
C PRO B 371 -41.93 -2.17 17.40
N ALA B 372 -41.48 -1.62 18.53
CA ALA B 372 -40.37 -2.13 19.32
C ALA B 372 -40.51 -3.55 19.90
N PRO B 373 -41.69 -4.05 20.32
CA PRO B 373 -41.72 -5.45 20.74
C PRO B 373 -41.60 -6.45 19.61
N ALA B 374 -41.94 -6.06 18.38
CA ALA B 374 -41.83 -6.99 17.27
C ALA B 374 -40.42 -7.02 16.69
N ILE B 375 -39.75 -5.87 16.66
CA ILE B 375 -38.38 -5.80 16.13
C ILE B 375 -37.42 -6.52 17.07
N ILE B 376 -37.62 -6.39 18.38
CA ILE B 376 -36.78 -7.09 19.34
C ILE B 376 -37.05 -8.59 19.31
N PHE B 377 -38.29 -8.99 19.05
CA PHE B 377 -38.61 -10.42 18.96
C PHE B 377 -38.00 -11.05 17.73
N TYR B 378 -37.92 -10.30 16.63
CA TYR B 378 -37.32 -10.86 15.42
C TYR B 378 -35.80 -10.91 15.52
N GLY B 379 -35.20 -10.00 16.28
CA GLY B 379 -33.76 -10.01 16.43
C GLY B 379 -33.26 -11.12 17.35
N ILE B 380 -34.11 -11.59 18.26
CA ILE B 380 -33.72 -12.64 19.19
C ILE B 380 -33.74 -14.00 18.50
N ILE B 381 -34.80 -14.29 17.73
CA ILE B 381 -34.92 -15.58 17.08
C ILE B 381 -33.94 -15.69 15.91
N ALA B 382 -33.61 -14.57 15.27
CA ALA B 382 -32.64 -14.61 14.18
C ALA B 382 -31.23 -14.85 14.70
N THR B 383 -30.94 -14.39 15.91
CA THR B 383 -29.65 -14.65 16.54
C THR B 383 -29.51 -16.10 16.99
N ILE B 384 -30.62 -16.74 17.39
CA ILE B 384 -30.60 -18.15 17.73
C ILE B 384 -30.35 -19.00 16.49
N TYR B 385 -30.91 -18.58 15.35
CA TYR B 385 -30.80 -19.36 14.13
C TYR B 385 -29.39 -19.39 13.55
N ILE B 386 -28.58 -18.36 13.82
CA ILE B 386 -27.23 -18.36 13.25
C ILE B 386 -26.21 -19.05 14.12
N ILE B 387 -26.59 -19.62 15.26
CA ILE B 387 -25.64 -20.40 16.04
C ILE B 387 -25.48 -21.78 15.41
N PRO B 388 -26.53 -22.48 14.94
CA PRO B 388 -26.27 -23.56 13.99
C PRO B 388 -25.96 -23.06 12.59
N GLY B 389 -26.53 -21.93 12.19
CA GLY B 389 -25.95 -21.09 11.13
C GLY B 389 -26.09 -21.67 9.73
N ASP B 390 -25.03 -21.42 8.93
CA ASP B 390 -24.81 -22.07 7.64
C ASP B 390 -25.87 -21.81 6.57
N ILE B 391 -25.77 -20.70 5.84
CA ILE B 391 -26.41 -20.62 4.53
C ILE B 391 -26.06 -21.89 3.74
N ASN B 392 -27.05 -22.42 3.01
CA ASN B 392 -27.27 -23.78 2.44
C ASN B 392 -27.86 -24.71 3.50
N SER B 393 -28.06 -24.24 4.73
CA SER B 393 -28.85 -24.99 5.69
C SER B 393 -29.94 -24.15 6.33
N LEU B 394 -29.89 -22.84 6.14
CA LEU B 394 -31.00 -21.96 6.49
C LEU B 394 -31.89 -21.69 5.30
N VAL B 395 -31.38 -21.86 4.08
CA VAL B 395 -32.19 -21.64 2.89
C VAL B 395 -33.12 -22.83 2.67
N ASN B 396 -32.67 -24.04 3.01
CA ASN B 396 -33.55 -25.21 2.98
C ASN B 396 -34.63 -25.12 4.05
N TYR B 397 -34.28 -24.58 5.22
CA TYR B 397 -35.24 -24.42 6.30
C TYR B 397 -36.27 -23.34 5.97
N PHE B 398 -35.85 -22.29 5.27
CA PHE B 398 -36.78 -21.24 4.88
C PHE B 398 -37.71 -21.70 3.77
N SER B 399 -37.15 -22.34 2.73
CA SER B 399 -37.92 -22.64 1.53
C SER B 399 -38.88 -23.79 1.75
N PHE B 400 -38.68 -24.59 2.79
CA PHE B 400 -39.62 -25.65 3.06
C PHE B 400 -40.90 -25.11 3.68
N ALA B 401 -40.80 -24.13 4.57
CA ALA B 401 -42.00 -23.55 5.16
C ALA B 401 -42.65 -22.51 4.26
N ALA B 402 -41.88 -21.84 3.42
CA ALA B 402 -42.45 -20.83 2.56
C ALA B 402 -43.26 -21.47 1.42
N TRP B 403 -42.73 -22.53 0.82
CA TRP B 403 -43.40 -23.17 -0.30
C TRP B 403 -44.48 -24.15 0.14
N LEU B 404 -44.56 -24.46 1.43
CA LEU B 404 -45.72 -25.17 1.94
C LEU B 404 -46.93 -24.26 2.00
N PHE B 405 -46.72 -22.96 2.24
CA PHE B 405 -47.81 -22.01 2.33
C PHE B 405 -48.02 -21.21 1.05
N TYR B 406 -47.05 -21.17 0.14
CA TYR B 406 -47.35 -20.71 -1.21
C TYR B 406 -48.23 -21.73 -1.92
N GLY B 407 -48.03 -23.01 -1.62
CA GLY B 407 -48.83 -24.04 -2.26
C GLY B 407 -50.24 -24.13 -1.71
N LEU B 408 -50.41 -23.82 -0.42
CA LEU B 408 -51.75 -23.82 0.15
C LEU B 408 -52.53 -22.59 -0.29
N THR B 409 -51.84 -21.49 -0.57
CA THR B 409 -52.51 -20.25 -0.97
C THR B 409 -52.98 -20.32 -2.42
N ILE B 410 -52.13 -20.82 -3.31
CA ILE B 410 -52.48 -20.93 -4.72
C ILE B 410 -53.54 -22.02 -4.93
N LEU B 411 -53.52 -23.08 -4.11
CA LEU B 411 -54.61 -24.05 -4.13
C LEU B 411 -55.92 -23.43 -3.67
N GLY B 412 -55.85 -22.44 -2.77
CA GLY B 412 -57.04 -21.71 -2.38
C GLY B 412 -57.62 -20.82 -3.46
N LEU B 413 -56.84 -20.50 -4.49
CA LEU B 413 -57.41 -19.81 -5.64
C LEU B 413 -58.31 -20.73 -6.44
N ILE B 414 -57.99 -22.02 -6.49
CA ILE B 414 -58.79 -22.98 -7.23
C ILE B 414 -59.98 -23.45 -6.40
N VAL B 415 -59.82 -23.54 -5.08
CA VAL B 415 -60.93 -23.90 -4.20
C VAL B 415 -61.99 -22.81 -4.21
N MET B 416 -61.57 -21.55 -4.27
CA MET B 416 -62.50 -20.45 -4.31
C MET B 416 -63.10 -20.21 -5.70
N ARG B 417 -62.77 -21.03 -6.69
CA ARG B 417 -63.48 -20.99 -7.96
C ARG B 417 -64.69 -21.91 -7.98
N PHE B 418 -64.78 -22.81 -7.01
CA PHE B 418 -65.94 -23.67 -6.85
C PHE B 418 -66.77 -23.32 -5.62
N THR B 419 -66.15 -22.75 -4.58
CA THR B 419 -66.83 -22.46 -3.33
C THR B 419 -67.21 -21.00 -3.17
N ARG B 420 -66.38 -20.08 -3.64
CA ARG B 420 -66.55 -18.66 -3.37
C ARG B 420 -66.77 -17.88 -4.65
N LYS B 421 -67.68 -18.36 -5.48
CA LYS B 421 -68.10 -17.62 -6.66
C LYS B 421 -68.92 -16.39 -6.26
N GLU B 422 -69.35 -15.63 -7.29
CA GLU B 422 -70.09 -14.37 -7.14
C GLU B 422 -69.32 -13.37 -6.28
N LEU B 423 -68.02 -13.20 -6.56
CA LEU B 423 -67.14 -12.46 -5.66
C LEU B 423 -66.32 -11.38 -6.36
N GLU B 424 -66.62 -11.08 -7.63
CA GLU B 424 -66.09 -9.93 -8.38
C GLU B 424 -64.56 -10.00 -8.49
N ARG B 425 -64.12 -10.90 -9.36
CA ARG B 425 -62.72 -10.97 -9.76
C ARG B 425 -62.43 -10.05 -10.92
N PRO B 426 -61.77 -8.90 -10.70
CA PRO B 426 -61.39 -8.05 -11.85
C PRO B 426 -60.25 -8.64 -12.66
N ILE B 427 -59.21 -9.13 -12.00
CA ILE B 427 -58.17 -9.91 -12.66
C ILE B 427 -58.55 -11.37 -12.51
N LYS B 428 -58.43 -12.13 -13.60
CA LYS B 428 -58.79 -13.54 -13.61
C LYS B 428 -57.83 -14.27 -14.53
N VAL B 429 -56.86 -14.97 -13.95
CA VAL B 429 -55.84 -15.66 -14.73
C VAL B 429 -56.46 -16.94 -15.31
N PRO B 430 -55.94 -17.48 -16.41
CA PRO B 430 -56.43 -18.77 -16.89
C PRO B 430 -56.12 -19.87 -15.89
N VAL B 431 -57.00 -20.88 -15.85
CA VAL B 431 -56.99 -21.89 -14.79
C VAL B 431 -55.77 -22.80 -14.84
N VAL B 432 -55.09 -22.89 -15.98
CA VAL B 432 -53.91 -23.74 -16.09
C VAL B 432 -52.71 -23.16 -15.33
N ILE B 433 -52.72 -21.88 -15.00
CA ILE B 433 -51.61 -21.23 -14.30
C ILE B 433 -51.61 -21.56 -12.81
N PRO B 434 -52.71 -21.50 -12.04
CA PRO B 434 -52.63 -21.99 -10.66
C PRO B 434 -52.58 -23.50 -10.53
N VAL B 435 -52.88 -24.26 -11.58
CA VAL B 435 -52.76 -25.71 -11.49
C VAL B 435 -51.31 -26.13 -11.59
N LEU B 436 -50.55 -25.49 -12.50
CA LEU B 436 -49.12 -25.79 -12.60
C LEU B 436 -48.36 -25.25 -11.40
N MET B 437 -48.81 -24.15 -10.82
CA MET B 437 -48.11 -23.59 -9.67
C MET B 437 -48.38 -24.36 -8.39
N THR B 438 -49.45 -25.16 -8.34
CA THR B 438 -49.70 -25.96 -7.14
C THR B 438 -49.20 -27.40 -7.33
N LEU B 439 -48.81 -27.76 -8.56
CA LEU B 439 -48.19 -29.05 -8.77
C LEU B 439 -46.69 -28.97 -8.57
N ILE B 440 -46.07 -27.83 -8.88
CA ILE B 440 -44.66 -27.64 -8.56
C ILE B 440 -44.51 -27.41 -7.06
N SER B 441 -45.52 -26.85 -6.40
CA SER B 441 -45.43 -26.57 -4.99
C SER B 441 -45.50 -27.82 -4.13
N VAL B 442 -46.01 -28.92 -4.65
CA VAL B 442 -45.91 -30.18 -3.92
C VAL B 442 -44.67 -30.96 -4.37
N PHE B 443 -44.12 -30.59 -5.52
CA PHE B 443 -42.83 -31.17 -5.92
C PHE B 443 -41.70 -30.53 -5.14
N LEU B 444 -41.83 -29.25 -4.78
CA LEU B 444 -40.80 -28.57 -4.02
C LEU B 444 -40.92 -28.84 -2.53
N VAL B 445 -41.94 -29.56 -2.09
CA VAL B 445 -42.09 -29.91 -0.69
C VAL B 445 -41.78 -31.37 -0.46
N LEU B 446 -42.30 -32.26 -1.29
CA LEU B 446 -42.14 -33.69 -1.06
C LEU B 446 -40.80 -34.24 -1.50
N ALA B 447 -40.20 -33.69 -2.57
CA ALA B 447 -38.98 -34.27 -3.11
C ALA B 447 -37.72 -34.10 -2.26
N PRO B 448 -37.51 -33.01 -1.49
CA PRO B 448 -36.41 -33.06 -0.52
C PRO B 448 -36.63 -34.00 0.65
N ILE B 449 -37.86 -34.20 1.09
CA ILE B 449 -38.13 -35.01 2.28
C ILE B 449 -38.33 -36.48 1.93
N ILE B 450 -38.21 -36.84 0.65
CA ILE B 450 -38.20 -38.22 0.21
C ILE B 450 -36.80 -38.68 -0.20
N SER B 451 -36.10 -37.89 -1.00
CA SER B 451 -34.82 -38.32 -1.56
C SER B 451 -33.63 -37.92 -0.70
N LYS B 452 -33.55 -36.66 -0.24
CA LYS B 452 -32.41 -36.17 0.52
C LYS B 452 -32.86 -35.61 1.87
N PRO B 453 -33.23 -36.48 2.82
CA PRO B 453 -33.78 -35.97 4.08
C PRO B 453 -32.68 -35.61 5.06
N THR B 454 -32.64 -34.35 5.47
CA THR B 454 -31.73 -33.87 6.49
C THR B 454 -32.52 -33.49 7.73
N TRP B 455 -31.84 -32.90 8.71
CA TRP B 455 -32.47 -32.67 10.01
C TRP B 455 -33.35 -31.42 10.06
N GLU B 456 -33.21 -30.50 9.11
CA GLU B 456 -34.00 -29.28 9.14
C GLU B 456 -35.45 -29.50 8.76
N TYR B 457 -35.72 -30.51 7.93
CA TYR B 457 -37.09 -30.88 7.57
C TYR B 457 -37.81 -31.59 8.70
N LEU B 458 -37.12 -31.97 9.76
CA LEU B 458 -37.78 -32.43 10.98
C LEU B 458 -38.01 -31.26 11.95
N TYR B 459 -37.03 -30.36 12.07
CA TYR B 459 -37.19 -29.23 12.96
C TYR B 459 -38.14 -28.17 12.43
N CYS B 460 -38.45 -28.21 11.14
CA CYS B 460 -39.43 -27.28 10.58
C CYS B 460 -40.84 -27.84 10.70
N VAL B 461 -41.01 -29.16 10.52
CA VAL B 461 -42.31 -29.78 10.68
C VAL B 461 -42.74 -29.75 12.14
N LEU B 462 -41.81 -30.02 13.07
CA LEU B 462 -42.15 -30.00 14.48
C LEU B 462 -42.39 -28.60 15.01
N PHE B 463 -41.87 -27.56 14.35
CA PHE B 463 -42.18 -26.20 14.79
C PHE B 463 -43.52 -25.72 14.25
N ILE B 464 -43.96 -26.26 13.11
CA ILE B 464 -45.27 -25.91 12.58
C ILE B 464 -46.36 -26.70 13.29
N LEU B 465 -46.13 -27.99 13.54
CA LEU B 465 -47.08 -28.77 14.33
C LEU B 465 -47.06 -28.40 15.80
N SER B 466 -46.04 -27.69 16.28
CA SER B 466 -46.11 -27.13 17.63
C SER B 466 -47.16 -26.05 17.72
N GLY B 467 -47.40 -25.32 16.63
CA GLY B 467 -48.45 -24.33 16.62
C GLY B 467 -49.84 -24.94 16.62
N LEU B 468 -49.97 -26.16 16.09
CA LEU B 468 -51.27 -26.81 16.07
C LEU B 468 -51.70 -27.26 17.46
N LEU B 469 -50.74 -27.41 18.38
CA LEU B 469 -51.12 -27.59 19.78
C LEU B 469 -51.62 -26.30 20.39
N PHE B 470 -50.97 -25.17 20.07
CA PHE B 470 -51.37 -23.89 20.63
C PHE B 470 -52.68 -23.37 20.07
N TYR B 471 -53.13 -23.91 18.94
CA TYR B 471 -54.46 -23.56 18.46
C TYR B 471 -55.54 -24.19 19.32
N PHE B 472 -55.35 -25.44 19.71
CA PHE B 472 -56.39 -26.17 20.43
C PHE B 472 -56.37 -25.93 21.92
N LEU B 473 -55.50 -25.06 22.44
CA LEU B 473 -55.52 -24.71 23.85
C LEU B 473 -55.78 -23.25 24.10
N PHE B 474 -55.57 -22.38 23.13
CA PHE B 474 -55.70 -20.95 23.33
C PHE B 474 -56.71 -20.28 22.41
N VAL B 475 -57.15 -20.95 21.34
CA VAL B 475 -58.07 -20.34 20.40
C VAL B 475 -59.35 -21.18 20.32
N HIS B 476 -59.21 -22.48 20.08
CA HIS B 476 -60.38 -23.31 19.90
C HIS B 476 -61.04 -23.67 21.23
N TYR B 477 -60.25 -24.02 22.23
CA TYR B 477 -60.83 -24.37 23.52
C TYR B 477 -60.40 -23.40 24.62
N LYS B 478 -60.75 -22.13 24.45
CA LYS B 478 -60.41 -21.12 25.43
C LYS B 478 -60.74 -21.59 26.85
N PHE B 479 -59.70 -21.89 27.63
CA PHE B 479 -59.87 -22.35 29.01
C PHE B 479 -59.87 -21.17 29.97
N GLY B 480 -59.60 -21.45 31.24
CA GLY B 480 -59.54 -20.42 32.26
C GLY B 480 -58.15 -19.90 32.54
N TRP B 481 -57.15 -20.76 32.50
CA TRP B 481 -55.78 -20.40 32.85
C TRP B 481 -55.04 -19.72 31.71
N ALA B 482 -55.70 -19.48 30.58
CA ALA B 482 -55.02 -18.88 29.43
C ALA B 482 -54.88 -17.37 29.56
N GLN B 483 -55.96 -16.66 29.87
CA GLN B 483 -55.91 -15.21 29.87
C GLN B 483 -55.30 -14.65 31.14
N LYS B 484 -55.10 -15.48 32.16
CA LYS B 484 -54.36 -15.05 33.35
C LYS B 484 -52.89 -15.42 33.27
N ILE B 485 -52.41 -15.81 32.09
CA ILE B 485 -50.99 -15.85 31.78
C ILE B 485 -50.74 -14.73 30.78
N SER B 486 -51.69 -14.55 29.86
CA SER B 486 -51.51 -13.58 28.78
C SER B 486 -51.62 -12.14 29.26
N LYS B 487 -52.45 -11.87 30.26
CA LYS B 487 -52.63 -10.51 30.73
C LYS B 487 -51.54 -9.98 31.68
N PRO B 488 -51.00 -10.75 32.65
CA PRO B 488 -49.87 -10.18 33.41
C PRO B 488 -48.59 -10.04 32.60
N ILE B 489 -48.38 -10.88 31.59
CA ILE B 489 -47.20 -10.73 30.72
C ILE B 489 -47.33 -9.47 29.88
N THR B 490 -48.53 -9.21 29.36
CA THR B 490 -48.78 -8.00 28.58
C THR B 490 -48.68 -6.76 29.45
N MET B 491 -49.11 -6.85 30.71
CA MET B 491 -49.06 -5.72 31.62
C MET B 491 -47.64 -5.38 32.04
N HIS B 492 -46.80 -6.38 32.32
CA HIS B 492 -45.45 -6.13 32.77
C HIS B 492 -44.48 -5.83 31.64
N LEU B 493 -44.73 -6.33 30.44
CA LEU B 493 -43.96 -5.90 29.28
C LEU B 493 -44.38 -4.55 28.77
N GLN B 494 -45.50 -4.02 29.27
CA GLN B 494 -45.94 -2.69 28.87
C GLN B 494 -45.19 -1.62 29.64
N MET B 495 -44.96 -1.84 30.94
CA MET B 495 -44.21 -0.88 31.73
C MET B 495 -42.71 -0.98 31.48
N LEU B 496 -42.23 -2.10 30.94
CA LEU B 496 -40.80 -2.24 30.73
C LEU B 496 -40.33 -1.52 29.47
N MET B 497 -41.08 -1.65 28.38
CA MET B 497 -40.68 -1.08 27.10
C MET B 497 -41.38 0.24 26.79
N GLU B 498 -42.27 0.70 27.67
CA GLU B 498 -43.24 1.81 27.46
C GLU B 498 -43.89 1.74 26.07
N VAL B 499 -44.68 0.69 25.86
CA VAL B 499 -45.37 0.51 24.58
C VAL B 499 -46.87 0.48 24.82
N VAL B 500 -47.60 1.15 23.94
CA VAL B 500 -49.06 1.26 24.09
C VAL B 500 -49.75 0.58 22.92
N PRO B 501 -51.04 0.29 23.01
CA PRO B 501 -51.82 -0.02 21.81
C PRO B 501 -51.78 1.15 20.85
N PRO B 502 -51.70 0.81 19.56
CA PRO B 502 -51.65 1.80 18.49
C PRO B 502 -53.00 2.47 18.30
N GLU B 503 -53.11 3.73 18.72
CA GLU B 503 -54.34 4.48 18.58
C GLU B 503 -54.76 4.38 17.13
N GLU B 504 -55.37 3.24 16.78
CA GLU B 504 -55.75 3.03 15.40
C GLU B 504 -57.02 2.21 15.15
N ASP B 505 -57.35 2.15 13.86
CA ASP B 505 -58.47 1.45 13.28
C ASP B 505 -57.86 0.40 12.35
N PRO B 506 -58.66 -0.51 11.83
CA PRO B 506 -58.16 -1.56 10.92
C PRO B 506 -57.20 -0.98 9.88
N GLU B 507 -57.33 0.30 9.59
CA GLU B 507 -56.48 0.97 8.62
C GLU B 507 -57.00 2.36 8.27
N GLN C 77 -51.05 41.37 -11.29
CA GLN C 77 -49.91 41.93 -12.01
C GLN C 77 -48.66 41.98 -11.14
N PRO C 78 -47.50 41.70 -11.73
CA PRO C 78 -46.25 41.69 -10.95
C PRO C 78 -45.82 43.10 -10.59
N TYR C 79 -45.90 43.44 -9.29
CA TYR C 79 -45.56 44.81 -8.95
C TYR C 79 -44.16 45.00 -8.39
N ALA C 80 -43.91 44.63 -7.13
CA ALA C 80 -42.56 44.72 -6.59
C ALA C 80 -42.26 43.60 -5.61
N GLY C 81 -43.23 43.27 -4.77
CA GLY C 81 -43.02 42.44 -3.61
C GLY C 81 -44.07 41.35 -3.51
N MET C 82 -44.41 40.76 -4.67
CA MET C 82 -45.41 39.74 -4.93
C MET C 82 -45.46 38.65 -3.87
N PRO C 83 -46.64 38.25 -3.43
CA PRO C 83 -46.73 37.07 -2.57
C PRO C 83 -46.65 35.78 -3.37
N LYS C 84 -46.80 34.65 -2.69
CA LYS C 84 -46.79 33.35 -3.32
C LYS C 84 -47.94 33.17 -4.32
N GLU C 85 -49.10 33.78 -4.08
CA GLU C 85 -50.27 33.60 -4.92
C GLU C 85 -50.18 34.35 -6.24
N VAL C 86 -49.40 35.42 -6.32
CA VAL C 86 -49.26 36.17 -7.57
C VAL C 86 -48.06 35.70 -8.36
N LEU C 87 -47.03 35.19 -7.67
CA LEU C 87 -45.76 34.86 -8.31
C LEU C 87 -45.88 33.63 -9.20
N PHE C 88 -46.70 32.66 -8.81
CA PHE C 88 -46.80 31.41 -9.56
C PHE C 88 -47.49 31.58 -10.90
N GLN C 89 -48.17 32.70 -11.14
CA GLN C 89 -48.78 32.96 -12.43
C GLN C 89 -47.77 33.36 -13.49
N PHE C 90 -46.54 33.70 -13.10
CA PHE C 90 -45.56 34.23 -14.03
C PHE C 90 -44.21 33.54 -14.01
N SER C 91 -43.82 32.91 -12.91
CA SER C 91 -42.54 32.23 -12.86
C SER C 91 -42.56 30.89 -13.58
N GLY C 92 -43.73 30.41 -13.97
CA GLY C 92 -43.84 29.22 -14.78
C GLY C 92 -43.75 29.43 -16.26
N GLN C 93 -43.46 30.66 -16.69
CA GLN C 93 -43.36 30.99 -18.11
C GLN C 93 -42.11 30.40 -18.71
N ALA C 94 -41.98 30.56 -20.03
CA ALA C 94 -40.82 30.00 -20.72
C ALA C 94 -39.58 30.83 -20.50
N ARG C 95 -39.72 32.16 -20.40
CA ARG C 95 -38.55 33.02 -20.28
C ARG C 95 -38.00 33.11 -18.87
N TYR C 96 -38.60 32.43 -17.91
CA TYR C 96 -38.05 32.34 -16.57
C TYR C 96 -37.86 30.92 -16.07
N ARG C 97 -38.31 29.91 -16.81
CA ARG C 97 -38.06 28.54 -16.40
C ARG C 97 -36.72 28.05 -16.96
N ILE C 98 -36.47 28.27 -18.24
CA ILE C 98 -35.20 27.81 -18.81
C ILE C 98 -33.96 28.63 -18.40
N PRO C 99 -33.97 29.94 -18.10
CA PRO C 99 -32.73 30.51 -17.50
C PRO C 99 -32.57 30.20 -16.03
N ARG C 100 -33.55 29.56 -15.41
CA ARG C 100 -33.38 29.10 -14.04
C ARG C 100 -32.87 27.67 -14.00
N GLU C 101 -33.32 26.82 -14.94
CA GLU C 101 -32.86 25.45 -14.97
C GLU C 101 -31.50 25.30 -15.61
N ILE C 102 -31.15 26.16 -16.58
CA ILE C 102 -29.81 26.12 -17.16
C ILE C 102 -28.76 26.55 -16.14
N LEU C 103 -29.02 27.66 -15.44
CA LEU C 103 -28.06 28.18 -14.48
C LEU C 103 -27.89 27.28 -13.26
N PHE C 104 -28.88 26.46 -12.93
CA PHE C 104 -28.68 25.51 -11.84
C PHE C 104 -27.84 24.33 -12.29
N TRP C 105 -28.14 23.77 -13.46
CA TRP C 105 -27.39 22.60 -13.93
C TRP C 105 -26.04 22.98 -14.51
N LEU C 106 -25.77 24.26 -14.76
CA LEU C 106 -24.41 24.69 -15.06
C LEU C 106 -23.61 25.01 -13.81
N THR C 107 -24.21 24.91 -12.63
CA THR C 107 -23.48 25.12 -11.40
C THR C 107 -23.00 23.80 -10.81
N VAL C 108 -23.86 22.79 -10.77
CA VAL C 108 -23.42 21.48 -10.31
C VAL C 108 -22.58 20.76 -11.36
N ALA C 109 -22.58 21.22 -12.62
CA ALA C 109 -21.63 20.72 -13.58
C ALA C 109 -20.30 21.45 -13.49
N SER C 110 -20.28 22.67 -12.96
CA SER C 110 -19.02 23.33 -12.68
C SER C 110 -18.36 22.79 -11.42
N VAL C 111 -19.13 22.21 -10.50
CA VAL C 111 -18.52 21.54 -9.37
C VAL C 111 -17.85 20.25 -9.81
N LEU C 112 -18.50 19.50 -10.69
CA LEU C 112 -17.93 18.23 -11.13
C LEU C 112 -16.76 18.42 -12.07
N VAL C 113 -16.68 19.56 -12.77
CA VAL C 113 -15.52 19.82 -13.60
C VAL C 113 -14.35 20.31 -12.76
N LEU C 114 -14.62 21.15 -11.76
CA LEU C 114 -13.56 21.67 -10.91
C LEU C 114 -12.95 20.60 -10.01
N ILE C 115 -13.70 19.54 -9.71
CA ILE C 115 -13.10 18.41 -9.00
C ILE C 115 -12.34 17.53 -9.99
N ALA C 116 -12.87 17.37 -11.19
CA ALA C 116 -12.18 16.56 -12.20
C ALA C 116 -10.98 17.28 -12.79
N ALA C 117 -10.87 18.60 -12.60
CA ALA C 117 -9.63 19.28 -12.94
C ALA C 117 -8.64 19.22 -11.78
N THR C 118 -9.13 19.11 -10.56
CA THR C 118 -8.25 19.01 -9.41
C THR C 118 -7.60 17.64 -9.34
N ILE C 119 -8.37 16.58 -9.59
CA ILE C 119 -7.84 15.22 -9.56
C ILE C 119 -6.93 14.96 -10.75
N ALA C 120 -7.18 15.60 -11.89
CA ALA C 120 -6.35 15.37 -13.06
C ALA C 120 -4.98 16.00 -12.92
N ILE C 121 -4.88 17.16 -12.24
CA ILE C 121 -3.59 17.79 -12.08
C ILE C 121 -2.76 17.09 -11.00
N ILE C 122 -3.40 16.64 -9.92
CA ILE C 122 -2.70 15.91 -8.87
C ILE C 122 -2.22 14.56 -9.38
N ALA C 123 -3.01 13.90 -10.22
CA ALA C 123 -2.57 12.62 -10.76
C ALA C 123 -1.50 12.76 -11.83
N LEU C 124 -1.51 13.85 -12.59
CA LEU C 124 -0.52 14.05 -13.64
C LEU C 124 0.69 14.85 -13.20
N SER C 125 0.77 15.25 -11.94
CA SER C 125 1.95 16.00 -11.53
C SER C 125 3.12 15.07 -11.30
N PRO C 126 4.34 15.48 -11.62
CA PRO C 126 5.49 14.61 -11.38
C PRO C 126 5.90 14.66 -9.92
N LYS C 127 6.63 13.64 -9.51
CA LYS C 127 7.27 13.68 -8.20
C LYS C 127 8.36 14.74 -8.21
N CYS C 128 8.22 15.76 -7.38
CA CYS C 128 9.23 16.81 -7.47
C CYS C 128 10.48 16.38 -6.73
N LEU C 129 11.58 17.09 -7.01
CA LEU C 129 12.92 16.60 -6.72
C LEU C 129 13.21 16.51 -5.23
N ASP C 130 14.03 15.53 -4.86
CA ASP C 130 14.57 15.46 -3.52
C ASP C 130 15.62 16.54 -3.32
N TRP C 131 16.05 16.67 -2.07
CA TRP C 131 17.04 17.69 -1.73
C TRP C 131 18.42 17.36 -2.29
N TRP C 132 18.75 16.08 -2.44
CA TRP C 132 20.05 15.70 -2.98
C TRP C 132 20.10 15.79 -4.51
N GLN C 133 18.97 16.05 -5.15
CA GLN C 133 18.95 16.31 -6.59
C GLN C 133 18.84 17.80 -6.91
N GLU C 134 18.49 18.63 -5.93
CA GLU C 134 18.18 20.02 -6.20
C GLU C 134 19.42 20.87 -6.41
N GLY C 135 20.31 20.89 -5.43
CA GLY C 135 21.43 21.79 -5.46
C GLY C 135 22.77 21.12 -5.34
N PRO C 136 23.84 21.91 -5.41
CA PRO C 136 25.19 21.32 -5.35
C PRO C 136 25.61 20.91 -3.95
N MET C 137 26.56 19.98 -3.91
CA MET C 137 27.20 19.56 -2.67
C MET C 137 28.55 20.25 -2.53
N TYR C 138 28.97 20.44 -1.28
CA TYR C 138 30.22 21.11 -0.95
C TYR C 138 31.00 20.18 -0.02
N GLN C 139 32.16 19.71 -0.48
CA GLN C 139 32.96 18.76 0.27
C GLN C 139 34.01 19.50 1.10
N ILE C 140 34.00 19.29 2.40
CA ILE C 140 34.87 20.00 3.33
C ILE C 140 35.81 18.99 3.97
N TYR C 141 37.12 19.26 3.88
CA TYR C 141 38.10 18.59 4.71
C TYR C 141 38.17 19.34 6.03
N PRO C 142 37.67 18.78 7.14
CA PRO C 142 37.40 19.61 8.32
C PRO C 142 38.63 20.07 9.08
N ARG C 143 39.80 19.45 8.87
CA ARG C 143 41.01 19.91 9.52
C ARG C 143 41.59 21.15 8.86
N SER C 144 41.17 21.47 7.63
CA SER C 144 41.76 22.55 6.87
C SER C 144 40.77 23.64 6.50
N PHE C 145 39.65 23.77 7.21
CA PHE C 145 38.64 24.74 6.84
C PHE C 145 38.71 26.01 7.69
N LYS C 146 38.56 25.89 9.00
CA LYS C 146 38.58 27.08 9.86
C LYS C 146 38.96 26.66 11.27
N ASP C 147 40.02 27.25 11.79
CA ASP C 147 40.44 27.04 13.17
C ASP C 147 39.83 28.12 14.05
N SER C 148 39.18 27.71 15.14
CA SER C 148 38.49 28.65 16.01
C SER C 148 39.08 28.78 17.41
N ASN C 149 39.83 27.77 17.87
CA ASN C 149 40.38 27.78 19.23
C ASN C 149 41.90 27.91 19.23
N LYS C 150 42.47 28.48 18.16
CA LYS C 150 43.90 28.81 17.96
C LYS C 150 44.87 27.69 18.36
N ASP C 151 44.56 26.47 17.90
CA ASP C 151 45.45 25.34 18.09
C ASP C 151 46.05 24.81 16.79
N GLY C 152 45.76 25.44 15.65
CA GLY C 152 46.34 25.04 14.38
C GLY C 152 45.51 24.10 13.55
N ASN C 153 44.48 23.47 14.12
CA ASN C 153 43.65 22.51 13.42
C ASN C 153 42.26 23.09 13.19
N GLY C 154 41.66 22.75 12.05
CA GLY C 154 40.27 23.11 11.83
C GLY C 154 39.35 22.27 12.69
N ASP C 155 38.27 22.89 13.16
CA ASP C 155 37.32 22.23 14.03
C ASP C 155 35.92 22.40 13.51
N LEU C 156 34.97 21.72 14.15
CA LEU C 156 33.58 21.79 13.73
C LEU C 156 32.94 23.12 14.12
N LYS C 157 33.47 23.77 15.15
CA LYS C 157 33.01 25.11 15.51
C LYS C 157 33.41 26.14 14.45
N GLY C 158 34.55 25.94 13.81
CA GLY C 158 34.96 26.84 12.74
C GLY C 158 34.12 26.71 11.48
N ILE C 159 33.56 25.52 11.24
CA ILE C 159 32.64 25.35 10.11
C ILE C 159 31.33 26.07 10.38
N GLN C 160 30.88 26.06 11.64
CA GLN C 160 29.64 26.71 12.02
C GLN C 160 29.72 28.23 11.87
N ASP C 161 30.90 28.81 12.09
CA ASP C 161 31.08 30.25 11.91
C ASP C 161 31.17 30.67 10.46
N LYS C 162 31.33 29.72 9.53
CA LYS C 162 31.46 30.02 8.12
C LYS C 162 30.27 29.55 7.31
N LEU C 163 29.12 29.31 7.96
CA LEU C 163 27.94 28.85 7.24
C LEU C 163 27.29 29.96 6.43
N ASP C 164 27.57 31.22 6.75
CA ASP C 164 27.06 32.31 5.93
C ASP C 164 27.79 32.39 4.60
N TYR C 165 29.05 31.98 4.56
CA TYR C 165 29.80 31.94 3.31
C TYR C 165 29.29 30.83 2.41
N ILE C 166 28.85 29.72 3.00
CA ILE C 166 28.43 28.55 2.24
C ILE C 166 27.07 28.77 1.61
N THR C 167 26.16 29.44 2.33
CA THR C 167 24.86 29.76 1.74
C THR C 167 24.96 30.84 0.67
N ALA C 168 25.99 31.69 0.72
CA ALA C 168 26.23 32.65 -0.34
C ALA C 168 26.81 32.02 -1.60
N LEU C 169 27.26 30.77 -1.52
CA LEU C 169 27.65 30.01 -2.70
C LEU C 169 26.49 29.24 -3.31
N ASN C 170 25.29 29.41 -2.77
CA ASN C 170 24.06 28.70 -3.20
C ASN C 170 24.21 27.20 -3.09
N ILE C 171 24.77 26.74 -1.99
CA ILE C 171 25.06 25.34 -1.73
C ILE C 171 23.90 24.73 -0.98
N LYS C 172 23.49 23.53 -1.36
CA LYS C 172 22.44 22.82 -0.63
C LYS C 172 23.00 21.88 0.45
N THR C 173 23.97 21.04 0.10
CA THR C 173 24.45 19.99 0.98
C THR C 173 25.89 20.25 1.39
N VAL C 174 26.19 20.05 2.66
CA VAL C 174 27.57 20.08 3.17
C VAL C 174 28.02 18.64 3.39
N TRP C 175 29.14 18.27 2.78
CA TRP C 175 29.73 16.95 2.92
C TRP C 175 31.00 17.11 3.74
N ILE C 176 31.02 16.52 4.93
CA ILE C 176 32.17 16.55 5.81
C ILE C 176 32.79 15.16 5.82
N THR C 177 34.10 15.10 5.59
CA THR C 177 34.81 13.82 5.60
C THR C 177 35.08 13.40 7.04
N SER C 178 35.92 12.37 7.21
CA SER C 178 35.97 11.61 8.46
C SER C 178 36.50 12.42 9.63
N PHE C 179 35.69 12.52 10.68
CA PHE C 179 36.07 13.20 11.92
C PHE C 179 35.92 12.29 13.14
N TYR C 180 35.86 10.98 12.93
CA TYR C 180 35.76 10.05 14.04
C TYR C 180 37.05 10.00 14.85
N LYS C 181 36.97 9.43 16.04
CA LYS C 181 38.14 9.24 16.88
C LYS C 181 39.03 8.17 16.26
N SER C 182 40.22 8.57 15.84
CA SER C 182 41.05 7.76 14.97
C SER C 182 42.47 7.66 15.50
N SER C 183 43.13 6.54 15.18
CA SER C 183 44.58 6.44 15.31
C SER C 183 45.28 6.85 14.04
N LEU C 184 44.67 6.61 12.89
CA LEU C 184 45.24 6.91 11.59
C LEU C 184 44.27 7.83 10.87
N LYS C 185 44.74 9.00 10.44
CA LYS C 185 43.90 9.99 9.80
C LYS C 185 44.16 10.07 8.30
N ASP C 186 44.83 9.08 7.73
CA ASP C 186 44.93 8.91 6.29
C ASP C 186 44.82 7.41 6.02
N PHE C 187 45.08 7.03 4.76
CA PHE C 187 45.09 5.63 4.30
C PHE C 187 43.76 4.93 4.59
N ARG C 188 42.67 5.60 4.20
CA ARG C 188 41.28 5.16 4.42
C ARG C 188 40.93 4.98 5.89
N TYR C 189 41.56 5.78 6.78
CA TYR C 189 41.03 6.11 8.11
C TYR C 189 40.80 4.99 9.12
N GLY C 190 41.86 4.44 9.72
CA GLY C 190 41.69 3.57 10.87
C GLY C 190 41.03 4.21 12.09
N VAL C 191 39.86 3.71 12.50
CA VAL C 191 38.98 4.39 13.46
C VAL C 191 38.97 3.63 14.78
N GLU C 192 39.11 4.36 15.89
CA GLU C 192 39.09 3.80 17.24
C GLU C 192 37.69 3.74 17.84
N ASP C 193 36.87 4.76 17.65
CA ASP C 193 35.53 4.80 18.22
C ASP C 193 34.59 5.40 17.18
N PHE C 194 33.62 4.61 16.74
CA PHE C 194 32.71 5.04 15.68
C PHE C 194 31.64 6.01 16.18
N ARG C 195 31.47 6.15 17.49
CA ARG C 195 30.44 7.01 18.05
C ARG C 195 31.01 8.23 18.77
N GLU C 196 32.27 8.59 18.50
CA GLU C 196 32.88 9.73 19.14
C GLU C 196 33.56 10.61 18.09
N VAL C 197 33.66 11.89 18.41
CA VAL C 197 34.39 12.84 17.60
C VAL C 197 35.83 12.87 18.06
N ASP C 198 36.76 13.05 17.12
CA ASP C 198 38.17 13.15 17.47
C ASP C 198 38.40 14.48 18.20
N PRO C 199 39.25 14.49 19.24
CA PRO C 199 39.38 15.70 20.07
C PRO C 199 40.02 16.89 19.37
N ILE C 200 40.65 16.73 18.21
CA ILE C 200 41.16 17.88 17.48
C ILE C 200 40.09 18.61 16.70
N PHE C 201 38.90 18.04 16.58
CA PHE C 201 37.77 18.67 15.91
C PHE C 201 36.74 19.22 16.87
N GLY C 202 36.80 18.85 18.14
CA GLY C 202 35.84 19.31 19.12
C GLY C 202 35.24 18.18 19.93
N THR C 203 34.08 18.41 20.50
CA THR C 203 33.38 17.42 21.30
C THR C 203 32.10 16.99 20.60
N MET C 204 31.32 16.14 21.27
CA MET C 204 30.01 15.77 20.74
C MET C 204 29.02 16.93 20.83
N GLU C 205 29.19 17.80 21.82
CA GLU C 205 28.37 19.01 21.90
C GLU C 205 28.68 19.97 20.76
N ASP C 206 29.93 19.99 20.29
CA ASP C 206 30.29 20.82 19.14
C ASP C 206 29.68 20.29 17.86
N PHE C 207 29.50 18.98 17.76
CA PHE C 207 28.85 18.40 16.59
C PHE C 207 27.36 18.67 16.60
N GLU C 208 26.73 18.57 17.77
CA GLU C 208 25.29 18.75 17.87
C GLU C 208 24.88 20.21 17.67
N ASN C 209 25.77 21.14 17.99
CA ASN C 209 25.51 22.54 17.69
C ASN C 209 25.63 22.82 16.20
N LEU C 210 26.48 22.07 15.50
CA LEU C 210 26.67 22.28 14.07
C LEU C 210 25.49 21.75 13.27
N VAL C 211 24.90 20.64 13.72
CA VAL C 211 23.76 20.05 13.02
C VAL C 211 22.54 20.94 13.15
N ALA C 212 22.34 21.53 14.33
CA ALA C 212 21.22 22.43 14.53
C ALA C 212 21.40 23.73 13.74
N ALA C 213 22.64 24.20 13.62
CA ALA C 213 22.87 25.45 12.89
C ALA C 213 22.78 25.24 11.39
N ILE C 214 23.14 24.05 10.91
CA ILE C 214 23.04 23.73 9.49
C ILE C 214 21.57 23.64 9.08
N HIS C 215 20.73 23.06 9.95
CA HIS C 215 19.32 22.90 9.65
C HIS C 215 18.59 24.24 9.68
N ASP C 216 19.05 25.19 10.51
CA ASP C 216 18.39 26.48 10.62
C ASP C 216 18.64 27.39 9.44
N LYS C 217 19.59 27.07 8.57
CA LYS C 217 19.81 27.82 7.35
C LYS C 217 19.28 27.10 6.12
N GLY C 218 18.55 26.01 6.30
CA GLY C 218 18.03 25.26 5.18
C GLY C 218 19.04 24.36 4.50
N LEU C 219 20.13 24.02 5.16
CA LEU C 219 21.15 23.16 4.57
C LEU C 219 20.96 21.72 5.03
N LYS C 220 21.74 20.83 4.41
CA LYS C 220 21.77 19.42 4.77
C LYS C 220 23.20 19.00 5.06
N LEU C 221 23.36 17.86 5.71
CA LEU C 221 24.66 17.38 6.14
C LEU C 221 24.80 15.89 5.84
N ILE C 222 25.82 15.53 5.08
CA ILE C 222 26.20 14.13 4.93
C ILE C 222 27.62 13.97 5.43
N ILE C 223 27.91 12.79 5.97
CA ILE C 223 29.21 12.50 6.56
C ILE C 223 29.75 11.21 5.95
N ASP C 224 31.04 10.97 6.16
CA ASP C 224 31.67 9.75 5.71
C ASP C 224 31.36 8.60 6.66
N PHE C 225 31.35 7.39 6.11
CA PHE C 225 31.18 6.19 6.89
C PHE C 225 32.20 5.15 6.45
N ILE C 226 32.88 4.54 7.41
CA ILE C 226 33.93 3.57 7.13
C ILE C 226 33.47 2.21 7.67
N PRO C 227 32.89 1.36 6.85
CA PRO C 227 32.40 0.08 7.36
C PRO C 227 33.43 -1.06 7.28
N ASN C 228 34.47 -0.90 6.46
CA ASN C 228 35.28 -2.04 6.06
C ASN C 228 36.23 -2.50 7.16
N HIS C 229 36.79 -1.57 7.92
CA HIS C 229 37.86 -1.90 8.85
C HIS C 229 37.81 -0.94 10.02
N THR C 230 38.44 -1.35 11.11
CA THR C 230 38.66 -0.50 12.28
C THR C 230 40.15 -0.32 12.49
N SER C 231 40.50 0.30 13.60
CA SER C 231 41.89 0.38 14.01
C SER C 231 42.25 -0.82 14.86
N ASP C 232 43.55 -1.02 15.08
CA ASP C 232 43.98 -2.08 15.98
C ASP C 232 43.90 -1.67 17.45
N LYS C 233 43.53 -0.43 17.73
CA LYS C 233 43.27 0.03 19.08
C LYS C 233 41.79 0.12 19.40
N HIS C 234 40.94 -0.36 18.50
CA HIS C 234 39.51 -0.48 18.78
C HIS C 234 39.29 -1.54 19.85
N ILE C 235 38.20 -1.39 20.60
CA ILE C 235 37.94 -2.30 21.72
C ILE C 235 37.48 -3.67 21.20
N TRP C 236 37.00 -3.75 19.97
CA TRP C 236 36.63 -5.04 19.41
C TRP C 236 37.86 -5.87 19.08
N PHE C 237 38.93 -5.22 18.59
CA PHE C 237 40.14 -5.95 18.22
C PHE C 237 40.94 -6.37 19.44
N GLN C 238 40.89 -5.60 20.52
CA GLN C 238 41.59 -5.99 21.74
C GLN C 238 40.90 -7.16 22.42
N LEU C 239 39.60 -7.33 22.20
CA LEU C 239 38.89 -8.51 22.68
C LEU C 239 38.93 -9.64 21.66
N SER C 240 39.22 -9.34 20.41
CA SER C 240 39.28 -10.38 19.38
C SER C 240 40.55 -11.20 19.51
N ARG C 241 41.67 -10.56 19.82
CA ARG C 241 42.94 -11.25 19.88
C ARG C 241 43.22 -11.85 21.25
N THR C 242 42.30 -11.72 22.19
CA THR C 242 42.33 -12.48 23.44
C THR C 242 41.26 -13.55 23.47
N ARG C 243 40.52 -13.71 22.36
CA ARG C 243 39.43 -14.69 22.19
C ARG C 243 38.35 -14.52 23.25
N THR C 244 37.91 -13.29 23.44
CA THR C 244 36.95 -12.94 24.48
C THR C 244 35.55 -12.94 23.89
N GLY C 245 34.78 -13.97 24.23
CA GLY C 245 33.35 -13.96 23.95
C GLY C 245 33.01 -14.15 22.49
N LYS C 246 32.09 -13.34 22.00
CA LYS C 246 31.66 -13.36 20.62
C LYS C 246 32.62 -12.64 19.68
N TYR C 247 33.59 -11.91 20.22
CA TYR C 247 34.49 -11.08 19.43
C TYR C 247 35.58 -11.88 18.73
N THR C 248 35.64 -13.19 18.94
CA THR C 248 36.70 -14.03 18.36
C THR C 248 36.59 -14.07 16.84
N ASP C 249 35.37 -13.99 16.31
CA ASP C 249 35.14 -14.00 14.87
C ASP C 249 34.73 -12.63 14.34
N TYR C 250 35.10 -11.55 15.02
CA TYR C 250 34.83 -10.22 14.47
C TYR C 250 35.83 -9.84 13.40
N TYR C 251 36.97 -10.51 13.35
CA TYR C 251 38.01 -10.26 12.37
C TYR C 251 38.39 -11.58 11.73
N ILE C 252 39.14 -11.51 10.64
CA ILE C 252 39.47 -12.68 9.84
C ILE C 252 40.85 -13.18 10.29
N TRP C 253 40.87 -14.32 10.97
CA TRP C 253 42.09 -14.88 11.53
C TRP C 253 42.42 -16.21 10.87
N HIS C 254 43.71 -16.43 10.59
CA HIS C 254 44.15 -17.71 10.06
C HIS C 254 45.52 -18.04 10.60
N ASP C 255 45.84 -19.33 10.64
CA ASP C 255 47.12 -19.80 11.14
C ASP C 255 48.24 -19.52 10.14
N CYS C 256 49.43 -19.28 10.68
CA CYS C 256 50.60 -19.00 9.87
C CYS C 256 51.85 -19.49 10.60
N THR C 257 53.02 -19.29 10.00
CA THR C 257 54.25 -19.96 10.42
C THR C 257 55.33 -18.91 10.70
N HIS C 258 54.99 -17.95 11.55
CA HIS C 258 55.93 -16.88 11.90
C HIS C 258 57.01 -17.42 12.82
N GLU C 259 58.27 -17.36 12.38
CA GLU C 259 59.41 -17.70 13.22
C GLU C 259 60.64 -16.93 12.73
N ASN C 260 61.54 -16.66 13.68
CA ASN C 260 62.74 -15.82 13.57
C ASN C 260 62.56 -14.57 12.69
N GLY C 261 61.45 -13.86 12.87
CA GLY C 261 61.28 -12.55 12.28
C GLY C 261 60.62 -12.53 10.92
N LYS C 262 60.19 -13.67 10.38
CA LYS C 262 59.53 -13.68 9.10
C LYS C 262 58.31 -14.59 9.15
N THR C 263 57.20 -14.09 8.64
CA THR C 263 55.94 -14.81 8.58
C THR C 263 55.78 -15.44 7.21
N ILE C 264 55.20 -16.63 7.17
CA ILE C 264 54.77 -17.26 5.92
C ILE C 264 53.26 -17.08 5.81
N PRO C 265 52.77 -16.25 4.90
CA PRO C 265 51.33 -15.94 4.86
C PRO C 265 50.54 -17.09 4.26
N PRO C 266 49.23 -17.14 4.49
CA PRO C 266 48.42 -18.24 3.92
C PRO C 266 48.28 -18.20 2.41
N ASN C 267 48.31 -17.02 1.78
CA ASN C 267 48.30 -16.96 0.32
C ASN C 267 49.16 -15.77 -0.10
N ASN C 268 49.10 -15.42 -1.38
CA ASN C 268 49.93 -14.36 -1.93
C ASN C 268 49.21 -13.03 -2.01
N TRP C 269 48.11 -12.85 -1.27
CA TRP C 269 47.31 -11.64 -1.35
C TRP C 269 48.08 -10.45 -0.81
N LEU C 270 47.89 -9.30 -1.44
CA LEU C 270 48.65 -8.11 -1.11
C LEU C 270 47.74 -6.98 -0.66
N SER C 271 48.28 -6.10 0.16
CA SER C 271 47.53 -4.91 0.55
C SER C 271 47.68 -3.83 -0.51
N VAL C 272 46.79 -2.84 -0.45
CA VAL C 272 46.71 -1.79 -1.46
C VAL C 272 47.98 -0.94 -1.46
N TYR C 273 48.52 -0.66 -0.29
CA TYR C 273 49.74 0.12 -0.18
C TYR C 273 51.00 -0.72 -0.31
N GLY C 274 50.87 -2.04 -0.31
CA GLY C 274 51.80 -2.93 -0.96
C GLY C 274 52.82 -3.61 -0.07
N ASN C 275 52.45 -4.80 0.38
CA ASN C 275 53.26 -5.91 0.89
C ASN C 275 52.18 -6.96 1.15
N SER C 276 52.51 -8.03 1.87
CA SER C 276 51.51 -9.03 2.26
C SER C 276 50.37 -8.41 3.05
N SER C 277 49.16 -8.92 2.82
CA SER C 277 47.95 -8.46 3.49
C SER C 277 47.62 -9.29 4.72
N TRP C 278 48.56 -10.10 5.20
CA TRP C 278 48.40 -10.87 6.41
C TRP C 278 49.49 -10.46 7.39
N HIS C 279 49.11 -10.18 8.63
CA HIS C 279 50.06 -9.75 9.64
C HIS C 279 49.92 -10.61 10.88
N PHE C 280 51.05 -11.04 11.44
CA PHE C 280 51.07 -11.96 12.57
C PHE C 280 50.86 -11.21 13.87
N ASP C 281 49.94 -11.71 14.70
CA ASP C 281 49.69 -11.17 16.02
C ASP C 281 50.27 -12.11 17.06
N GLU C 282 51.01 -11.56 18.02
CA GLU C 282 51.73 -12.39 18.99
C GLU C 282 50.86 -12.83 20.16
N VAL C 283 49.79 -12.10 20.46
CA VAL C 283 48.89 -12.49 21.54
C VAL C 283 47.98 -13.63 21.09
N ARG C 284 47.45 -13.53 19.88
CA ARG C 284 46.53 -14.54 19.37
C ARG C 284 47.28 -15.75 18.81
N ASN C 285 48.55 -15.55 18.42
CA ASN C 285 49.39 -16.53 17.72
C ASN C 285 48.73 -16.98 16.42
N GLN C 286 48.15 -16.02 15.70
CA GLN C 286 47.56 -16.23 14.39
C GLN C 286 47.84 -15.00 13.54
N CYS C 287 47.43 -15.06 12.28
CA CYS C 287 47.56 -13.96 11.35
C CYS C 287 46.19 -13.36 11.06
N TYR C 288 46.11 -12.04 10.96
CA TYR C 288 44.87 -11.37 10.59
C TYR C 288 45.03 -10.68 9.23
N PHE C 289 43.89 -10.45 8.60
CA PHE C 289 43.83 -9.88 7.26
C PHE C 289 43.60 -8.38 7.32
N HIS C 290 44.21 -7.65 6.38
CA HIS C 290 43.98 -6.22 6.26
C HIS C 290 44.13 -5.82 4.79
N GLN C 291 43.19 -5.02 4.29
CA GLN C 291 43.29 -4.58 2.91
C GLN C 291 44.25 -3.42 2.72
N PHE C 292 44.44 -2.57 3.74
CA PHE C 292 45.20 -1.35 3.54
C PHE C 292 46.50 -1.31 4.33
N MET C 293 46.45 -1.34 5.66
CA MET C 293 47.65 -1.22 6.47
C MET C 293 47.52 -2.19 7.63
N LYS C 294 48.65 -2.52 8.25
CA LYS C 294 48.63 -3.48 9.35
C LYS C 294 47.97 -2.90 10.60
N GLU C 295 47.82 -1.59 10.68
CA GLU C 295 47.08 -0.94 11.75
C GLU C 295 45.60 -0.83 11.45
N GLN C 296 45.12 -1.41 10.34
CA GLN C 296 43.71 -1.38 9.97
C GLN C 296 43.19 -2.79 9.69
N PRO C 297 42.91 -3.59 10.70
CA PRO C 297 42.39 -4.94 10.45
C PRO C 297 40.96 -4.93 9.93
N ASP C 298 40.69 -5.83 9.00
CA ASP C 298 39.39 -5.89 8.33
C ASP C 298 38.35 -6.62 9.16
N LEU C 299 37.13 -6.10 9.15
CA LEU C 299 36.02 -6.75 9.82
C LEU C 299 35.52 -7.94 9.02
N ASN C 300 34.99 -8.93 9.73
CA ASN C 300 34.48 -10.16 9.12
C ASN C 300 33.00 -9.98 8.86
N PHE C 301 32.66 -9.63 7.62
CA PHE C 301 31.27 -9.37 7.26
C PHE C 301 30.50 -10.62 6.89
N ARG C 302 31.11 -11.79 6.98
CA ARG C 302 30.37 -13.04 6.95
C ARG C 302 29.84 -13.42 8.32
N ASN C 303 30.16 -12.64 9.35
CA ASN C 303 29.64 -12.84 10.69
C ASN C 303 28.43 -11.95 10.90
N PRO C 304 27.25 -12.50 11.21
CA PRO C 304 26.06 -11.64 11.40
C PRO C 304 26.07 -10.82 12.67
N ASP C 305 27.00 -11.04 13.59
CA ASP C 305 27.14 -10.13 14.72
C ASP C 305 27.87 -8.86 14.32
N VAL C 306 28.71 -8.93 13.28
CA VAL C 306 29.41 -7.75 12.81
C VAL C 306 28.46 -6.83 12.05
N GLN C 307 27.55 -7.40 11.26
CA GLN C 307 26.61 -6.60 10.50
C GLN C 307 25.57 -5.92 11.38
N GLU C 308 25.27 -6.50 12.54
CA GLU C 308 24.35 -5.84 13.46
C GLU C 308 25.03 -4.69 14.20
N GLU C 309 26.34 -4.82 14.48
CA GLU C 309 27.08 -3.74 15.11
C GLU C 309 27.26 -2.55 14.16
N ILE C 310 27.31 -2.80 12.86
CA ILE C 310 27.44 -1.72 11.89
C ILE C 310 26.11 -0.99 11.73
N LYS C 311 25.00 -1.73 11.81
CA LYS C 311 23.68 -1.11 11.71
C LYS C 311 23.35 -0.26 12.94
N GLU C 312 23.94 -0.57 14.09
CA GLU C 312 23.75 0.27 15.26
C GLU C 312 24.51 1.58 15.14
N ILE C 313 25.63 1.58 14.42
CA ILE C 313 26.37 2.81 14.20
C ILE C 313 25.64 3.71 13.21
N LEU C 314 24.97 3.12 12.22
CA LEU C 314 24.16 3.89 11.29
C LEU C 314 22.97 4.52 11.99
N ARG C 315 22.32 3.77 12.89
CA ARG C 315 21.16 4.30 13.61
C ARG C 315 21.57 5.34 14.64
N PHE C 316 22.83 5.31 15.09
CA PHE C 316 23.32 6.29 16.06
C PHE C 316 23.42 7.68 15.43
N TRP C 317 23.96 7.77 14.22
CA TRP C 317 24.18 9.07 13.59
C TRP C 317 22.91 9.59 12.92
N LEU C 318 22.01 8.71 12.49
CA LEU C 318 20.73 9.17 11.95
C LEU C 318 19.83 9.72 13.04
N THR C 319 20.00 9.24 14.28
CA THR C 319 19.27 9.79 15.41
C THR C 319 19.76 11.19 15.76
N LYS C 320 21.07 11.43 15.61
CA LYS C 320 21.63 12.77 15.85
C LYS C 320 21.18 13.80 14.82
N GLY C 321 20.65 13.36 13.69
CA GLY C 321 20.14 14.28 12.69
C GLY C 321 20.93 14.38 11.42
N VAL C 322 21.85 13.45 11.17
CA VAL C 322 22.63 13.47 9.94
C VAL C 322 21.74 13.05 8.78
N ASP C 323 21.82 13.78 7.67
CA ASP C 323 20.92 13.58 6.54
C ASP C 323 21.40 12.54 5.56
N GLY C 324 22.58 11.96 5.74
CA GLY C 324 23.04 10.96 4.81
C GLY C 324 24.47 10.55 5.04
N PHE C 325 24.89 9.58 4.25
CA PHE C 325 26.21 8.97 4.39
C PHE C 325 26.84 8.79 3.03
N SER C 326 28.17 8.90 2.99
CA SER C 326 28.95 8.45 1.86
C SER C 326 29.75 7.24 2.31
N LEU C 327 29.53 6.10 1.66
CA LEU C 327 30.14 4.85 2.04
C LEU C 327 31.49 4.70 1.34
N ASP C 328 32.53 4.39 2.09
CA ASP C 328 33.88 4.29 1.57
C ASP C 328 34.34 2.84 1.54
N ALA C 329 35.05 2.49 0.46
CA ALA C 329 35.71 1.19 0.27
C ALA C 329 34.72 0.02 0.34
N VAL C 330 33.61 0.14 -0.38
CA VAL C 330 32.59 -0.91 -0.32
C VAL C 330 33.00 -2.12 -1.14
N LYS C 331 33.84 -1.94 -2.15
CA LYS C 331 34.28 -3.08 -2.95
C LYS C 331 35.31 -3.94 -2.23
N PHE C 332 35.85 -3.49 -1.11
CA PHE C 332 36.77 -4.28 -0.32
C PHE C 332 36.09 -5.02 0.82
N LEU C 333 34.76 -5.11 0.81
CA LEU C 333 34.02 -5.62 1.97
C LEU C 333 34.20 -7.13 2.14
N LEU C 334 34.00 -7.89 1.07
CA LEU C 334 34.08 -9.34 1.15
C LEU C 334 35.30 -9.86 0.40
N GLU C 335 35.81 -10.99 0.86
CA GLU C 335 36.89 -11.71 0.19
C GLU C 335 36.46 -13.16 0.03
N ALA C 336 37.15 -13.86 -0.86
CA ALA C 336 36.84 -15.27 -1.08
C ALA C 336 37.29 -16.09 0.12
N LYS C 337 36.43 -17.00 0.56
CA LYS C 337 36.78 -17.83 1.71
C LYS C 337 37.52 -19.11 1.33
N HIS C 338 37.70 -19.38 0.04
CA HIS C 338 38.54 -20.51 -0.34
C HIS C 338 40.02 -20.20 -0.21
N LEU C 339 40.37 -18.91 -0.12
CA LEU C 339 41.72 -18.42 0.18
C LEU C 339 42.76 -18.85 -0.85
N ARG C 340 42.38 -18.89 -2.13
CA ARG C 340 43.32 -19.30 -3.16
C ARG C 340 44.13 -18.12 -3.65
N ASP C 341 45.26 -18.42 -4.30
CA ASP C 341 46.17 -17.39 -4.76
C ASP C 341 45.58 -16.63 -5.94
N GLU C 342 45.91 -15.34 -6.01
CA GLU C 342 45.53 -14.55 -7.16
C GLU C 342 46.39 -14.91 -8.36
N ILE C 343 45.98 -14.44 -9.52
CA ILE C 343 46.73 -14.63 -10.75
C ILE C 343 47.67 -13.45 -10.92
N GLN C 344 48.94 -13.74 -11.21
CA GLN C 344 49.89 -12.68 -11.49
C GLN C 344 49.68 -12.12 -12.89
N VAL C 345 49.92 -10.82 -13.03
CA VAL C 345 49.89 -10.18 -14.35
C VAL C 345 51.04 -10.70 -15.20
N ASN C 346 52.21 -10.86 -14.59
CA ASN C 346 53.39 -11.46 -15.21
C ASN C 346 53.53 -12.87 -14.64
N LYS C 347 53.23 -13.87 -15.45
CA LYS C 347 53.17 -15.23 -14.94
C LYS C 347 54.53 -15.90 -14.83
N THR C 348 55.55 -15.37 -15.50
CA THR C 348 56.90 -15.89 -15.35
C THR C 348 57.68 -15.22 -14.22
N GLN C 349 57.07 -14.26 -13.54
CA GLN C 349 57.70 -13.61 -12.41
C GLN C 349 57.78 -14.55 -11.22
N ILE C 350 58.92 -14.53 -10.53
CA ILE C 350 59.12 -15.37 -9.34
C ILE C 350 58.25 -14.84 -8.21
N PRO C 351 57.52 -15.70 -7.49
CA PRO C 351 56.55 -15.20 -6.50
C PRO C 351 57.15 -14.53 -5.28
N ASP C 352 58.45 -14.62 -5.05
CA ASP C 352 59.05 -13.92 -3.92
C ASP C 352 59.30 -12.45 -4.22
N THR C 353 59.18 -12.03 -5.48
CA THR C 353 59.36 -10.64 -5.85
C THR C 353 58.03 -9.93 -6.10
N VAL C 354 56.91 -10.63 -6.01
CA VAL C 354 55.60 -10.03 -6.25
C VAL C 354 55.15 -9.35 -4.96
N THR C 355 55.40 -8.04 -4.87
CA THR C 355 55.07 -7.28 -3.67
C THR C 355 54.24 -6.03 -3.94
N GLN C 356 54.20 -5.54 -5.17
CA GLN C 356 53.39 -4.38 -5.52
C GLN C 356 51.97 -4.82 -5.82
N TYR C 357 51.00 -3.96 -5.45
CA TYR C 357 49.59 -4.29 -5.59
C TYR C 357 49.16 -4.39 -7.05
N SER C 358 49.86 -3.71 -7.95
CA SER C 358 49.53 -3.72 -9.36
C SER C 358 50.06 -4.94 -10.11
N GLU C 359 50.69 -5.88 -9.41
CA GLU C 359 51.25 -7.07 -10.03
C GLU C 359 50.31 -8.27 -9.97
N LEU C 360 49.16 -8.13 -9.32
CA LEU C 360 48.20 -9.21 -9.24
C LEU C 360 46.86 -8.75 -9.83
N TYR C 361 46.09 -9.71 -10.32
CA TYR C 361 44.69 -9.49 -10.65
C TYR C 361 43.85 -9.81 -9.42
N HIS C 362 43.05 -8.85 -8.99
CA HIS C 362 42.36 -8.97 -7.70
C HIS C 362 40.94 -9.49 -7.89
N ASP C 363 40.86 -10.76 -8.26
CA ASP C 363 39.60 -11.41 -8.52
C ASP C 363 38.97 -11.99 -7.26
N PHE C 364 39.75 -12.22 -6.22
CA PHE C 364 39.26 -12.83 -4.99
C PHE C 364 39.20 -11.88 -3.81
N THR C 365 39.59 -10.62 -3.97
CA THR C 365 39.60 -9.68 -2.87
C THR C 365 38.74 -8.45 -3.09
N THR C 366 38.21 -8.25 -4.29
CA THR C 366 37.31 -7.14 -4.59
C THR C 366 36.10 -7.65 -5.33
N THR C 367 34.93 -7.09 -4.98
CA THR C 367 33.65 -7.30 -5.65
C THR C 367 33.26 -8.79 -5.69
N GLN C 368 33.08 -9.34 -4.50
CA GLN C 368 32.71 -10.74 -4.37
C GLN C 368 31.19 -10.88 -4.36
N VAL C 369 30.73 -12.13 -4.44
CA VAL C 369 29.30 -12.42 -4.44
C VAL C 369 28.76 -12.21 -3.03
N GLY C 370 27.76 -11.35 -2.91
CA GLY C 370 27.18 -10.99 -1.63
C GLY C 370 27.54 -9.61 -1.16
N MET C 371 28.45 -8.92 -1.84
CA MET C 371 28.85 -7.58 -1.43
C MET C 371 27.75 -6.57 -1.70
N HIS C 372 27.06 -6.69 -2.83
CA HIS C 372 25.99 -5.75 -3.15
C HIS C 372 24.78 -5.93 -2.23
N ASP C 373 24.61 -7.11 -1.66
CA ASP C 373 23.53 -7.33 -0.71
C ASP C 373 23.80 -6.68 0.63
N ILE C 374 25.07 -6.51 1.00
CA ILE C 374 25.40 -5.80 2.24
C ILE C 374 25.10 -4.32 2.09
N VAL C 375 25.39 -3.76 0.92
CA VAL C 375 25.06 -2.36 0.63
C VAL C 375 23.56 -2.16 0.56
N ARG C 376 22.83 -3.16 0.05
CA ARG C 376 21.37 -3.07 0.01
C ARG C 376 20.74 -3.17 1.39
N SER C 377 21.40 -3.86 2.33
CA SER C 377 20.87 -3.93 3.69
C SER C 377 21.15 -2.64 4.45
N PHE C 378 22.20 -1.90 4.08
CA PHE C 378 22.41 -0.57 4.64
C PHE C 378 21.32 0.38 4.19
N ARG C 379 20.88 0.26 2.93
CA ARG C 379 19.81 1.09 2.41
C ARG C 379 18.48 0.80 3.10
N GLN C 380 18.28 -0.45 3.53
CA GLN C 380 17.06 -0.79 4.25
C GLN C 380 17.11 -0.32 5.70
N THR C 381 18.30 -0.20 6.28
CA THR C 381 18.44 0.35 7.62
C THR C 381 18.11 1.84 7.63
N MET C 382 18.51 2.56 6.61
CA MET C 382 18.23 3.98 6.51
C MET C 382 16.83 4.29 6.00
N ASP C 383 16.11 3.28 5.49
CA ASP C 383 14.75 3.49 5.04
C ASP C 383 13.78 3.66 6.20
N GLN C 384 14.13 3.18 7.39
CA GLN C 384 13.31 3.40 8.58
C GLN C 384 13.39 4.82 9.09
N TYR C 385 14.38 5.60 8.66
CA TYR C 385 14.50 7.01 9.03
C TYR C 385 14.13 7.92 7.88
N SER C 386 13.59 7.38 6.80
CA SER C 386 13.27 8.15 5.60
C SER C 386 11.77 8.23 5.33
N THR C 387 10.94 7.68 6.21
CA THR C 387 9.50 7.66 5.98
C THR C 387 8.85 9.01 6.21
N GLU C 388 9.53 9.92 6.81
CA GLU C 388 9.04 11.27 7.01
C GLU C 388 9.30 12.11 5.76
N PRO C 389 8.32 12.85 5.26
CA PRO C 389 8.54 13.62 4.03
C PRO C 389 9.45 14.81 4.24
N GLY C 390 10.35 15.02 3.29
CA GLY C 390 11.36 16.05 3.41
C GLY C 390 12.59 15.65 4.20
N ARG C 391 12.58 14.48 4.84
CA ARG C 391 13.69 13.98 5.62
C ARG C 391 14.14 12.64 5.08
N TYR C 392 14.27 12.57 3.76
CA TYR C 392 14.87 11.42 3.11
C TYR C 392 16.37 11.37 3.41
N ARG C 393 16.89 10.18 3.63
CA ARG C 393 18.30 9.99 3.95
C ARG C 393 19.06 9.50 2.73
N PHE C 394 20.13 10.21 2.38
CA PHE C 394 20.92 9.97 1.18
C PHE C 394 21.96 8.88 1.42
N MET C 395 22.21 8.05 0.42
CA MET C 395 23.30 7.09 0.49
C MET C 395 24.08 7.14 -0.82
N GLY C 396 25.38 7.42 -0.71
CA GLY C 396 26.28 7.37 -1.85
C GLY C 396 27.44 6.45 -1.54
N THR C 397 27.95 5.80 -2.59
CA THR C 397 29.08 4.89 -2.45
C THR C 397 30.26 5.43 -3.24
N GLU C 398 31.46 5.21 -2.70
CA GLU C 398 32.70 5.61 -3.34
C GLU C 398 33.44 4.34 -3.76
N ALA C 399 33.50 4.11 -5.07
CA ALA C 399 34.27 2.99 -5.62
C ALA C 399 35.09 3.54 -6.78
N TYR C 400 36.39 3.69 -6.56
CA TYR C 400 37.31 4.29 -7.50
C TYR C 400 38.24 3.24 -8.06
N ALA C 401 39.03 3.67 -9.06
CA ALA C 401 39.94 2.81 -9.85
C ALA C 401 39.20 1.62 -10.43
N GLU C 402 38.04 1.89 -11.03
CA GLU C 402 37.09 0.85 -11.40
C GLU C 402 36.61 1.10 -12.82
N SER C 403 36.18 0.03 -13.47
CA SER C 403 35.58 0.16 -14.79
C SER C 403 34.18 0.75 -14.66
N ILE C 404 33.69 1.31 -15.78
CA ILE C 404 32.43 2.05 -15.75
C ILE C 404 31.24 1.10 -15.59
N ASP C 405 31.36 -0.14 -16.08
CA ASP C 405 30.25 -1.08 -15.98
C ASP C 405 30.11 -1.68 -14.58
N ARG C 406 31.15 -1.60 -13.76
CA ARG C 406 31.05 -2.03 -12.37
C ARG C 406 30.59 -0.91 -11.45
N THR C 407 30.85 0.34 -11.82
CA THR C 407 30.42 1.47 -11.02
C THR C 407 28.91 1.66 -11.11
N VAL C 408 28.31 1.40 -12.27
CA VAL C 408 26.89 1.64 -12.44
C VAL C 408 26.04 0.55 -11.81
N MET C 409 26.65 -0.51 -11.29
CA MET C 409 25.90 -1.51 -10.54
C MET C 409 25.47 -1.01 -9.17
N TYR C 410 26.10 0.05 -8.66
CA TYR C 410 25.68 0.63 -7.39
C TYR C 410 24.42 1.46 -7.51
N TYR C 411 23.99 1.79 -8.73
CA TYR C 411 22.69 2.40 -8.92
C TYR C 411 21.56 1.45 -8.57
N GLY C 412 21.78 0.15 -8.70
CA GLY C 412 20.78 -0.82 -8.36
C GLY C 412 20.00 -1.29 -9.57
N LEU C 413 18.88 -1.94 -9.28
CA LEU C 413 17.95 -2.47 -10.25
C LEU C 413 16.68 -1.65 -10.23
N PRO C 414 15.81 -1.77 -11.24
CA PRO C 414 14.52 -1.07 -11.18
C PRO C 414 13.58 -1.53 -10.08
N PHE C 415 13.84 -2.67 -9.44
CA PHE C 415 13.00 -3.18 -8.37
C PHE C 415 13.75 -3.41 -7.07
N ILE C 416 15.07 -3.21 -7.04
CA ILE C 416 15.86 -3.27 -5.81
C ILE C 416 16.52 -1.91 -5.60
N GLN C 417 16.42 -1.37 -4.39
CA GLN C 417 17.01 -0.08 -4.08
C GLN C 417 18.43 -0.24 -3.57
N GLU C 418 19.27 0.74 -3.93
CA GLU C 418 20.68 0.78 -3.56
C GLU C 418 21.04 2.25 -3.41
N ALA C 419 22.32 2.60 -3.56
CA ALA C 419 22.80 3.98 -3.46
C ALA C 419 22.07 4.90 -4.43
N ASP C 420 21.91 6.16 -4.00
CA ASP C 420 21.22 7.16 -4.81
C ASP C 420 22.03 7.52 -6.04
N PHE C 421 23.33 7.74 -5.88
CA PHE C 421 24.26 7.61 -6.99
C PHE C 421 25.58 7.11 -6.44
N PRO C 422 26.35 6.38 -7.23
CA PRO C 422 27.78 6.24 -6.93
C PRO C 422 28.51 7.50 -7.32
N PHE C 423 29.53 7.85 -6.54
CA PHE C 423 30.24 9.09 -6.77
C PHE C 423 31.13 8.97 -8.01
N ASN C 424 31.09 10.01 -8.85
CA ASN C 424 31.72 10.01 -10.15
C ASN C 424 32.98 10.87 -10.09
N ASN C 425 34.15 10.23 -10.23
CA ASN C 425 35.42 10.94 -10.18
C ASN C 425 36.19 10.87 -11.50
N TYR C 426 35.52 10.57 -12.61
CA TYR C 426 36.22 10.38 -13.87
C TYR C 426 36.71 11.68 -14.48
N LEU C 427 36.17 12.83 -14.07
CA LEU C 427 36.75 14.10 -14.49
C LEU C 427 37.91 14.51 -13.59
N SER C 428 38.02 13.94 -12.39
CA SER C 428 39.16 14.19 -11.53
C SER C 428 40.39 13.43 -11.97
N MET C 429 40.22 12.40 -12.79
CA MET C 429 41.32 11.56 -13.23
C MET C 429 41.95 12.06 -14.52
N LEU C 430 41.47 13.17 -15.07
CA LEU C 430 42.04 13.75 -16.27
C LEU C 430 43.21 14.63 -15.85
N ASP C 431 44.42 14.26 -16.26
CA ASP C 431 45.59 15.08 -16.00
C ASP C 431 45.89 16.05 -17.13
N THR C 432 45.48 15.71 -18.35
CA THR C 432 45.44 16.66 -19.44
C THR C 432 44.03 16.67 -20.01
N VAL C 433 43.61 17.83 -20.49
CA VAL C 433 42.22 18.04 -20.89
C VAL C 433 42.19 18.32 -22.38
N SER C 434 41.11 17.87 -23.03
CA SER C 434 40.96 18.00 -24.47
C SER C 434 39.48 17.89 -24.81
N GLY C 435 39.16 18.17 -26.08
CA GLY C 435 37.78 18.09 -26.51
C GLY C 435 37.30 16.65 -26.66
N ASN C 436 38.19 15.75 -27.08
CA ASN C 436 37.82 14.35 -27.19
C ASN C 436 37.77 13.65 -25.84
N SER C 437 38.65 14.02 -24.91
CA SER C 437 38.71 13.34 -23.63
C SER C 437 37.58 13.77 -22.69
N VAL C 438 37.09 15.00 -22.84
CA VAL C 438 35.94 15.43 -22.05
C VAL C 438 34.66 14.80 -22.60
N TYR C 439 34.56 14.68 -23.92
CA TYR C 439 33.43 14.01 -24.56
C TYR C 439 33.38 12.54 -24.18
N GLU C 440 34.54 11.92 -23.96
CA GLU C 440 34.59 10.51 -23.63
C GLU C 440 34.13 10.25 -22.20
N VAL C 441 34.42 11.18 -21.29
CA VAL C 441 34.01 11.01 -19.90
C VAL C 441 32.50 11.24 -19.76
N ILE C 442 31.97 12.27 -20.43
CA ILE C 442 30.57 12.62 -20.29
C ILE C 442 29.67 11.56 -20.91
N THR C 443 30.01 11.11 -22.13
CA THR C 443 29.14 10.18 -22.83
C THR C 443 29.21 8.78 -22.27
N SER C 444 30.32 8.39 -21.62
CA SER C 444 30.39 7.04 -21.05
C SER C 444 29.55 6.92 -19.80
N TRP C 445 29.40 8.01 -19.04
CA TRP C 445 28.53 7.96 -17.88
C TRP C 445 27.07 7.98 -18.28
N MET C 446 26.71 8.78 -19.29
CA MET C 446 25.31 8.91 -19.66
C MET C 446 24.81 7.69 -20.43
N GLU C 447 25.70 6.98 -21.12
CA GLU C 447 25.28 5.80 -21.86
C GLU C 447 25.23 4.54 -21.00
N ASN C 448 26.04 4.48 -19.93
CA ASN C 448 26.14 3.26 -19.16
C ASN C 448 25.24 3.25 -17.94
N MET C 449 24.89 4.41 -17.39
CA MET C 449 24.00 4.42 -16.24
C MET C 449 22.57 4.09 -16.69
N PRO C 450 21.78 3.47 -15.82
CA PRO C 450 20.42 3.10 -16.20
C PRO C 450 19.53 4.32 -16.42
N GLU C 451 18.53 4.13 -17.27
CA GLU C 451 17.68 5.23 -17.69
C GLU C 451 16.79 5.70 -16.56
N GLY C 452 16.71 7.01 -16.38
CA GLY C 452 15.93 7.59 -15.30
C GLY C 452 16.66 7.72 -14.00
N LYS C 453 17.94 7.35 -13.93
CA LYS C 453 18.74 7.53 -12.75
C LYS C 453 19.37 8.91 -12.75
N TRP C 454 19.88 9.33 -11.60
CA TRP C 454 20.40 10.68 -11.43
C TRP C 454 21.91 10.67 -11.51
N PRO C 455 22.53 11.45 -12.38
CA PRO C 455 23.99 11.51 -12.45
C PRO C 455 24.57 12.53 -11.46
N ASN C 456 25.90 12.55 -11.41
CA ASN C 456 26.64 13.47 -10.55
C ASN C 456 28.03 13.63 -11.14
N TRP C 457 28.68 14.74 -10.79
CA TRP C 457 29.96 15.11 -11.39
C TRP C 457 30.87 15.75 -10.36
N MET C 458 32.11 15.30 -10.31
CA MET C 458 33.16 15.91 -9.48
C MET C 458 34.36 16.21 -10.35
N ILE C 459 35.08 17.28 -10.02
CA ILE C 459 36.30 17.66 -10.71
C ILE C 459 37.50 17.67 -9.78
N GLY C 460 37.32 17.28 -8.53
CA GLY C 460 38.42 17.28 -7.58
C GLY C 460 38.03 16.54 -6.34
N GLY C 461 38.92 16.58 -5.36
CA GLY C 461 38.71 15.91 -4.10
C GLY C 461 39.97 15.88 -3.28
N PRO C 462 39.88 15.31 -2.07
CA PRO C 462 41.07 15.27 -1.19
C PRO C 462 42.15 14.31 -1.64
N ASP C 463 41.84 13.38 -2.55
CA ASP C 463 42.83 12.46 -3.08
C ASP C 463 43.26 12.81 -4.51
N SER C 464 42.79 13.92 -5.04
CA SER C 464 43.15 14.36 -6.38
C SER C 464 44.07 15.56 -6.30
N SER C 465 44.80 15.81 -7.38
CA SER C 465 45.51 17.07 -7.50
C SER C 465 44.52 18.18 -7.75
N ARG C 466 44.80 19.37 -7.22
CA ARG C 466 43.90 20.50 -7.39
C ARG C 466 43.93 20.97 -8.85
N LEU C 467 42.82 21.58 -9.27
CA LEU C 467 42.53 21.76 -10.69
C LEU C 467 43.48 22.74 -11.37
N THR C 468 43.82 23.85 -10.72
CA THR C 468 44.70 24.83 -11.34
C THR C 468 46.14 24.37 -11.37
N SER C 469 46.49 23.35 -10.59
CA SER C 469 47.79 22.71 -10.67
C SER C 469 47.78 21.46 -11.53
N ARG C 470 46.60 20.89 -11.79
CA ARG C 470 46.49 19.72 -12.64
C ARG C 470 46.41 20.11 -14.10
N LEU C 471 45.61 21.13 -14.42
CA LEU C 471 45.36 21.54 -15.79
C LEU C 471 45.89 22.93 -16.12
N GLY C 472 46.02 23.80 -15.14
CA GLY C 472 46.43 25.15 -15.43
C GLY C 472 45.45 26.18 -14.92
N ASN C 473 45.89 27.44 -14.88
CA ASN C 473 45.05 28.51 -14.37
C ASN C 473 43.91 28.86 -15.33
N GLN C 474 44.10 28.61 -16.62
CA GLN C 474 43.13 28.98 -17.65
C GLN C 474 41.93 28.04 -17.69
N TYR C 475 41.94 26.94 -16.95
CA TYR C 475 40.86 25.97 -17.00
C TYR C 475 40.00 25.99 -15.74
N VAL C 476 40.21 26.94 -14.84
CA VAL C 476 39.43 26.99 -13.61
C VAL C 476 37.99 27.40 -13.92
N ASN C 477 37.82 28.43 -14.75
CA ASN C 477 36.49 28.94 -15.05
C ASN C 477 35.69 28.02 -15.95
N VAL C 478 36.34 27.38 -16.92
CA VAL C 478 35.61 26.55 -17.87
C VAL C 478 35.22 25.21 -17.26
N MET C 479 35.93 24.74 -16.23
CA MET C 479 35.53 23.49 -15.59
C MET C 479 34.43 23.72 -14.56
N ASN C 480 34.34 24.92 -13.99
CA ASN C 480 33.20 25.26 -13.16
C ASN C 480 31.95 25.47 -14.00
N MET C 481 32.11 25.97 -15.23
CA MET C 481 30.97 26.10 -16.13
C MET C 481 30.50 24.74 -16.62
N LEU C 482 31.43 23.81 -16.80
CA LEU C 482 31.06 22.44 -17.18
C LEU C 482 30.33 21.74 -16.04
N LEU C 483 30.70 22.04 -14.80
CA LEU C 483 30.11 21.36 -13.65
C LEU C 483 28.66 21.77 -13.42
N PHE C 484 28.31 23.02 -13.74
CA PHE C 484 26.98 23.54 -13.46
C PHE C 484 26.04 23.49 -14.64
N THR C 485 26.50 23.09 -15.81
CA THR C 485 25.64 22.96 -16.97
C THR C 485 25.37 21.52 -17.37
N LEU C 486 26.08 20.56 -16.77
CA LEU C 486 25.83 19.14 -16.98
C LEU C 486 24.61 18.72 -16.17
N PRO C 487 23.90 17.68 -16.60
CA PRO C 487 22.76 17.21 -15.82
C PRO C 487 23.19 16.47 -14.57
N GLY C 488 22.39 16.62 -13.52
CA GLY C 488 22.66 15.92 -12.28
C GLY C 488 23.09 16.82 -11.14
N THR C 489 23.94 16.30 -10.25
CA THR C 489 24.35 17.00 -9.06
C THR C 489 25.81 17.39 -9.16
N PRO C 490 26.15 18.67 -9.13
CA PRO C 490 27.57 19.07 -9.07
C PRO C 490 28.10 18.98 -7.66
N ILE C 491 29.32 18.47 -7.52
CA ILE C 491 29.98 18.35 -6.23
C ILE C 491 31.27 19.16 -6.28
N THR C 492 31.44 20.04 -5.31
CA THR C 492 32.56 20.98 -5.27
C THR C 492 33.43 20.69 -4.07
N TYR C 493 34.70 20.43 -4.32
CA TYR C 493 35.70 20.40 -3.28
C TYR C 493 35.98 21.81 -2.80
N TYR C 494 36.37 21.96 -1.53
CA TYR C 494 36.57 23.29 -0.96
C TYR C 494 37.79 23.96 -1.57
N GLY C 495 37.65 25.25 -1.87
CA GLY C 495 38.70 25.99 -2.52
C GLY C 495 38.67 25.97 -4.03
N GLU C 496 37.79 25.18 -4.63
CA GLU C 496 37.70 25.15 -6.09
C GLU C 496 36.98 26.38 -6.62
N GLU C 497 36.07 26.95 -5.82
CA GLU C 497 35.37 28.16 -6.21
C GLU C 497 36.27 29.38 -6.18
N ILE C 498 37.41 29.30 -5.50
CA ILE C 498 38.39 30.38 -5.46
C ILE C 498 39.50 30.15 -6.47
N GLY C 499 39.96 28.90 -6.60
CA GLY C 499 41.04 28.57 -7.49
C GLY C 499 42.33 28.32 -6.74
N MET C 500 42.24 27.63 -5.60
CA MET C 500 43.40 27.29 -4.81
C MET C 500 44.26 26.24 -5.51
N GLY C 501 45.57 26.33 -5.31
CA GLY C 501 46.52 25.40 -5.88
C GLY C 501 47.11 24.46 -4.83
N ASN C 502 47.88 23.50 -5.32
CA ASN C 502 48.59 22.56 -4.47
C ASN C 502 49.70 23.27 -3.71
N ILE C 503 50.16 22.62 -2.63
CA ILE C 503 51.35 23.03 -1.93
C ILE C 503 52.41 21.95 -2.11
N VAL C 504 53.67 22.33 -1.91
CA VAL C 504 54.76 21.37 -1.89
C VAL C 504 54.77 20.69 -0.53
N ALA C 505 54.70 19.36 -0.52
CA ALA C 505 54.37 18.60 0.68
C ALA C 505 55.54 18.61 1.66
N ALA C 506 55.35 19.27 2.79
CA ALA C 506 56.30 19.20 3.88
C ALA C 506 56.12 17.87 4.61
N ASN C 507 57.12 17.49 5.39
CA ASN C 507 57.03 16.27 6.17
C ASN C 507 56.31 16.54 7.49
N LEU C 508 55.36 15.66 7.82
CA LEU C 508 54.63 15.74 9.07
C LEU C 508 55.13 14.65 10.00
N ASN C 509 55.06 14.90 11.30
CA ASN C 509 55.35 13.87 12.28
C ASN C 509 54.09 13.11 12.69
N GLU C 510 53.03 13.21 11.89
CA GLU C 510 51.90 12.30 11.91
C GLU C 510 51.89 11.52 10.60
N SER C 511 51.32 10.32 10.65
CA SER C 511 51.34 9.41 9.51
C SER C 511 50.31 9.89 8.49
N TYR C 512 50.78 10.48 7.40
CA TYR C 512 49.95 10.97 6.32
C TYR C 512 50.57 10.56 4.99
N ASP C 513 49.71 10.31 4.01
CA ASP C 513 50.19 10.01 2.66
C ASP C 513 50.62 11.30 2.00
N ILE C 514 51.93 11.48 1.83
CA ILE C 514 52.46 12.75 1.32
C ILE C 514 52.28 12.91 -0.17
N ASN C 515 51.83 11.87 -0.87
CA ASN C 515 51.45 12.03 -2.27
C ASN C 515 50.13 12.79 -2.40
N THR C 516 49.28 12.75 -1.37
CA THR C 516 47.98 13.40 -1.40
C THR C 516 47.86 14.56 -0.42
N LEU C 517 48.93 14.93 0.28
CA LEU C 517 48.87 16.06 1.21
C LEU C 517 48.79 17.41 0.52
N ARG C 518 49.08 17.47 -0.79
CA ARG C 518 49.10 18.72 -1.53
C ARG C 518 47.73 19.36 -1.64
N SER C 519 46.66 18.57 -1.59
CA SER C 519 45.30 19.08 -1.78
C SER C 519 44.60 19.43 -0.48
N LYS C 520 45.23 19.21 0.67
CA LYS C 520 44.59 19.42 1.96
C LYS C 520 45.10 20.66 2.66
N SER C 521 45.61 21.64 1.90
CA SER C 521 46.10 22.88 2.48
C SER C 521 44.93 23.71 3.02
N PRO C 522 45.17 24.53 4.06
CA PRO C 522 44.08 25.27 4.68
C PRO C 522 43.43 26.31 3.77
N MET C 523 42.14 26.56 4.04
CA MET C 523 41.34 27.44 3.22
C MET C 523 41.79 28.89 3.35
N GLN C 524 41.87 29.57 2.22
CA GLN C 524 42.47 30.89 2.14
C GLN C 524 41.39 31.96 2.21
N TRP C 525 41.12 32.43 3.43
CA TRP C 525 40.35 33.64 3.70
C TRP C 525 41.31 34.84 3.64
N ASP C 526 40.91 35.97 4.22
CA ASP C 526 41.58 37.27 4.18
C ASP C 526 43.09 37.26 4.40
N ASN C 527 43.80 38.28 3.92
CA ASN C 527 45.26 38.24 3.85
C ASN C 527 45.96 38.49 5.19
N SER C 528 45.54 37.78 6.23
CA SER C 528 46.15 37.87 7.55
C SER C 528 47.24 36.81 7.66
N SER C 529 47.72 36.57 8.87
CA SER C 529 48.63 35.44 9.10
C SER C 529 47.85 34.14 8.96
N ASN C 530 48.47 33.17 8.27
CA ASN C 530 47.89 31.88 7.88
C ASN C 530 46.62 32.05 7.05
N ALA C 531 46.54 33.16 6.29
CA ALA C 531 45.43 33.49 5.39
C ALA C 531 44.07 33.49 6.10
N GLY C 532 44.06 33.95 7.34
CA GLY C 532 42.81 33.98 8.08
C GLY C 532 42.27 32.64 8.53
N PHE C 533 43.00 31.56 8.31
CA PHE C 533 42.54 30.23 8.73
C PHE C 533 42.65 30.07 10.23
N SER C 534 43.69 30.63 10.83
CA SER C 534 43.96 30.45 12.24
C SER C 534 44.63 31.70 12.77
N GLU C 535 44.56 31.88 14.09
CA GLU C 535 45.31 32.92 14.77
C GLU C 535 46.46 32.35 15.59
N ALA C 536 46.77 31.06 15.42
CA ALA C 536 47.90 30.44 16.09
C ALA C 536 49.20 30.83 15.38
N SER C 537 50.31 30.37 15.96
CA SER C 537 51.62 30.68 15.40
C SER C 537 51.86 29.91 14.11
N ASN C 538 51.71 28.59 14.14
CA ASN C 538 51.85 27.74 12.97
C ASN C 538 50.68 26.77 12.85
N THR C 539 50.28 26.47 11.63
CA THR C 539 49.17 25.57 11.40
C THR C 539 49.68 24.15 11.16
N TRP C 540 48.74 23.23 11.01
CA TRP C 540 49.12 21.83 10.84
C TRP C 540 49.71 21.57 9.45
N LEU C 541 49.33 22.35 8.46
CA LEU C 541 49.91 22.36 7.14
C LEU C 541 50.24 23.78 6.74
N PRO C 542 51.25 23.99 5.90
CA PRO C 542 51.54 25.35 5.44
C PRO C 542 50.48 25.85 4.47
N THR C 543 50.15 27.13 4.60
CA THR C 543 49.28 27.80 3.64
C THR C 543 50.05 28.03 2.35
N ASN C 544 49.36 27.96 1.21
CA ASN C 544 49.97 28.30 -0.07
C ASN C 544 50.36 29.77 -0.08
N SER C 545 51.52 30.06 -0.69
CA SER C 545 52.11 31.39 -0.61
C SER C 545 51.43 32.42 -1.51
N ASP C 546 50.46 32.03 -2.33
CA ASP C 546 49.73 32.98 -3.16
C ASP C 546 48.49 33.55 -2.47
N TYR C 547 48.42 33.46 -1.14
CA TYR C 547 47.20 33.86 -0.44
C TYR C 547 47.02 35.36 -0.36
N HIS C 548 48.03 36.16 -0.72
CA HIS C 548 47.85 37.60 -0.74
C HIS C 548 46.98 38.04 -1.93
N THR C 549 47.03 37.28 -3.03
CA THR C 549 46.23 37.60 -4.20
C THR C 549 45.09 36.63 -4.44
N VAL C 550 45.19 35.40 -3.93
CA VAL C 550 44.18 34.37 -4.16
C VAL C 550 43.54 34.09 -2.80
N ASN C 551 42.45 34.78 -2.50
CA ASN C 551 41.72 34.55 -1.25
C ASN C 551 40.27 35.01 -1.43
N VAL C 552 39.45 34.68 -0.43
CA VAL C 552 38.02 34.95 -0.52
C VAL C 552 37.74 36.44 -0.38
N ASP C 553 38.47 37.12 0.50
CA ASP C 553 38.17 38.51 0.83
C ASP C 553 38.46 39.45 -0.34
N VAL C 554 39.53 39.19 -1.09
CA VAL C 554 39.83 40.06 -2.22
C VAL C 554 38.97 39.73 -3.44
N GLN C 555 38.54 38.48 -3.58
CA GLN C 555 37.76 38.09 -4.75
C GLN C 555 36.30 38.50 -4.64
N LYS C 556 35.84 38.92 -3.46
CA LYS C 556 34.50 39.48 -3.34
C LYS C 556 34.44 40.91 -3.85
N THR C 557 35.58 41.59 -3.96
CA THR C 557 35.64 42.96 -4.46
C THR C 557 36.16 43.03 -5.89
N GLN C 558 36.46 41.87 -6.49
CA GLN C 558 36.91 41.79 -7.86
C GLN C 558 35.76 41.33 -8.73
N PRO C 559 35.34 42.12 -9.73
CA PRO C 559 34.22 41.69 -10.58
C PRO C 559 34.59 40.65 -11.62
N ARG C 560 35.88 40.36 -11.81
CA ARG C 560 36.33 39.38 -12.79
C ARG C 560 36.93 38.15 -12.12
N SER C 561 36.58 37.90 -10.87
CA SER C 561 37.22 36.83 -10.13
C SER C 561 36.55 35.49 -10.38
N ALA C 562 37.20 34.44 -9.89
CA ALA C 562 36.65 33.09 -10.02
C ALA C 562 35.47 32.88 -9.08
N LEU C 563 35.43 33.60 -7.96
CA LEU C 563 34.34 33.46 -7.01
C LEU C 563 33.05 34.05 -7.56
N LYS C 564 33.14 35.13 -8.34
CA LYS C 564 31.95 35.78 -8.85
C LYS C 564 31.34 34.98 -9.99
N LEU C 565 32.15 34.25 -10.75
CA LEU C 565 31.60 33.38 -11.79
C LEU C 565 30.94 32.16 -11.18
N TYR C 566 31.52 31.62 -10.11
CA TYR C 566 30.91 30.50 -9.39
C TYR C 566 29.57 30.91 -8.79
N GLN C 567 29.47 32.14 -8.29
CA GLN C 567 28.23 32.58 -7.66
C GLN C 567 27.17 32.87 -8.70
N ASP C 568 27.55 33.31 -9.89
CA ASP C 568 26.61 33.48 -10.98
C ASP C 568 26.18 32.16 -11.61
N LEU C 569 27.05 31.16 -11.62
CA LEU C 569 26.71 29.87 -12.21
C LEU C 569 25.78 29.08 -11.31
N SER C 570 26.02 29.12 -10.00
CA SER C 570 25.18 28.39 -9.06
C SER C 570 23.82 29.05 -8.84
N LEU C 571 23.74 30.37 -9.01
CA LEU C 571 22.43 31.03 -8.93
C LEU C 571 21.61 30.77 -10.18
N LEU C 572 22.27 30.74 -11.34
CA LEU C 572 21.59 30.39 -12.58
C LEU C 572 21.11 28.95 -12.56
N HIS C 573 21.89 28.06 -11.93
CA HIS C 573 21.48 26.66 -11.83
C HIS C 573 20.29 26.47 -10.91
N ALA C 574 20.13 27.35 -9.92
CA ALA C 574 19.04 27.21 -8.97
C ALA C 574 17.75 27.84 -9.46
N ASN C 575 17.82 28.81 -10.35
CA ASN C 575 16.64 29.54 -10.79
C ASN C 575 16.09 29.08 -12.13
N GLU C 576 16.80 28.21 -12.84
CA GLU C 576 16.40 27.80 -14.18
C GLU C 576 15.98 26.34 -14.17
N LEU C 577 14.77 26.07 -14.69
CA LEU C 577 14.30 24.69 -14.82
C LEU C 577 15.03 23.93 -15.91
N LEU C 578 15.62 24.63 -16.88
CA LEU C 578 16.37 23.97 -17.94
C LEU C 578 17.65 23.35 -17.42
N LEU C 579 18.28 23.95 -16.42
CA LEU C 579 19.58 23.51 -15.97
C LEU C 579 19.51 22.46 -14.86
N ASN C 580 18.50 22.50 -14.01
CA ASN C 580 18.42 21.50 -12.95
C ASN C 580 17.45 20.36 -13.26
N ARG C 581 16.68 20.46 -14.33
CA ARG C 581 15.72 19.41 -14.66
C ARG C 581 15.73 18.97 -16.12
N GLY C 582 16.17 19.80 -17.05
CA GLY C 582 15.89 19.60 -18.45
C GLY C 582 16.67 18.49 -19.12
N TRP C 583 16.42 18.34 -20.42
CA TRP C 583 17.10 17.34 -21.23
C TRP C 583 18.57 17.70 -21.40
N PHE C 584 19.37 16.68 -21.71
CA PHE C 584 20.77 16.87 -22.05
C PHE C 584 21.01 16.27 -23.42
N CYS C 585 21.19 17.12 -24.42
CA CYS C 585 21.36 16.68 -25.80
C CYS C 585 22.73 17.15 -26.28
N HIS C 586 23.63 16.19 -26.50
CA HIS C 586 24.98 16.52 -26.95
C HIS C 586 25.13 16.32 -28.45
N LEU C 587 26.04 17.08 -29.04
CA LEU C 587 26.32 17.00 -30.46
C LEU C 587 27.50 16.04 -30.69
N ARG C 588 28.06 16.07 -31.89
CA ARG C 588 29.17 15.20 -32.24
C ARG C 588 30.45 15.65 -31.53
N ASN C 589 31.43 14.75 -31.49
CA ASN C 589 32.67 15.05 -30.82
C ASN C 589 33.58 15.91 -31.69
N ASP C 590 34.54 16.56 -31.04
CA ASP C 590 35.48 17.44 -31.71
C ASP C 590 36.77 17.46 -30.89
N SER C 591 37.88 17.74 -31.56
CA SER C 591 39.17 17.76 -30.88
C SER C 591 39.34 18.99 -29.99
N HIS C 592 38.62 20.08 -30.28
CA HIS C 592 38.78 21.33 -29.55
C HIS C 592 37.66 21.56 -28.53
N TYR C 593 36.42 21.58 -28.98
CA TYR C 593 35.33 22.11 -28.19
C TYR C 593 34.26 21.07 -27.91
N VAL C 594 33.47 21.35 -26.88
CA VAL C 594 32.33 20.53 -26.48
C VAL C 594 31.07 21.40 -26.54
N VAL C 595 30.08 20.95 -27.30
CA VAL C 595 28.82 21.69 -27.47
C VAL C 595 27.68 20.76 -27.07
N TYR C 596 26.81 21.25 -26.18
CA TYR C 596 25.59 20.53 -25.85
C TYR C 596 24.49 21.54 -25.54
N THR C 597 23.26 21.04 -25.47
CA THR C 597 22.10 21.87 -25.21
C THR C 597 21.32 21.33 -24.02
N ARG C 598 20.62 22.25 -23.33
CA ARG C 598 19.72 21.91 -22.24
C ARG C 598 18.31 22.36 -22.64
N GLU C 599 17.37 21.42 -22.65
CA GLU C 599 16.05 21.63 -23.24
C GLU C 599 14.97 21.10 -22.32
N LEU C 600 13.79 21.71 -22.41
CA LEU C 600 12.62 21.21 -21.70
C LEU C 600 11.39 21.52 -22.53
N ASP C 601 10.55 20.52 -22.74
CA ASP C 601 9.36 20.69 -23.57
C ASP C 601 8.31 21.50 -22.81
N GLY C 602 7.81 22.56 -23.44
CA GLY C 602 6.92 23.50 -22.82
C GLY C 602 7.53 24.86 -22.59
N ILE C 603 8.81 24.92 -22.26
CA ILE C 603 9.56 26.17 -22.22
C ILE C 603 10.13 26.41 -23.61
N ASP C 604 9.92 27.61 -24.15
CA ASP C 604 10.25 27.91 -25.53
C ASP C 604 11.60 28.57 -25.68
N ARG C 605 12.57 28.21 -24.85
CA ARG C 605 13.95 28.65 -25.04
C ARG C 605 14.88 27.53 -24.61
N ILE C 606 16.07 27.52 -25.21
CA ILE C 606 17.08 26.52 -24.92
C ILE C 606 18.34 27.22 -24.44
N PHE C 607 19.20 26.45 -23.77
CA PHE C 607 20.54 26.90 -23.40
C PHE C 607 21.54 26.16 -24.28
N ILE C 608 22.46 26.90 -24.88
CA ILE C 608 23.52 26.33 -25.71
C ILE C 608 24.84 26.60 -25.02
N VAL C 609 25.52 25.54 -24.59
CA VAL C 609 26.77 25.62 -23.87
C VAL C 609 27.88 25.26 -24.83
N VAL C 610 28.87 26.15 -24.98
CA VAL C 610 30.02 25.96 -25.85
C VAL C 610 31.27 26.13 -25.02
N LEU C 611 32.06 25.06 -24.90
CA LEU C 611 33.23 25.04 -24.04
C LEU C 611 34.44 24.62 -24.86
N ASN C 612 35.44 25.49 -24.95
CA ASN C 612 36.66 25.19 -25.70
C ASN C 612 37.70 24.62 -24.75
N PHE C 613 38.17 23.41 -25.03
CA PHE C 613 39.18 22.75 -24.22
C PHE C 613 40.52 22.63 -24.91
N GLY C 614 40.63 22.98 -26.18
CA GLY C 614 41.89 23.13 -26.86
C GLY C 614 42.42 24.55 -26.75
N GLU C 615 43.28 24.92 -27.69
CA GLU C 615 43.73 26.31 -27.74
C GLU C 615 42.80 27.09 -28.65
N SER C 616 43.22 28.31 -29.04
CA SER C 616 42.33 29.29 -29.65
C SER C 616 41.85 28.84 -31.03
N THR C 617 40.54 28.93 -31.26
CA THR C 617 39.92 28.39 -32.47
C THR C 617 38.71 29.24 -32.85
N LEU C 618 38.25 29.04 -34.08
CA LEU C 618 37.04 29.71 -34.57
C LEU C 618 35.96 28.67 -34.82
N LEU C 619 34.75 28.95 -34.35
CA LEU C 619 33.62 28.03 -34.42
C LEU C 619 32.51 28.58 -35.30
N ASN C 620 32.01 27.74 -36.21
CA ASN C 620 30.82 28.03 -36.99
C ASN C 620 29.66 27.24 -36.40
N LEU C 621 28.82 27.92 -35.62
CA LEU C 621 27.71 27.25 -34.95
C LEU C 621 26.55 26.94 -35.89
N HIS C 622 26.55 27.52 -37.10
CA HIS C 622 25.52 27.18 -38.08
C HIS C 622 25.68 25.76 -38.59
N ASN C 623 26.89 25.22 -38.55
CA ASN C 623 27.13 23.87 -39.03
C ASN C 623 26.84 22.80 -37.98
N MET C 624 26.44 23.17 -36.78
CA MET C 624 26.10 22.21 -35.75
C MET C 624 24.63 22.21 -35.38
N ILE C 625 24.02 23.39 -35.28
CA ILE C 625 22.61 23.52 -34.92
C ILE C 625 21.93 24.35 -36.00
N SER C 626 20.85 23.82 -36.56
CA SER C 626 20.13 24.50 -37.63
C SER C 626 19.10 25.46 -37.05
N GLY C 627 18.80 26.52 -37.80
CA GLY C 627 17.79 27.47 -37.40
C GLY C 627 18.25 28.56 -36.47
N LEU C 628 19.50 28.87 -36.47
CA LEU C 628 20.04 29.90 -35.58
C LEU C 628 20.04 31.26 -36.28
N PRO C 629 19.87 32.35 -35.54
CA PRO C 629 19.93 33.68 -36.16
C PRO C 629 21.35 34.09 -36.47
N ALA C 630 21.47 35.28 -37.07
CA ALA C 630 22.77 35.80 -37.47
C ALA C 630 23.59 36.26 -36.27
N LYS C 631 22.96 36.61 -35.16
CA LYS C 631 23.66 37.06 -33.97
C LYS C 631 23.01 36.45 -32.74
N MET C 632 23.83 36.04 -31.79
CA MET C 632 23.37 35.44 -30.54
C MET C 632 23.89 36.25 -29.36
N ARG C 633 23.03 36.42 -28.36
CA ARG C 633 23.40 37.17 -27.16
C ARG C 633 23.95 36.21 -26.10
N ILE C 634 25.02 36.63 -25.45
CA ILE C 634 25.70 35.82 -24.45
C ILE C 634 24.98 35.95 -23.12
N ARG C 635 24.61 34.81 -22.53
CA ARG C 635 24.03 34.82 -21.19
C ARG C 635 25.10 34.83 -20.11
N LEU C 636 26.14 34.01 -20.28
CA LEU C 636 27.20 33.89 -19.29
C LEU C 636 28.48 33.47 -19.99
N SER C 637 29.60 34.00 -19.53
CA SER C 637 30.89 33.72 -20.14
C SER C 637 31.94 33.51 -19.06
N THR C 638 32.97 32.73 -19.39
CA THR C 638 34.08 32.53 -18.47
C THR C 638 34.94 33.77 -18.34
N ASN C 639 34.88 34.68 -19.30
CA ASN C 639 35.41 36.02 -19.15
C ASN C 639 34.20 36.92 -18.93
N SER C 640 34.08 37.45 -17.70
CA SER C 640 32.85 38.10 -17.26
C SER C 640 32.61 39.46 -17.90
N ALA C 641 33.58 40.00 -18.64
CA ALA C 641 33.35 41.25 -19.34
C ALA C 641 32.40 41.08 -20.52
N ASP C 642 32.35 39.87 -21.09
CA ASP C 642 31.49 39.59 -22.23
C ASP C 642 30.14 39.00 -21.82
N LYS C 643 29.44 39.66 -20.91
CA LYS C 643 28.10 39.24 -20.51
C LYS C 643 27.10 40.24 -21.07
N GLY C 644 26.11 39.72 -21.80
CA GLY C 644 25.13 40.54 -22.45
C GLY C 644 25.55 41.08 -23.81
N SER C 645 26.77 40.77 -24.25
CA SER C 645 27.21 41.18 -25.57
C SER C 645 26.67 40.23 -26.63
N LYS C 646 27.03 40.50 -27.87
CA LYS C 646 26.48 39.79 -29.01
C LYS C 646 27.61 39.37 -29.93
N VAL C 647 27.69 38.06 -30.21
CA VAL C 647 28.60 37.53 -31.20
C VAL C 647 27.78 37.10 -32.41
N ASP C 648 28.48 36.86 -33.53
CA ASP C 648 27.83 36.36 -34.72
C ASP C 648 28.00 34.85 -34.81
N THR C 649 26.96 34.19 -35.33
CA THR C 649 26.87 32.73 -35.27
C THR C 649 27.88 32.04 -36.16
N SER C 650 28.17 32.61 -37.33
CA SER C 650 29.08 31.96 -38.27
C SER C 650 30.53 32.05 -37.81
N GLY C 651 30.90 33.15 -37.16
CA GLY C 651 32.24 33.25 -36.62
C GLY C 651 32.25 33.55 -35.13
N ILE C 652 32.62 32.57 -34.33
CA ILE C 652 32.76 32.72 -32.89
C ILE C 652 34.21 32.44 -32.56
N PHE C 653 34.92 33.44 -32.05
CA PHE C 653 36.30 33.27 -31.68
C PHE C 653 36.40 32.86 -30.22
N LEU C 654 36.87 31.64 -29.98
CA LEU C 654 37.01 31.09 -28.64
C LEU C 654 38.49 31.06 -28.29
N ASP C 655 38.84 31.65 -27.16
CA ASP C 655 40.21 31.57 -26.66
C ASP C 655 40.44 30.21 -26.01
N LYS C 656 41.67 29.99 -25.56
CA LYS C 656 41.99 28.75 -24.85
C LYS C 656 41.36 28.79 -23.46
N GLY C 657 40.50 27.82 -23.17
CA GLY C 657 39.81 27.78 -21.90
C GLY C 657 38.62 28.70 -21.79
N GLU C 658 37.89 28.91 -22.88
CA GLU C 658 36.75 29.82 -22.86
C GLU C 658 35.45 29.04 -22.94
N GLY C 659 34.47 29.47 -22.16
CA GLY C 659 33.15 28.89 -22.20
C GLY C 659 32.10 29.97 -22.41
N LEU C 660 31.05 29.61 -23.15
CA LEU C 660 29.95 30.51 -23.44
C LEU C 660 28.63 29.80 -23.21
N ILE C 661 27.65 30.55 -22.71
CA ILE C 661 26.28 30.05 -22.56
C ILE C 661 25.37 30.99 -23.34
N PHE C 662 24.67 30.44 -24.33
CA PHE C 662 23.71 31.19 -25.13
C PHE C 662 22.30 30.84 -24.71
N GLU C 663 21.42 31.81 -24.76
CA GLU C 663 19.99 31.57 -24.55
C GLU C 663 19.28 31.88 -25.86
N HIS C 664 18.61 30.88 -26.41
CA HIS C 664 18.02 30.96 -27.75
C HIS C 664 16.55 30.62 -27.69
N ASN C 665 15.70 31.57 -28.07
CA ASN C 665 14.26 31.36 -28.09
C ASN C 665 13.87 30.62 -29.36
N THR C 666 13.35 29.40 -29.20
CA THR C 666 12.94 28.58 -30.34
C THR C 666 11.91 27.57 -29.87
N LYS C 667 11.28 26.91 -30.84
CA LYS C 667 10.30 25.85 -30.55
C LYS C 667 10.69 24.51 -31.15
N ASN C 668 11.89 24.40 -31.73
CA ASN C 668 12.36 23.14 -32.31
C ASN C 668 13.43 22.56 -31.40
N LEU C 669 13.01 21.63 -30.54
CA LEU C 669 13.92 20.99 -29.60
C LEU C 669 14.57 19.78 -30.25
N LEU C 670 15.77 19.43 -29.78
CA LEU C 670 16.54 18.39 -30.44
C LEU C 670 16.05 16.99 -30.07
N HIS C 671 15.48 16.83 -28.88
CA HIS C 671 14.99 15.51 -28.49
C HIS C 671 13.69 15.14 -29.18
N ARG C 672 13.04 16.08 -29.87
CA ARG C 672 11.88 15.77 -30.68
C ARG C 672 12.25 15.41 -32.11
N GLN C 673 13.47 15.73 -32.53
CA GLN C 673 13.95 15.31 -33.84
C GLN C 673 14.59 13.93 -33.75
N THR C 674 14.19 13.04 -34.65
CA THR C 674 14.64 11.65 -34.58
C THR C 674 16.09 11.46 -35.00
N ALA C 675 16.71 12.46 -35.62
CA ALA C 675 18.13 12.40 -35.91
C ALA C 675 19.00 12.73 -34.70
N PHE C 676 18.42 13.25 -33.63
CA PHE C 676 19.15 13.59 -32.43
C PHE C 676 18.68 12.84 -31.20
N ARG C 677 17.68 11.96 -31.33
CA ARG C 677 17.07 11.30 -30.18
C ARG C 677 18.03 10.31 -29.52
N ASP C 678 18.98 9.76 -30.28
CA ASP C 678 19.94 8.81 -29.74
C ASP C 678 20.94 9.45 -28.78
N ARG C 679 21.06 10.78 -28.78
CA ARG C 679 22.03 11.48 -27.96
C ARG C 679 21.38 12.44 -26.95
N CYS C 680 20.17 12.10 -26.49
CA CYS C 680 19.44 12.92 -25.54
C CYS C 680 19.03 12.08 -24.34
N PHE C 681 19.10 12.68 -23.15
CA PHE C 681 18.92 11.95 -21.89
C PHE C 681 18.09 12.78 -20.91
N VAL C 682 17.29 12.09 -20.09
CA VAL C 682 16.55 12.69 -18.99
C VAL C 682 16.44 11.75 -17.79
N SER C 683 16.31 12.38 -16.63
CA SER C 683 15.76 11.78 -15.43
C SER C 683 14.63 12.67 -14.97
N ASN C 684 13.54 12.05 -14.50
CA ASN C 684 12.31 12.71 -14.06
C ASN C 684 11.71 13.57 -15.18
N ARG C 685 11.25 12.84 -16.20
CA ARG C 685 10.71 13.45 -17.41
C ARG C 685 9.38 14.15 -17.13
N ALA C 686 9.25 15.39 -17.57
CA ALA C 686 8.04 16.17 -17.36
C ALA C 686 7.98 17.31 -18.36
N CYS C 687 6.77 17.68 -18.75
CA CYS C 687 6.55 18.85 -19.57
C CYS C 687 6.14 20.04 -18.72
N TYR C 688 6.07 21.20 -19.33
CA TYR C 688 5.71 22.43 -18.65
C TYR C 688 4.53 23.09 -19.35
N SER C 689 3.53 23.49 -18.58
CA SER C 689 2.37 24.21 -19.10
C SER C 689 2.50 25.66 -18.66
N SER C 690 2.71 26.55 -19.63
CA SER C 690 2.86 27.97 -19.33
C SER C 690 1.53 28.62 -18.95
N VAL C 691 0.40 28.02 -19.33
CA VAL C 691 -0.89 28.58 -19.01
C VAL C 691 -1.21 28.37 -17.53
N LEU C 692 -1.02 27.16 -17.04
CA LEU C 692 -1.35 26.84 -15.66
C LEU C 692 -0.22 27.05 -14.69
N ASN C 693 1.02 27.18 -15.19
CA ASN C 693 2.25 27.23 -14.39
C ASN C 693 2.38 25.98 -13.52
N ILE C 694 2.33 24.81 -14.15
CA ILE C 694 2.55 23.53 -13.49
C ILE C 694 3.52 22.72 -14.33
N LEU C 695 3.95 21.60 -13.77
CA LEU C 695 4.60 20.54 -14.53
C LEU C 695 3.66 19.35 -14.60
N TYR C 696 3.68 18.64 -15.72
CA TYR C 696 2.79 17.51 -15.91
C TYR C 696 3.54 16.43 -16.68
N THR C 697 3.17 15.18 -16.42
CA THR C 697 3.88 14.03 -16.96
C THR C 697 3.29 13.50 -18.26
N SER C 698 2.10 13.94 -18.64
CA SER C 698 1.46 13.46 -19.85
C SER C 698 2.13 14.10 -21.06
N CYS C 699 3.34 13.64 -21.35
CA CYS C 699 4.16 14.25 -22.39
C CYS C 699 3.65 13.88 -23.77
N LEU D 50 -30.69 25.21 29.26
CA LEU D 50 -29.25 25.35 29.35
C LEU D 50 -28.83 25.92 30.69
N GLY D 51 -28.05 25.15 31.45
CA GLY D 51 -27.49 25.62 32.71
C GLY D 51 -26.23 26.43 32.50
N LEU D 52 -25.30 26.28 33.44
CA LEU D 52 -24.01 26.95 33.31
C LEU D 52 -23.01 26.09 32.54
N ILE D 53 -23.02 24.77 32.76
CA ILE D 53 -22.03 23.90 32.14
C ILE D 53 -22.30 23.74 30.65
N SER D 54 -23.56 23.61 30.26
CA SER D 54 -23.91 23.64 28.85
C SER D 54 -23.95 25.05 28.29
N GLY D 55 -23.80 26.07 29.14
CA GLY D 55 -23.59 27.41 28.63
C GLY D 55 -22.18 27.67 28.18
N ILE D 56 -21.19 27.10 28.88
CA ILE D 56 -19.80 27.25 28.46
C ILE D 56 -19.40 26.24 27.40
N SER D 57 -20.24 25.25 27.12
CA SER D 57 -19.94 24.29 26.08
C SER D 57 -20.29 24.83 24.70
N ILE D 58 -21.27 25.72 24.60
CA ILE D 58 -21.56 26.35 23.32
C ILE D 58 -20.50 27.40 23.01
N ILE D 59 -19.90 27.99 24.05
CA ILE D 59 -18.87 29.00 23.86
C ILE D 59 -17.59 28.35 23.34
N VAL D 60 -17.24 27.18 23.88
CA VAL D 60 -16.05 26.46 23.42
C VAL D 60 -16.26 25.91 22.00
N GLY D 61 -17.46 25.42 21.70
CA GLY D 61 -17.71 24.90 20.37
C GLY D 61 -17.79 25.96 19.30
N THR D 62 -18.19 27.17 19.65
CA THR D 62 -18.25 28.27 18.70
C THR D 62 -16.89 28.85 18.38
N ILE D 63 -16.01 28.96 19.37
CA ILE D 63 -14.78 29.73 19.21
C ILE D 63 -13.68 28.87 18.60
N ILE D 64 -13.65 27.57 18.90
CA ILE D 64 -12.75 26.67 18.20
C ILE D 64 -13.19 26.54 16.76
N GLY D 65 -12.37 27.03 15.84
CA GLY D 65 -12.69 26.95 14.44
C GLY D 65 -11.49 26.48 13.65
N SER D 66 -11.44 26.83 12.36
CA SER D 66 -10.34 26.43 11.52
C SER D 66 -9.09 27.27 11.69
N GLY D 67 -9.10 28.23 12.63
CA GLY D 67 -8.00 29.17 12.74
C GLY D 67 -6.74 28.57 13.30
N ILE D 68 -6.86 27.65 14.25
CA ILE D 68 -5.67 27.08 14.91
C ILE D 68 -4.89 26.15 14.00
N PHE D 69 -5.44 25.78 12.86
CA PHE D 69 -4.74 24.93 11.90
C PHE D 69 -4.04 25.72 10.80
N VAL D 70 -4.24 27.03 10.71
CA VAL D 70 -3.62 27.87 9.69
C VAL D 70 -2.77 28.97 10.30
N SER D 71 -3.25 29.59 11.38
CA SER D 71 -2.58 30.70 12.06
C SER D 71 -1.19 30.53 12.70
N PRO D 72 -0.75 29.34 13.18
CA PRO D 72 0.59 29.30 13.80
C PRO D 72 1.75 29.64 12.88
N LYS D 73 1.61 29.46 11.57
CA LYS D 73 2.69 29.84 10.68
C LYS D 73 2.86 31.34 10.59
N SER D 74 1.77 32.09 10.58
CA SER D 74 1.84 33.54 10.37
C SER D 74 2.09 34.32 11.66
N VAL D 75 1.87 33.71 12.82
CA VAL D 75 2.28 34.35 14.06
C VAL D 75 3.79 34.20 14.25
N LEU D 76 4.33 33.03 13.90
CA LEU D 76 5.77 32.82 13.97
C LEU D 76 6.50 33.54 12.85
N SER D 77 5.83 33.80 11.73
CA SER D 77 6.48 34.51 10.64
C SER D 77 6.71 35.98 10.95
N ASN D 78 6.01 36.54 11.94
CA ASN D 78 6.15 37.95 12.25
C ASN D 78 6.89 38.19 13.55
N THR D 79 6.73 37.30 14.52
CA THR D 79 7.58 37.27 15.70
C THR D 79 8.43 36.01 15.58
N GLU D 80 9.70 36.17 15.21
CA GLU D 80 10.48 35.04 14.72
C GLU D 80 11.01 34.11 15.81
N ALA D 81 10.54 34.21 17.05
CA ALA D 81 11.00 33.32 18.11
C ALA D 81 9.82 32.59 18.72
N VAL D 82 10.13 31.51 19.44
CA VAL D 82 9.10 30.67 20.04
C VAL D 82 8.47 31.37 21.23
N GLY D 83 9.28 32.06 22.03
CA GLY D 83 8.82 32.74 23.23
C GLY D 83 7.81 33.85 23.02
N PRO D 84 8.11 34.83 22.15
CA PRO D 84 7.08 35.80 21.77
C PRO D 84 5.91 35.20 20.99
N CYS D 85 6.05 33.99 20.44
CA CYS D 85 4.93 33.40 19.70
C CYS D 85 3.86 32.89 20.66
N LEU D 86 4.24 32.53 21.88
CA LEU D 86 3.28 32.04 22.86
C LEU D 86 2.66 33.16 23.67
N ILE D 87 3.27 34.35 23.67
CA ILE D 87 2.69 35.48 24.37
C ILE D 87 1.57 36.11 23.55
N ILE D 88 1.72 36.12 22.22
CA ILE D 88 0.66 36.66 21.36
C ILE D 88 -0.55 35.73 21.37
N TRP D 89 -0.34 34.43 21.53
CA TRP D 89 -1.47 33.52 21.61
C TRP D 89 -2.22 33.65 22.93
N ALA D 90 -1.56 34.16 23.96
CA ALA D 90 -2.24 34.39 25.23
C ALA D 90 -2.85 35.79 25.28
N ALA D 91 -2.22 36.75 24.62
CA ALA D 91 -2.75 38.12 24.64
C ALA D 91 -3.92 38.27 23.69
N CYS D 92 -4.07 37.38 22.72
CA CYS D 92 -5.26 37.38 21.89
C CYS D 92 -6.47 36.81 22.60
N GLY D 93 -6.26 35.92 23.58
CA GLY D 93 -7.37 35.41 24.35
C GLY D 93 -7.86 36.36 25.42
N VAL D 94 -7.05 37.37 25.74
CA VAL D 94 -7.52 38.46 26.60
C VAL D 94 -8.32 39.48 25.80
N LEU D 95 -7.95 39.73 24.55
CA LEU D 95 -8.74 40.63 23.71
C LEU D 95 -10.07 40.01 23.31
N ALA D 96 -10.14 38.68 23.27
CA ALA D 96 -11.41 38.04 22.97
C ALA D 96 -12.32 37.99 24.19
N THR D 97 -11.73 38.02 25.39
CA THR D 97 -12.53 37.94 26.61
C THR D 97 -13.01 39.32 27.04
N LEU D 98 -12.15 40.32 26.94
CA LEU D 98 -12.58 41.69 27.22
C LEU D 98 -13.48 42.22 26.12
N GLY D 99 -13.33 41.72 24.90
CA GLY D 99 -14.21 42.14 23.83
C GLY D 99 -15.60 41.56 23.95
N ALA D 100 -15.70 40.31 24.40
CA ALA D 100 -17.00 39.68 24.55
C ALA D 100 -17.75 40.16 25.79
N LEU D 101 -17.05 40.73 26.76
CA LEU D 101 -17.72 41.29 27.93
C LEU D 101 -18.39 42.61 27.58
N CYS D 102 -17.75 43.40 26.73
CA CYS D 102 -18.36 44.66 26.29
C CYS D 102 -19.57 44.40 25.41
N PHE D 103 -19.54 43.34 24.61
CA PHE D 103 -20.70 42.98 23.82
C PHE D 103 -21.80 42.37 24.68
N ALA D 104 -21.46 41.88 25.87
CA ALA D 104 -22.47 41.36 26.77
C ALA D 104 -23.26 42.47 27.43
N GLU D 105 -22.65 43.63 27.65
CA GLU D 105 -23.39 44.76 28.19
C GLU D 105 -24.28 45.38 27.14
N LEU D 106 -23.78 45.52 25.91
CA LEU D 106 -24.56 46.07 24.82
C LEU D 106 -25.71 45.18 24.42
N GLY D 107 -25.59 43.88 24.65
CA GLY D 107 -26.66 42.97 24.27
C GLY D 107 -27.85 43.00 25.20
N THR D 108 -27.64 43.27 26.48
CA THR D 108 -28.72 43.37 27.43
C THR D 108 -29.29 44.78 27.56
N MET D 109 -28.53 45.78 27.15
CA MET D 109 -29.00 47.16 27.25
C MET D 109 -30.01 47.50 26.16
N ILE D 110 -29.80 46.98 24.95
CA ILE D 110 -30.58 47.37 23.78
C ILE D 110 -31.67 46.36 23.44
N THR D 111 -31.29 45.07 23.35
CA THR D 111 -32.18 43.93 23.11
C THR D 111 -32.94 44.11 21.78
N LYS D 112 -32.17 44.05 20.70
CA LYS D 112 -32.71 44.11 19.35
C LYS D 112 -31.90 43.17 18.47
N SER D 113 -32.55 42.59 17.47
CA SER D 113 -31.88 41.67 16.58
C SER D 113 -30.98 42.43 15.61
N GLY D 114 -30.17 41.69 14.88
CA GLY D 114 -29.13 42.25 14.06
C GLY D 114 -27.76 41.73 14.48
N GLY D 115 -26.76 42.57 14.25
CA GLY D 115 -25.44 42.27 14.76
C GLY D 115 -24.96 43.36 15.69
N GLU D 116 -23.94 44.09 15.25
CA GLU D 116 -23.59 45.38 15.82
C GLU D 116 -24.41 46.52 15.24
N TYR D 117 -25.37 46.19 14.38
CA TYR D 117 -26.17 47.22 13.73
C TYR D 117 -27.12 47.96 14.66
N PRO D 118 -27.87 47.32 15.60
CA PRO D 118 -28.61 48.14 16.55
C PRO D 118 -27.75 48.79 17.61
N TYR D 119 -26.48 48.41 17.73
CA TYR D 119 -25.62 49.03 18.73
C TYR D 119 -25.04 50.34 18.21
N LEU D 120 -24.72 50.41 16.92
CA LEU D 120 -24.15 51.61 16.36
C LEU D 120 -25.20 52.68 16.07
N MET D 121 -26.43 52.26 15.84
CA MET D 121 -27.51 53.23 15.62
C MET D 121 -27.87 53.96 16.90
N GLU D 122 -27.81 53.25 18.03
CA GLU D 122 -28.15 53.85 19.31
C GLU D 122 -27.09 54.82 19.79
N ALA D 123 -25.86 54.68 19.33
CA ALA D 123 -24.77 55.52 19.81
C ALA D 123 -24.49 56.71 18.88
N TYR D 124 -24.33 56.47 17.59
CA TYR D 124 -23.92 57.53 16.67
C TYR D 124 -24.98 57.97 15.69
N GLY D 125 -25.96 57.13 15.38
CA GLY D 125 -26.95 57.47 14.40
C GLY D 125 -26.90 56.55 13.20
N PRO D 126 -27.41 56.99 12.07
CA PRO D 126 -27.55 56.09 10.93
C PRO D 126 -26.29 55.88 10.10
N ILE D 127 -25.34 56.82 10.11
CA ILE D 127 -24.22 56.77 9.18
C ILE D 127 -23.19 55.69 9.55
N PRO D 128 -22.78 55.49 10.82
CA PRO D 128 -21.95 54.31 11.11
C PRO D 128 -22.75 53.01 11.10
N ALA D 129 -24.06 53.05 11.28
CA ALA D 129 -24.86 51.85 11.17
C ALA D 129 -25.00 51.42 9.72
N TYR D 130 -25.07 52.38 8.79
CA TYR D 130 -25.14 52.04 7.38
C TYR D 130 -23.80 51.48 6.89
N LEU D 131 -22.69 52.06 7.35
CA LEU D 131 -21.39 51.61 6.88
C LEU D 131 -21.03 50.23 7.41
N PHE D 132 -21.63 49.83 8.54
CA PHE D 132 -21.43 48.47 9.01
C PHE D 132 -22.24 47.47 8.20
N SER D 133 -23.44 47.87 7.76
CA SER D 133 -24.23 46.96 6.93
C SER D 133 -23.63 46.85 5.54
N TRP D 134 -22.93 47.90 5.08
CA TRP D 134 -22.30 47.87 3.77
C TRP D 134 -21.00 47.07 3.80
N ALA D 135 -20.20 47.24 4.85
CA ALA D 135 -18.93 46.53 4.95
C ALA D 135 -19.10 45.08 5.33
N SER D 136 -20.20 44.73 6.00
CA SER D 136 -20.38 43.32 6.29
C SER D 136 -20.96 42.58 5.09
N LEU D 137 -21.51 43.31 4.12
CA LEU D 137 -22.05 42.69 2.92
C LEU D 137 -20.96 42.33 1.92
N ILE D 138 -20.04 43.26 1.65
CA ILE D 138 -19.09 43.10 0.56
C ILE D 138 -17.67 42.80 1.02
N VAL D 139 -17.35 42.99 2.30
CA VAL D 139 -15.99 42.82 2.79
C VAL D 139 -15.91 41.74 3.85
N ILE D 140 -16.70 41.86 4.92
CA ILE D 140 -16.47 41.04 6.11
C ILE D 140 -16.98 39.62 5.90
N LYS D 141 -18.23 39.48 5.50
CA LYS D 141 -18.81 38.14 5.34
C LYS D 141 -18.30 37.33 4.16
N PRO D 142 -18.07 37.87 2.94
CA PRO D 142 -17.52 37.00 1.90
C PRO D 142 -16.05 36.66 2.08
N THR D 143 -15.27 37.49 2.77
CA THR D 143 -13.86 37.14 2.99
C THR D 143 -13.74 36.04 4.03
N SER D 144 -14.60 36.05 5.05
CA SER D 144 -14.63 34.98 6.03
C SER D 144 -15.03 33.66 5.39
N PHE D 145 -15.88 33.70 4.37
CA PHE D 145 -16.23 32.50 3.63
C PHE D 145 -15.11 32.07 2.68
N ALA D 146 -14.23 32.99 2.31
CA ALA D 146 -13.13 32.67 1.41
C ALA D 146 -11.91 32.15 2.15
N ILE D 147 -11.65 32.63 3.37
CA ILE D 147 -10.52 32.14 4.15
C ILE D 147 -10.78 30.71 4.61
N ILE D 148 -12.02 30.39 4.94
CA ILE D 148 -12.36 29.05 5.42
C ILE D 148 -12.28 28.04 4.27
N CYS D 149 -12.78 28.40 3.09
CA CYS D 149 -12.73 27.47 1.98
C CYS D 149 -11.34 27.36 1.39
N LEU D 150 -10.51 28.39 1.55
CA LEU D 150 -9.11 28.25 1.18
C LEU D 150 -8.37 27.37 2.18
N SER D 151 -8.73 27.44 3.45
CA SER D 151 -8.09 26.60 4.47
C SER D 151 -8.51 25.14 4.34
N PHE D 152 -9.65 24.89 3.69
CA PHE D 152 -10.06 23.52 3.40
C PHE D 152 -9.19 22.91 2.32
N SER D 153 -8.84 23.70 1.30
CA SER D 153 -8.06 23.15 0.19
C SER D 153 -6.58 23.08 0.48
N GLU D 154 -6.08 23.74 1.54
CA GLU D 154 -4.69 23.52 1.93
C GLU D 154 -4.52 22.16 2.58
N TYR D 155 -5.55 21.64 3.22
CA TYR D 155 -5.44 20.40 3.96
C TYR D 155 -5.85 19.19 3.15
N VAL D 156 -6.46 19.38 1.98
CA VAL D 156 -6.70 18.24 1.10
C VAL D 156 -5.52 18.06 0.15
N CYS D 157 -4.92 19.16 -0.28
CA CYS D 157 -3.85 19.08 -1.28
C CYS D 157 -2.48 18.83 -0.66
N ALA D 158 -2.31 19.07 0.63
CA ALA D 158 -1.01 18.86 1.28
C ALA D 158 -0.53 17.42 1.37
N PRO D 159 -1.33 16.40 1.69
CA PRO D 159 -0.76 15.04 1.73
C PRO D 159 -0.47 14.44 0.37
N PHE D 160 -0.89 15.07 -0.73
CA PHE D 160 -0.55 14.60 -2.06
C PHE D 160 0.74 15.18 -2.59
N TYR D 161 1.19 16.30 -2.04
CA TYR D 161 2.46 16.93 -2.37
C TYR D 161 3.28 16.87 -1.10
N VAL D 162 3.97 15.75 -0.90
CA VAL D 162 4.54 15.42 0.41
C VAL D 162 5.69 16.33 0.78
N GLY D 163 6.70 16.45 -0.08
CA GLY D 163 7.83 17.32 0.22
C GLY D 163 7.91 18.55 -0.64
N CYS D 164 6.81 19.14 -1.05
CA CYS D 164 6.95 20.31 -1.92
C CYS D 164 5.63 21.02 -1.90
N LYS D 165 5.56 22.22 -2.45
CA LYS D 165 4.23 22.84 -2.37
C LYS D 165 3.35 22.36 -3.50
N PRO D 166 2.03 22.30 -3.29
CA PRO D 166 1.12 22.21 -4.41
C PRO D 166 1.17 23.50 -5.22
N PRO D 167 0.95 23.41 -6.52
CA PRO D 167 0.85 24.64 -7.32
C PRO D 167 -0.38 25.43 -6.95
N GLN D 168 -0.32 26.74 -7.23
CA GLN D 168 -1.39 27.63 -6.82
C GLN D 168 -2.68 27.43 -7.61
N ILE D 169 -2.63 26.72 -8.73
CA ILE D 169 -3.85 26.48 -9.49
C ILE D 169 -4.67 25.38 -8.84
N VAL D 170 -4.07 24.52 -8.02
CA VAL D 170 -4.83 23.40 -7.47
C VAL D 170 -5.50 23.78 -6.17
N VAL D 171 -4.87 24.62 -5.35
CA VAL D 171 -5.47 25.04 -4.11
C VAL D 171 -6.59 26.05 -4.36
N LYS D 172 -6.55 26.74 -5.50
CA LYS D 172 -7.58 27.71 -5.82
C LYS D 172 -8.75 27.07 -6.54
N CYS D 173 -8.50 26.12 -7.43
CA CYS D 173 -9.59 25.46 -8.12
C CYS D 173 -10.31 24.44 -7.26
N LEU D 174 -9.69 23.99 -6.18
CA LEU D 174 -10.40 23.19 -5.19
C LEU D 174 -11.15 24.04 -4.19
N ALA D 175 -10.67 25.25 -3.89
CA ALA D 175 -11.38 26.13 -2.98
C ALA D 175 -12.64 26.70 -3.64
N ALA D 176 -12.60 26.93 -4.95
CA ALA D 176 -13.79 27.38 -5.66
C ALA D 176 -14.82 26.27 -5.81
N ALA D 177 -14.38 25.02 -5.82
CA ALA D 177 -15.32 23.92 -5.84
C ALA D 177 -15.97 23.68 -4.48
N ALA D 178 -15.33 24.14 -3.40
CA ALA D 178 -15.96 24.05 -2.08
C ALA D 178 -16.92 25.19 -1.84
N ILE D 179 -16.67 26.35 -2.45
CA ILE D 179 -17.61 27.47 -2.33
C ILE D 179 -18.89 27.16 -3.08
N LEU D 180 -18.77 26.67 -4.32
CA LEU D 180 -19.95 26.41 -5.13
C LEU D 180 -20.69 25.17 -4.68
N PHE D 181 -20.05 24.26 -3.96
CA PHE D 181 -20.77 23.12 -3.42
C PHE D 181 -21.59 23.50 -2.17
N ILE D 182 -21.02 24.33 -1.30
CA ILE D 182 -21.72 24.72 -0.09
C ILE D 182 -22.83 25.74 -0.41
N SER D 183 -22.61 26.58 -1.42
CA SER D 183 -23.61 27.59 -1.77
C SER D 183 -24.82 26.99 -2.47
N THR D 184 -24.72 25.75 -2.96
CA THR D 184 -25.90 25.11 -3.53
C THR D 184 -26.57 24.16 -2.55
N VAL D 185 -25.79 23.57 -1.64
CA VAL D 185 -26.38 22.68 -0.66
C VAL D 185 -27.18 23.48 0.37
N ASN D 186 -26.68 24.64 0.77
CA ASN D 186 -27.41 25.49 1.71
C ASN D 186 -28.56 26.25 1.04
N SER D 187 -28.59 26.29 -0.28
CA SER D 187 -29.65 26.97 -1.01
C SER D 187 -30.74 26.02 -1.48
N LEU D 188 -30.72 24.78 -1.03
CA LEU D 188 -31.72 23.78 -1.39
C LEU D 188 -32.36 23.10 -0.19
N SER D 189 -31.60 22.87 0.87
CA SER D 189 -31.97 21.90 1.87
C SER D 189 -31.68 22.43 3.28
N VAL D 190 -32.34 23.53 3.64
CA VAL D 190 -32.17 24.32 4.87
C VAL D 190 -31.96 23.51 6.16
N ARG D 191 -32.59 22.35 6.28
CA ARG D 191 -32.44 21.54 7.48
C ARG D 191 -31.33 20.51 7.38
N LEU D 192 -30.81 20.24 6.18
CA LEU D 192 -29.73 19.28 6.03
C LEU D 192 -28.42 19.80 6.61
N GLY D 193 -28.23 21.11 6.62
CA GLY D 193 -27.03 21.71 7.17
C GLY D 193 -26.88 21.53 8.66
N SER D 194 -27.98 21.35 9.38
CA SER D 194 -27.92 21.23 10.83
C SER D 194 -27.95 19.79 11.34
N TYR D 195 -28.32 18.82 10.49
CA TYR D 195 -28.16 17.43 10.91
C TYR D 195 -26.70 17.02 10.91
N VAL D 196 -25.93 17.49 9.92
CA VAL D 196 -24.51 17.19 9.85
C VAL D 196 -23.66 18.13 10.69
N GLN D 197 -24.28 19.10 11.37
CA GLN D 197 -23.51 20.12 12.08
C GLN D 197 -22.94 19.59 13.38
N ASN D 198 -23.58 18.59 13.98
CA ASN D 198 -23.11 18.14 15.29
C ASN D 198 -22.03 17.07 15.15
N ILE D 199 -21.96 16.38 14.01
CA ILE D 199 -20.84 15.48 13.75
C ILE D 199 -19.65 16.19 13.15
N PHE D 200 -19.81 17.44 12.74
CA PHE D 200 -18.67 18.25 12.31
C PHE D 200 -18.03 18.96 13.49
N THR D 201 -18.76 19.14 14.58
CA THR D 201 -18.18 19.69 15.79
C THR D 201 -17.50 18.61 16.62
N ALA D 202 -18.01 17.38 16.53
CA ALA D 202 -17.36 16.26 17.23
C ALA D 202 -16.05 15.87 16.56
N ALA D 203 -15.96 16.03 15.23
CA ALA D 203 -14.70 15.77 14.54
C ALA D 203 -13.66 16.84 14.80
N LYS D 204 -14.08 18.01 15.28
CA LYS D 204 -13.18 19.12 15.51
C LYS D 204 -12.52 19.04 16.87
N LEU D 205 -13.30 18.70 17.89
CA LEU D 205 -12.80 18.59 19.26
C LEU D 205 -11.96 17.35 19.48
N VAL D 206 -12.17 16.30 18.69
CA VAL D 206 -11.37 15.09 18.81
C VAL D 206 -9.96 15.32 18.30
N ILE D 207 -9.80 15.94 17.12
CA ILE D 207 -8.48 16.17 16.57
C ILE D 207 -7.75 17.30 17.29
N VAL D 208 -8.45 18.11 18.07
CA VAL D 208 -7.78 19.06 18.96
C VAL D 208 -7.27 18.33 20.19
N ALA D 209 -8.07 17.41 20.74
CA ALA D 209 -7.67 16.68 21.92
C ALA D 209 -6.59 15.63 21.64
N ILE D 210 -6.46 15.19 20.39
CA ILE D 210 -5.37 14.27 20.05
C ILE D 210 -4.04 15.01 20.06
N ILE D 211 -4.02 16.23 19.54
CA ILE D 211 -2.79 17.01 19.45
C ILE D 211 -2.34 17.49 20.83
N ILE D 212 -3.28 17.87 21.68
CA ILE D 212 -2.94 18.37 23.02
C ILE D 212 -2.39 17.25 23.90
N ILE D 213 -3.06 16.09 23.90
CA ILE D 213 -2.66 14.99 24.77
C ILE D 213 -1.34 14.37 24.31
N SER D 214 -1.19 14.13 23.01
CA SER D 214 0.04 13.54 22.50
C SER D 214 1.21 14.52 22.53
N GLY D 215 0.94 15.82 22.68
CA GLY D 215 2.02 16.77 22.92
C GLY D 215 2.48 16.85 24.35
N LEU D 216 1.60 16.57 25.30
CA LEU D 216 2.01 16.53 26.70
C LEU D 216 2.71 15.24 27.06
N VAL D 217 2.49 14.17 26.28
CA VAL D 217 3.26 12.95 26.48
C VAL D 217 4.69 13.13 26.00
N LEU D 218 4.87 13.76 24.84
CA LEU D 218 6.21 14.02 24.32
C LEU D 218 6.95 15.05 25.15
N LEU D 219 6.22 15.95 25.84
CA LEU D 219 6.88 16.94 26.67
C LEU D 219 7.40 16.32 27.96
N ALA D 220 6.79 15.23 28.42
CA ALA D 220 7.26 14.55 29.61
C ALA D 220 8.50 13.70 29.33
N GLN D 221 8.65 13.18 28.12
CA GLN D 221 9.79 12.34 27.79
C GLN D 221 11.07 13.12 27.60
N GLY D 222 11.00 14.43 27.39
CA GLY D 222 12.20 15.24 27.30
C GLY D 222 12.47 15.82 25.93
N ASN D 223 11.43 16.10 25.17
CA ASN D 223 11.56 16.74 23.85
C ASN D 223 11.39 18.25 23.96
N THR D 224 12.19 18.85 24.84
CA THR D 224 12.06 20.27 25.16
C THR D 224 13.26 21.09 24.72
N LYS D 225 13.92 20.71 23.62
CA LYS D 225 15.12 21.42 23.19
C LYS D 225 14.78 22.72 22.49
N ASN D 226 13.65 22.78 21.79
CA ASN D 226 13.29 23.96 21.01
C ASN D 226 12.82 25.13 21.86
N PHE D 227 12.58 24.94 23.16
CA PHE D 227 12.17 26.01 24.05
C PHE D 227 13.35 26.61 24.80
N ASP D 228 14.59 26.25 24.44
CA ASP D 228 15.73 26.55 25.31
C ASP D 228 16.16 28.01 25.18
N ASN D 229 16.08 28.58 23.98
CA ASN D 229 16.51 29.95 23.79
C ASN D 229 15.41 30.79 23.18
N SER D 230 14.22 30.76 23.79
CA SER D 230 13.00 31.20 23.15
C SER D 230 12.90 32.70 22.94
N PHE D 231 13.84 33.50 23.41
CA PHE D 231 13.73 34.96 23.31
C PHE D 231 14.93 35.57 22.60
N GLU D 232 15.56 34.81 21.71
CA GLU D 232 16.77 35.27 21.03
C GLU D 232 16.46 35.44 19.55
N GLY D 233 16.32 36.69 19.12
CA GLY D 233 15.97 37.03 17.76
C GLY D 233 14.49 37.32 17.71
N ALA D 234 14.10 38.58 17.76
CA ALA D 234 12.71 38.94 17.93
C ALA D 234 12.48 40.33 17.35
N GLN D 235 11.22 40.77 17.36
CA GLN D 235 10.82 42.03 16.76
C GLN D 235 9.92 42.80 17.72
N LEU D 236 10.39 43.95 18.20
CA LEU D 236 9.49 44.99 18.67
C LEU D 236 9.37 46.10 17.63
N SER D 237 8.78 45.73 16.49
CA SER D 237 8.32 46.70 15.51
C SER D 237 6.81 46.78 15.65
N VAL D 238 6.22 47.94 15.34
CA VAL D 238 4.78 48.03 15.48
C VAL D 238 4.03 47.35 14.34
N GLY D 239 4.71 46.96 13.28
CA GLY D 239 4.04 46.27 12.19
C GLY D 239 4.21 44.77 12.23
N ALA D 240 5.20 44.31 12.98
CA ALA D 240 5.38 42.87 13.14
C ALA D 240 4.47 42.32 14.23
N ILE D 241 4.19 43.13 15.25
CA ILE D 241 3.32 42.68 16.32
C ILE D 241 1.86 42.80 15.92
N SER D 242 1.53 43.88 15.21
CA SER D 242 0.13 44.14 14.86
C SER D 242 -0.39 43.17 13.81
N LEU D 243 0.48 42.63 12.96
CA LEU D 243 0.06 41.57 12.05
C LEU D 243 0.08 40.19 12.69
N ALA D 244 0.88 40.01 13.74
CA ALA D 244 0.79 38.79 14.53
C ALA D 244 -0.50 38.75 15.34
N PHE D 245 -1.09 39.91 15.62
CA PHE D 245 -2.38 39.96 16.30
C PHE D 245 -3.52 39.73 15.33
N TYR D 246 -3.33 40.02 14.05
CA TYR D 246 -4.36 39.77 13.06
C TYR D 246 -4.59 38.27 12.88
N ASN D 247 -3.51 37.50 12.92
CA ASN D 247 -3.60 36.08 12.65
C ASN D 247 -4.00 35.29 13.89
N GLY D 248 -3.61 35.74 15.07
CA GLY D 248 -4.06 35.08 16.28
C GLY D 248 -5.52 35.32 16.57
N LEU D 249 -5.99 36.54 16.33
CA LEU D 249 -7.39 36.86 16.57
C LEU D 249 -8.32 36.32 15.50
N TRP D 250 -7.78 35.83 14.38
CA TRP D 250 -8.61 35.10 13.43
C TRP D 250 -9.02 33.75 13.99
N ALA D 251 -8.16 33.15 14.81
CA ALA D 251 -8.46 31.87 15.43
C ALA D 251 -9.49 31.99 16.55
N TYR D 252 -9.83 33.22 16.97
CA TYR D 252 -10.86 33.46 17.95
C TYR D 252 -12.13 34.00 17.33
N ASP D 253 -12.34 33.80 16.04
CA ASP D 253 -13.44 34.44 15.33
C ASP D 253 -14.77 33.82 15.74
N GLY D 254 -15.66 34.66 16.25
CA GLY D 254 -16.93 34.22 16.82
C GLY D 254 -17.21 34.77 18.20
N TRP D 255 -16.36 35.63 18.76
CA TRP D 255 -16.62 36.16 20.09
C TRP D 255 -17.64 37.28 20.07
N ASN D 256 -17.92 37.86 18.91
CA ASN D 256 -18.86 38.96 18.83
C ASN D 256 -20.28 38.52 18.54
N GLN D 257 -20.52 37.21 18.40
CA GLN D 257 -21.85 36.67 18.22
C GLN D 257 -22.22 35.65 19.29
N LEU D 258 -21.62 35.77 20.48
CA LEU D 258 -21.95 34.90 21.60
C LEU D 258 -23.18 35.37 22.36
N ASN D 259 -23.77 36.49 21.95
CA ASN D 259 -24.82 37.10 22.74
C ASN D 259 -26.18 36.49 22.45
N TYR D 260 -26.44 36.23 21.17
CA TYR D 260 -27.78 35.88 20.74
C TYR D 260 -28.14 34.44 21.11
N ILE D 261 -27.15 33.55 21.16
CA ILE D 261 -27.45 32.14 21.38
C ILE D 261 -27.24 31.69 22.81
N THR D 262 -26.53 32.48 23.62
CA THR D 262 -26.23 32.08 24.98
C THR D 262 -26.93 32.99 26.00
N GLU D 263 -28.09 33.54 25.63
CA GLU D 263 -28.92 34.33 26.53
C GLU D 263 -30.27 33.66 26.81
N GLU D 264 -30.47 32.44 26.31
CA GLU D 264 -31.61 31.61 26.71
C GLU D 264 -31.19 30.61 27.79
N LEU D 265 -30.66 31.15 28.88
CA LEU D 265 -30.11 30.36 29.98
C LEU D 265 -31.09 30.30 31.14
N ARG D 266 -30.68 29.58 32.19
CA ARG D 266 -31.52 29.42 33.37
C ARG D 266 -31.50 30.64 34.27
N ASN D 267 -30.43 31.44 34.21
CA ASN D 267 -30.32 32.65 35.03
C ASN D 267 -29.36 33.59 34.33
N PRO D 268 -29.87 34.43 33.43
CA PRO D 268 -28.99 35.39 32.76
C PRO D 268 -28.66 36.55 33.68
N TYR D 269 -27.78 37.42 33.17
CA TYR D 269 -27.13 38.56 33.81
C TYR D 269 -26.13 38.17 34.89
N ARG D 270 -26.04 36.89 35.24
CA ARG D 270 -24.97 36.37 36.09
C ARG D 270 -24.23 35.23 35.43
N ASN D 271 -24.93 34.36 34.71
CA ASN D 271 -24.30 33.24 34.05
C ASN D 271 -23.77 33.59 32.66
N LEU D 272 -24.21 34.69 32.06
CA LEU D 272 -23.57 35.06 30.81
C LEU D 272 -22.17 35.64 31.01
N PRO D 273 -21.90 36.63 31.89
CA PRO D 273 -20.50 37.06 32.05
C PRO D 273 -19.64 36.08 32.81
N LEU D 274 -20.22 35.08 33.45
CA LEU D 274 -19.43 34.03 34.07
C LEU D 274 -19.06 32.93 33.09
N ALA D 275 -19.85 32.72 32.03
CA ALA D 275 -19.48 31.77 30.99
C ALA D 275 -18.44 32.34 30.04
N ILE D 276 -18.27 33.66 30.01
CA ILE D 276 -17.25 34.27 29.17
C ILE D 276 -15.89 34.25 29.88
N ILE D 277 -15.88 34.54 31.18
CA ILE D 277 -14.65 34.51 31.97
C ILE D 277 -14.12 33.09 32.14
N ILE D 278 -14.98 32.08 32.05
CA ILE D 278 -14.54 30.69 32.12
C ILE D 278 -14.32 30.11 30.73
N GLY D 279 -15.17 30.46 29.76
CA GLY D 279 -15.15 29.76 28.48
C GLY D 279 -14.01 30.19 27.57
N ILE D 280 -13.83 31.50 27.40
CA ILE D 280 -12.81 32.01 26.47
C ILE D 280 -11.39 31.92 27.03
N PRO D 281 -11.13 32.08 28.34
CA PRO D 281 -9.80 31.69 28.83
C PRO D 281 -9.52 30.18 28.80
N LEU D 282 -10.53 29.31 28.74
CA LEU D 282 -10.22 27.89 28.66
C LEU D 282 -9.90 27.46 27.23
N VAL D 283 -10.43 28.15 26.22
CA VAL D 283 -10.00 27.88 24.86
C VAL D 283 -8.63 28.54 24.61
N THR D 284 -8.30 29.57 25.38
CA THR D 284 -6.96 30.14 25.29
C THR D 284 -5.92 29.17 25.83
N ALA D 285 -6.28 28.37 26.83
CA ALA D 285 -5.39 27.31 27.30
C ALA D 285 -5.27 26.18 26.29
N CYS D 286 -6.29 25.92 25.47
CA CYS D 286 -6.19 24.87 24.47
C CYS D 286 -5.43 25.34 23.23
N TYR D 287 -5.32 26.65 23.04
CA TYR D 287 -4.56 27.15 21.90
C TYR D 287 -3.08 27.25 22.20
N ILE D 288 -2.73 27.56 23.45
CA ILE D 288 -1.33 27.57 23.86
C ILE D 288 -0.80 26.14 23.90
N LEU D 289 -1.61 25.21 24.37
CA LEU D 289 -1.20 23.81 24.45
C LEU D 289 -1.10 23.15 23.08
N MET D 290 -1.75 23.71 22.05
CA MET D 290 -1.56 23.17 20.71
C MET D 290 -0.33 23.73 20.03
N ASN D 291 0.11 24.93 20.43
CA ASN D 291 1.38 25.45 19.92
C ASN D 291 2.55 24.84 20.65
N VAL D 292 2.37 24.48 21.92
CA VAL D 292 3.40 23.73 22.64
C VAL D 292 3.60 22.36 22.00
N SER D 293 2.52 21.74 21.54
CA SER D 293 2.62 20.43 20.89
C SER D 293 3.27 20.53 19.51
N TYR D 294 3.12 21.65 18.83
CA TYR D 294 3.78 21.81 17.52
C TYR D 294 5.28 21.96 17.68
N PHE D 295 5.72 22.57 18.77
CA PHE D 295 7.13 22.85 18.96
C PHE D 295 7.89 21.72 19.64
N THR D 296 7.23 20.60 19.96
CA THR D 296 7.95 19.44 20.43
C THR D 296 8.51 18.59 19.28
N VAL D 297 7.83 18.55 18.13
CA VAL D 297 8.30 17.77 17.00
C VAL D 297 8.87 18.62 15.89
N MET D 298 8.71 19.93 15.91
CA MET D 298 9.23 20.80 14.87
C MET D 298 10.11 21.88 15.46
N THR D 299 11.13 22.26 14.72
CA THR D 299 11.87 23.46 15.04
C THR D 299 11.07 24.65 14.51
N ALA D 300 11.45 25.86 14.93
CA ALA D 300 10.79 27.05 14.41
C ALA D 300 11.08 27.29 12.94
N THR D 301 12.12 26.69 12.40
CA THR D 301 12.38 26.79 10.97
C THR D 301 11.57 25.76 10.18
N GLU D 302 11.34 24.59 10.78
CA GLU D 302 10.55 23.57 10.11
C GLU D 302 9.07 23.94 10.06
N LEU D 303 8.60 24.73 11.01
CA LEU D 303 7.21 25.16 11.00
C LEU D 303 6.97 26.22 9.94
N LEU D 304 7.98 27.04 9.64
CA LEU D 304 7.81 28.05 8.60
C LEU D 304 7.89 27.42 7.21
N GLN D 305 8.63 26.33 7.08
CA GLN D 305 8.77 25.59 5.83
C GLN D 305 7.74 24.49 5.72
N SER D 306 6.46 24.82 5.91
CA SER D 306 5.42 23.82 6.00
C SER D 306 4.17 24.33 5.31
N GLN D 307 3.43 23.43 4.67
CA GLN D 307 2.24 23.83 3.92
C GLN D 307 1.02 23.86 4.83
N ALA D 308 0.75 22.77 5.53
CA ALA D 308 -0.26 22.70 6.57
C ALA D 308 0.42 22.22 7.83
N VAL D 309 0.22 22.94 8.94
CA VAL D 309 1.08 22.74 10.11
C VAL D 309 0.70 21.46 10.86
N ALA D 310 -0.55 21.01 10.76
CA ALA D 310 -0.96 19.86 11.55
C ALA D 310 -0.80 18.56 10.80
N VAL D 311 -0.71 18.62 9.46
CA VAL D 311 -0.28 17.45 8.71
C VAL D 311 1.16 17.08 9.02
N THR D 312 2.04 18.08 9.11
CA THR D 312 3.43 17.84 9.51
C THR D 312 3.52 17.31 10.93
N PHE D 313 2.58 17.67 11.80
CA PHE D 313 2.55 17.09 13.14
C PHE D 313 2.15 15.63 13.10
N GLY D 314 1.09 15.31 12.36
CA GLY D 314 0.62 13.94 12.26
C GLY D 314 1.49 13.04 11.42
N ASP D 315 2.49 13.59 10.75
CA ASP D 315 3.47 12.79 10.04
C ASP D 315 4.67 12.41 10.90
N ARG D 316 4.87 13.07 12.04
CA ARG D 316 5.97 12.77 12.93
C ARG D 316 5.55 12.13 14.24
N VAL D 317 4.26 11.98 14.50
CA VAL D 317 3.76 11.40 15.73
C VAL D 317 2.91 10.17 15.47
N LEU D 318 1.86 10.32 14.67
CA LEU D 318 0.90 9.27 14.41
C LEU D 318 1.27 8.61 13.08
N TYR D 319 2.31 7.77 13.10
CA TYR D 319 2.93 7.38 11.84
C TYR D 319 2.11 6.36 11.03
N PRO D 320 1.61 5.24 11.57
CA PRO D 320 0.83 4.34 10.70
C PRO D 320 -0.57 4.85 10.39
N ALA D 321 -1.03 5.92 11.03
CA ALA D 321 -2.34 6.49 10.80
C ALA D 321 -2.23 8.00 10.59
N SER D 322 -1.33 8.40 9.69
CA SER D 322 -1.06 9.82 9.47
C SER D 322 -2.13 10.52 8.67
N TRP D 323 -3.09 9.80 8.11
CA TRP D 323 -4.10 10.41 7.26
C TRP D 323 -5.31 10.90 8.04
N ILE D 324 -5.37 10.68 9.35
CA ILE D 324 -6.53 11.14 10.12
C ILE D 324 -6.49 12.64 10.35
N VAL D 325 -5.32 13.26 10.29
CA VAL D 325 -5.24 14.71 10.46
C VAL D 325 -5.66 15.46 9.19
N PRO D 326 -5.30 15.06 7.96
CA PRO D 326 -5.95 15.70 6.81
C PRO D 326 -7.42 15.32 6.63
N LEU D 327 -7.90 14.25 7.27
CA LEU D 327 -9.30 13.88 7.13
C LEU D 327 -10.19 14.65 8.10
N PHE D 328 -9.81 14.75 9.36
CA PHE D 328 -10.64 15.39 10.36
C PHE D 328 -10.63 16.91 10.26
N VAL D 329 -9.53 17.50 9.82
CA VAL D 329 -9.50 18.94 9.64
C VAL D 329 -10.31 19.34 8.42
N ALA D 330 -10.34 18.49 7.39
CA ALA D 330 -11.14 18.79 6.20
C ALA D 330 -12.64 18.64 6.47
N PHE D 331 -13.03 17.77 7.39
CA PHE D 331 -14.43 17.73 7.80
C PHE D 331 -14.80 18.96 8.61
N SER D 332 -13.93 19.37 9.53
CA SER D 332 -14.24 20.44 10.45
C SER D 332 -14.19 21.80 9.79
N THR D 333 -13.62 21.89 8.59
CA THR D 333 -13.47 23.18 7.92
C THR D 333 -14.66 23.48 7.01
N ILE D 334 -15.21 22.47 6.34
CA ILE D 334 -16.45 22.72 5.61
C ILE D 334 -17.64 22.79 6.55
N GLY D 335 -17.51 22.28 7.78
CA GLY D 335 -18.54 22.51 8.77
C GLY D 335 -18.53 23.92 9.30
N ALA D 336 -17.37 24.57 9.28
CA ALA D 336 -17.30 25.98 9.64
C ALA D 336 -17.74 26.88 8.50
N ALA D 337 -17.77 26.37 7.28
CA ALA D 337 -18.31 27.11 6.15
C ALA D 337 -19.79 26.82 5.95
N ASN D 338 -20.25 25.65 6.36
CA ASN D 338 -21.69 25.37 6.37
C ASN D 338 -22.38 26.17 7.46
N GLY D 339 -21.68 26.45 8.55
CA GLY D 339 -22.28 27.18 9.65
C GLY D 339 -22.48 28.65 9.39
N THR D 340 -21.71 29.25 8.49
CA THR D 340 -21.84 30.67 8.21
C THR D 340 -22.93 30.94 7.18
N CYS D 341 -23.44 29.89 6.52
CA CYS D 341 -24.58 30.06 5.63
C CYS D 341 -25.92 29.92 6.35
N PHE D 342 -25.91 29.56 7.64
CA PHE D 342 -27.15 29.61 8.40
C PHE D 342 -27.51 31.05 8.74
N THR D 343 -26.50 31.89 8.91
CA THR D 343 -26.67 33.26 9.37
C THR D 343 -26.97 34.21 8.21
N ALA D 344 -27.06 33.68 6.99
CA ALA D 344 -27.24 34.51 5.81
C ALA D 344 -28.66 35.07 5.76
N GLY D 345 -28.79 36.38 5.93
CA GLY D 345 -30.07 37.06 5.83
C GLY D 345 -30.57 37.69 7.11
N ARG D 346 -29.91 37.50 8.26
CA ARG D 346 -30.43 38.04 9.51
C ARG D 346 -30.15 39.54 9.63
N LEU D 347 -28.92 39.95 9.32
CA LEU D 347 -28.60 41.38 9.31
C LEU D 347 -29.13 42.06 8.05
N ILE D 348 -29.26 41.31 6.96
CA ILE D 348 -29.74 41.90 5.72
C ILE D 348 -31.23 42.24 5.84
N TYR D 349 -31.97 41.46 6.64
CA TYR D 349 -33.38 41.76 6.84
C TYR D 349 -33.57 42.99 7.73
N VAL D 350 -32.76 43.10 8.78
CA VAL D 350 -32.96 44.18 9.75
C VAL D 350 -32.39 45.49 9.23
N ALA D 351 -31.44 45.42 8.28
CA ALA D 351 -30.93 46.65 7.68
C ALA D 351 -31.83 47.14 6.56
N GLY D 352 -32.52 46.22 5.88
CA GLY D 352 -33.44 46.63 4.84
C GLY D 352 -34.74 47.18 5.35
N ARG D 353 -35.03 46.96 6.64
CA ARG D 353 -36.26 47.49 7.23
C ARG D 353 -36.14 48.99 7.49
N GLU D 354 -34.92 49.52 7.54
CA GLU D 354 -34.73 50.96 7.69
C GLU D 354 -34.42 51.65 6.37
N GLY D 355 -34.29 50.90 5.29
CA GLY D 355 -33.87 51.49 4.03
C GLY D 355 -32.37 51.57 3.83
N HIS D 356 -31.59 50.80 4.57
CA HIS D 356 -30.14 50.80 4.45
C HIS D 356 -29.60 49.62 3.66
N MET D 357 -30.46 48.77 3.11
CA MET D 357 -30.02 47.61 2.33
C MET D 357 -31.13 47.26 1.35
N LEU D 358 -30.74 46.68 0.22
CA LEU D 358 -31.69 46.24 -0.81
C LEU D 358 -32.65 45.21 -0.25
N LYS D 359 -33.90 45.26 -0.71
CA LYS D 359 -34.91 44.34 -0.21
C LYS D 359 -35.08 43.11 -1.08
N VAL D 360 -34.42 43.03 -2.25
CA VAL D 360 -34.47 41.80 -3.00
C VAL D 360 -33.65 40.71 -2.30
N LEU D 361 -32.60 41.12 -1.60
CA LEU D 361 -31.95 40.23 -0.65
C LEU D 361 -32.85 40.06 0.57
N SER D 362 -32.56 39.03 1.36
CA SER D 362 -33.42 38.54 2.44
C SER D 362 -34.83 38.22 1.96
N TYR D 363 -34.96 37.72 0.75
CA TYR D 363 -36.17 37.07 0.30
C TYR D 363 -36.03 35.56 0.47
N ILE D 364 -37.17 34.88 0.54
CA ILE D 364 -37.24 33.46 0.84
C ILE D 364 -37.81 32.74 -0.36
N SER D 365 -37.20 31.62 -0.73
CA SER D 365 -37.71 30.79 -1.82
C SER D 365 -39.03 30.15 -1.43
N VAL D 366 -39.93 30.01 -2.40
CA VAL D 366 -41.25 29.45 -2.12
C VAL D 366 -41.16 27.93 -1.88
N ARG D 367 -40.52 27.20 -2.79
CA ARG D 367 -40.10 25.83 -2.54
C ARG D 367 -38.69 25.91 -1.99
N ARG D 368 -38.37 25.00 -1.05
CA ARG D 368 -37.07 24.96 -0.37
C ARG D 368 -36.77 26.28 0.34
N LEU D 369 -37.46 26.46 1.46
CA LEU D 369 -37.65 27.75 2.12
C LEU D 369 -36.33 28.28 2.69
N THR D 370 -35.47 28.77 1.80
CA THR D 370 -34.09 29.14 2.04
C THR D 370 -33.87 30.61 1.68
N PRO D 371 -32.88 31.27 2.30
CA PRO D 371 -32.55 32.65 1.86
C PRO D 371 -31.65 32.66 0.63
N ALA D 372 -32.19 32.16 -0.48
CA ALA D 372 -31.46 31.93 -1.73
C ALA D 372 -30.82 33.14 -2.41
N PRO D 373 -31.40 34.37 -2.40
CA PRO D 373 -30.63 35.48 -2.98
C PRO D 373 -29.45 35.92 -2.16
N ALA D 374 -29.43 35.65 -0.85
CA ALA D 374 -28.29 36.07 -0.04
C ALA D 374 -27.16 35.05 -0.09
N ILE D 375 -27.50 33.76 -0.15
CA ILE D 375 -26.48 32.71 -0.22
C ILE D 375 -25.77 32.74 -1.56
N ILE D 376 -26.51 33.02 -2.64
CA ILE D 376 -25.89 33.13 -3.97
C ILE D 376 -25.04 34.39 -4.05
N PHE D 377 -25.44 35.47 -3.38
CA PHE D 377 -24.65 36.69 -3.40
C PHE D 377 -23.36 36.53 -2.62
N TYR D 378 -23.37 35.75 -1.55
CA TYR D 378 -22.14 35.53 -0.79
C TYR D 378 -21.20 34.59 -1.51
N GLY D 379 -21.73 33.64 -2.28
CA GLY D 379 -20.87 32.73 -3.01
C GLY D 379 -20.20 33.35 -4.20
N ILE D 380 -20.77 34.42 -4.76
CA ILE D 380 -20.17 35.08 -5.92
C ILE D 380 -19.01 35.96 -5.49
N ILE D 381 -19.18 36.74 -4.42
CA ILE D 381 -18.12 37.65 -3.99
C ILE D 381 -16.98 36.88 -3.34
N ALA D 382 -17.27 35.73 -2.72
CA ALA D 382 -16.20 34.92 -2.14
C ALA D 382 -15.36 34.24 -3.22
N THR D 383 -15.97 33.93 -4.35
CA THR D 383 -15.24 33.37 -5.48
C THR D 383 -14.36 34.41 -6.17
N ILE D 384 -14.78 35.67 -6.18
CA ILE D 384 -13.96 36.75 -6.71
C ILE D 384 -12.74 36.97 -5.83
N TYR D 385 -12.91 36.84 -4.52
CA TYR D 385 -11.84 37.13 -3.57
C TYR D 385 -10.71 36.11 -3.63
N ILE D 386 -10.99 34.87 -4.03
CA ILE D 386 -9.93 33.87 -4.07
C ILE D 386 -9.16 33.84 -5.37
N ILE D 387 -9.48 34.71 -6.33
CA ILE D 387 -8.66 34.78 -7.55
C ILE D 387 -7.39 35.56 -7.25
N PRO D 388 -7.39 36.68 -6.52
CA PRO D 388 -6.11 37.13 -5.93
C PRO D 388 -5.71 36.31 -4.71
N GLY D 389 -6.68 35.80 -3.94
CA GLY D 389 -6.45 34.63 -3.09
C GLY D 389 -5.60 34.89 -1.87
N ASP D 390 -4.78 33.87 -1.53
CA ASP D 390 -3.69 33.97 -0.56
C ASP D 390 -4.11 34.30 0.87
N ILE D 391 -4.51 33.31 1.66
CA ILE D 391 -4.44 33.44 3.12
C ILE D 391 -3.07 33.99 3.49
N ASN D 392 -3.03 34.91 4.47
CA ASN D 392 -2.04 35.93 4.86
C ASN D 392 -2.20 37.19 4.00
N SER D 393 -3.12 37.21 3.04
CA SER D 393 -3.50 38.44 2.38
C SER D 393 -5.00 38.67 2.37
N LEU D 394 -5.77 37.65 2.72
CA LEU D 394 -7.20 37.82 2.99
C LEU D 394 -7.47 38.00 4.48
N VAL D 395 -6.55 37.57 5.33
CA VAL D 395 -6.73 37.75 6.77
C VAL D 395 -6.43 39.19 7.16
N ASN D 396 -5.46 39.83 6.49
CA ASN D 396 -5.23 41.25 6.68
C ASN D 396 -6.38 42.10 6.17
N TYR D 397 -6.99 41.68 5.06
CA TYR D 397 -8.13 42.39 4.50
C TYR D 397 -9.36 42.25 5.37
N PHE D 398 -9.53 41.08 6.00
CA PHE D 398 -10.66 40.87 6.89
C PHE D 398 -10.49 41.63 8.19
N SER D 399 -9.31 41.54 8.80
CA SER D 399 -9.10 42.06 10.15
C SER D 399 -9.03 43.57 10.17
N PHE D 400 -8.78 44.19 9.02
CA PHE D 400 -8.77 45.64 8.99
C PHE D 400 -10.17 46.21 9.03
N ALA D 401 -11.12 45.58 8.35
CA ALA D 401 -12.50 46.07 8.38
C ALA D 401 -13.24 45.61 9.62
N ALA D 402 -12.88 44.45 10.17
CA ALA D 402 -13.58 43.95 11.35
C ALA D 402 -13.20 44.75 12.59
N TRP D 403 -11.92 45.05 12.75
CA TRP D 403 -11.47 45.78 13.94
C TRP D 403 -11.66 47.28 13.82
N LEU D 404 -12.01 47.78 12.64
CA LEU D 404 -12.45 49.17 12.54
C LEU D 404 -13.85 49.32 13.12
N PHE D 405 -14.68 48.29 13.01
CA PHE D 405 -16.05 48.33 13.52
C PHE D 405 -16.22 47.67 14.88
N TYR D 406 -15.27 46.84 15.31
CA TYR D 406 -15.23 46.47 16.72
C TYR D 406 -14.83 47.67 17.56
N GLY D 407 -13.95 48.52 17.02
CA GLY D 407 -13.51 49.69 17.75
C GLY D 407 -14.54 50.79 17.81
N LEU D 408 -15.37 50.91 16.77
CA LEU D 408 -16.44 51.89 16.80
C LEU D 408 -17.58 51.44 17.70
N THR D 409 -17.78 50.13 17.85
CA THR D 409 -18.87 49.63 18.67
C THR D 409 -18.54 49.73 20.15
N ILE D 410 -17.32 49.37 20.54
CA ILE D 410 -16.91 49.44 21.93
C ILE D 410 -16.76 50.90 22.37
N LEU D 411 -16.37 51.79 21.47
CA LEU D 411 -16.38 53.22 21.77
C LEU D 411 -17.81 53.73 21.98
N GLY D 412 -18.79 53.13 21.30
CA GLY D 412 -20.18 53.46 21.53
C GLY D 412 -20.71 53.02 22.88
N LEU D 413 -20.03 52.09 23.54
CA LEU D 413 -20.39 51.75 24.91
C LEU D 413 -20.02 52.88 25.87
N ILE D 414 -18.93 53.60 25.57
CA ILE D 414 -18.50 54.70 26.42
C ILE D 414 -19.26 55.97 26.08
N VAL D 415 -19.61 56.16 24.81
CA VAL D 415 -20.41 57.31 24.41
C VAL D 415 -21.81 57.23 25.01
N MET D 416 -22.36 56.03 25.10
CA MET D 416 -23.68 55.84 25.68
C MET D 416 -23.66 55.83 27.21
N ARG D 417 -22.51 56.04 27.84
CA ARG D 417 -22.48 56.26 29.28
C ARG D 417 -22.62 57.72 29.64
N PHE D 418 -22.45 58.61 28.67
CA PHE D 418 -22.67 60.04 28.85
C PHE D 418 -23.91 60.54 28.14
N THR D 419 -24.30 59.90 27.05
CA THR D 419 -25.42 60.35 26.23
C THR D 419 -26.70 59.58 26.47
N ARG D 420 -26.62 58.27 26.70
CA ARG D 420 -27.79 57.40 26.74
C ARG D 420 -27.94 56.77 28.10
N LYS D 421 -27.85 57.58 29.16
CA LYS D 421 -28.15 57.12 30.50
C LYS D 421 -29.65 56.84 30.65
N GLU D 422 -30.02 56.41 31.86
CA GLU D 422 -31.39 56.01 32.23
C GLU D 422 -31.92 54.91 31.30
N LEU D 423 -31.11 53.87 31.06
CA LEU D 423 -31.42 52.92 30.00
C LEU D 423 -31.34 51.47 30.48
N GLU D 424 -31.23 51.23 31.79
CA GLU D 424 -31.38 49.91 32.42
C GLU D 424 -30.33 48.92 31.89
N ARG D 425 -29.10 49.13 32.36
CA ARG D 425 -28.02 48.18 32.15
C ARG D 425 -28.00 47.10 33.23
N PRO D 426 -28.43 45.87 32.93
CA PRO D 426 -28.32 44.81 33.95
C PRO D 426 -26.90 44.33 34.13
N ILE D 427 -26.17 44.11 33.04
CA ILE D 427 -24.74 43.87 33.08
C ILE D 427 -24.05 45.21 32.89
N LYS D 428 -23.04 45.48 33.70
CA LYS D 428 -22.31 46.75 33.63
C LYS D 428 -20.85 46.48 33.97
N VAL D 429 -20.01 46.44 32.95
CA VAL D 429 -18.59 46.12 33.13
C VAL D 429 -17.90 47.35 33.70
N PRO D 430 -16.77 47.22 34.40
CA PRO D 430 -16.03 48.40 34.83
C PRO D 430 -15.48 49.16 33.64
N VAL D 431 -15.37 50.48 33.81
CA VAL D 431 -15.11 51.38 32.69
C VAL D 431 -13.71 51.23 32.10
N VAL D 432 -12.77 50.64 32.83
CA VAL D 432 -11.42 50.45 32.32
C VAL D 432 -11.36 49.36 31.25
N ILE D 433 -12.37 48.49 31.15
CA ILE D 433 -12.36 47.41 30.17
C ILE D 433 -12.75 47.90 28.77
N PRO D 434 -13.79 48.73 28.54
CA PRO D 434 -13.94 49.27 27.18
C PRO D 434 -12.95 50.35 26.80
N VAL D 435 -12.21 50.93 27.76
CA VAL D 435 -11.21 51.91 27.41
C VAL D 435 -9.97 51.22 26.85
N LEU D 436 -9.56 50.10 27.46
CA LEU D 436 -8.43 49.35 26.93
C LEU D 436 -8.78 48.66 25.62
N MET D 437 -10.04 48.26 25.46
CA MET D 437 -10.43 47.59 24.22
C MET D 437 -10.59 48.55 23.05
N THR D 438 -10.74 49.86 23.31
CA THR D 438 -10.83 50.80 22.20
C THR D 438 -9.49 51.48 21.96
N LEU D 439 -8.52 51.27 22.86
CA LEU D 439 -7.17 51.75 22.59
C LEU D 439 -6.36 50.74 21.81
N ILE D 440 -6.62 49.44 22.03
CA ILE D 440 -5.99 48.42 21.20
C ILE D 440 -6.63 48.41 19.81
N SER D 441 -7.90 48.81 19.73
CA SER D 441 -8.61 48.78 18.45
C SER D 441 -8.16 49.89 17.51
N VAL D 442 -7.52 50.93 18.02
CA VAL D 442 -6.89 51.90 17.12
C VAL D 442 -5.43 51.56 16.91
N PHE D 443 -4.85 50.73 17.79
CA PHE D 443 -3.52 50.22 17.54
C PHE D 443 -3.54 49.13 16.48
N LEU D 444 -4.62 48.35 16.40
CA LEU D 444 -4.73 47.31 15.40
C LEU D 444 -5.23 47.83 14.06
N VAL D 445 -5.56 49.12 13.97
CA VAL D 445 -5.97 49.72 12.71
C VAL D 445 -4.87 50.61 12.14
N LEU D 446 -4.28 51.46 12.98
CA LEU D 446 -3.32 52.43 12.48
C LEU D 446 -1.93 51.86 12.25
N ALA D 447 -1.50 50.88 13.05
CA ALA D 447 -0.13 50.39 12.96
C ALA D 447 0.20 49.56 11.72
N PRO D 448 -0.70 48.78 11.11
CA PRO D 448 -0.35 48.24 9.78
C PRO D 448 -0.33 49.28 8.67
N ILE D 449 -1.15 50.32 8.73
CA ILE D 449 -1.24 51.29 7.65
C ILE D 449 -0.23 52.43 7.81
N ILE D 450 0.59 52.39 8.87
CA ILE D 450 1.70 53.31 9.05
C ILE D 450 3.03 52.63 8.77
N SER D 451 3.27 51.45 9.35
CA SER D 451 4.57 50.82 9.26
C SER D 451 4.72 49.88 8.07
N LYS D 452 3.75 49.00 7.82
CA LYS D 452 3.83 48.01 6.75
C LYS D 452 2.64 48.14 5.80
N PRO D 453 2.61 49.18 4.96
CA PRO D 453 1.43 49.40 4.12
C PRO D 453 1.48 48.58 2.85
N THR D 454 0.50 47.71 2.66
CA THR D 454 0.35 46.93 1.45
C THR D 454 -0.91 47.40 0.70
N TRP D 455 -1.25 46.70 -0.37
CA TRP D 455 -2.31 47.16 -1.25
C TRP D 455 -3.72 46.86 -0.73
N GLU D 456 -3.88 45.93 0.20
CA GLU D 456 -5.21 45.57 0.69
C GLU D 456 -5.82 46.64 1.58
N TYR D 457 -4.99 47.41 2.28
CA TYR D 457 -5.46 48.53 3.09
C TYR D 457 -5.88 49.72 2.26
N LEU D 458 -5.60 49.72 0.96
CA LEU D 458 -6.19 50.70 0.06
C LEU D 458 -7.50 50.18 -0.54
N TYR D 459 -7.54 48.90 -0.90
CA TYR D 459 -8.76 48.33 -1.48
C TYR D 459 -9.84 48.11 -0.44
N CYS D 460 -9.50 48.12 0.85
CA CYS D 460 -10.52 48.01 1.88
C CYS D 460 -11.08 49.37 2.26
N VAL D 461 -10.23 50.40 2.29
CA VAL D 461 -10.69 51.75 2.57
C VAL D 461 -11.56 52.28 1.43
N LEU D 462 -11.16 52.01 0.18
CA LEU D 462 -11.94 52.47 -0.96
C LEU D 462 -13.25 51.70 -1.11
N PHE D 463 -13.35 50.48 -0.58
CA PHE D 463 -14.64 49.79 -0.64
C PHE D 463 -15.58 50.24 0.47
N ILE D 464 -15.05 50.72 1.59
CA ILE D 464 -15.89 51.25 2.65
C ILE D 464 -16.33 52.67 2.32
N LEU D 465 -15.42 53.49 1.80
CA LEU D 465 -15.80 54.83 1.36
C LEU D 465 -16.62 54.82 0.07
N SER D 466 -16.65 53.71 -0.66
CA SER D 466 -17.59 53.57 -1.76
C SER D 466 -19.03 53.50 -1.25
N GLY D 467 -19.22 52.95 -0.05
CA GLY D 467 -20.54 52.93 0.54
C GLY D 467 -21.00 54.30 0.99
N LEU D 468 -20.06 55.18 1.34
CA LEU D 468 -20.43 56.51 1.78
C LEU D 468 -20.94 57.37 0.63
N LEU D 469 -20.61 57.00 -0.61
CA LEU D 469 -21.27 57.62 -1.75
C LEU D 469 -22.71 57.12 -1.88
N PHE D 470 -22.92 55.83 -1.69
CA PHE D 470 -24.25 55.25 -1.84
C PHE D 470 -25.20 55.65 -0.72
N TYR D 471 -24.69 56.15 0.40
CA TYR D 471 -25.55 56.70 1.43
C TYR D 471 -26.15 58.03 0.98
N PHE D 472 -25.35 58.87 0.35
CA PHE D 472 -25.79 60.22 0.03
C PHE D 472 -26.53 60.29 -1.29
N LEU D 473 -26.77 59.18 -1.97
CA LEU D 473 -27.58 59.19 -3.19
C LEU D 473 -28.83 58.34 -3.09
N PHE D 474 -28.89 57.39 -2.16
CA PHE D 474 -30.01 56.48 -2.07
C PHE D 474 -30.73 56.51 -0.72
N VAL D 475 -30.13 57.11 0.30
CA VAL D 475 -30.74 57.12 1.62
C VAL D 475 -30.96 58.55 2.08
N HIS D 476 -29.90 59.36 2.04
CA HIS D 476 -30.00 60.72 2.55
C HIS D 476 -30.70 61.65 1.56
N TYR D 477 -30.37 61.53 0.28
CA TYR D 477 -31.01 62.38 -0.72
C TYR D 477 -31.80 61.55 -1.73
N LYS D 478 -32.81 60.84 -1.25
CA LYS D 478 -33.62 60.01 -2.14
C LYS D 478 -34.08 60.82 -3.36
N PHE D 479 -33.52 60.50 -4.51
CA PHE D 479 -33.85 61.18 -5.75
C PHE D 479 -35.02 60.48 -6.44
N GLY D 480 -35.25 60.82 -7.70
CA GLY D 480 -36.31 60.22 -8.48
C GLY D 480 -35.90 58.96 -9.22
N TRP D 481 -34.67 58.92 -9.73
CA TRP D 481 -34.20 57.79 -10.54
C TRP D 481 -33.74 56.60 -9.70
N ALA D 482 -33.86 56.68 -8.38
CA ALA D 482 -33.39 55.60 -7.52
C ALA D 482 -34.36 54.43 -7.46
N GLN D 483 -35.64 54.69 -7.19
CA GLN D 483 -36.58 53.59 -6.99
C GLN D 483 -37.08 53.02 -8.31
N LYS D 484 -36.81 53.66 -9.43
CA LYS D 484 -37.10 53.06 -10.73
C LYS D 484 -35.90 52.33 -11.32
N ILE D 485 -34.87 52.09 -10.50
CA ILE D 485 -33.82 51.12 -10.80
C ILE D 485 -34.02 49.96 -9.83
N SER D 486 -34.38 50.30 -8.59
CA SER D 486 -34.49 49.30 -7.54
C SER D 486 -35.71 48.42 -7.70
N LYS D 487 -36.81 48.95 -8.24
CA LYS D 487 -38.03 48.16 -8.37
C LYS D 487 -38.08 47.22 -9.58
N PRO D 488 -37.61 47.58 -10.79
CA PRO D 488 -37.57 46.55 -11.84
C PRO D 488 -36.56 45.45 -11.60
N ILE D 489 -35.44 45.74 -10.91
CA ILE D 489 -34.48 44.70 -10.59
C ILE D 489 -35.07 43.73 -9.57
N THR D 490 -35.79 44.25 -8.58
CA THR D 490 -36.45 43.41 -7.59
C THR D 490 -37.56 42.59 -8.23
N MET D 491 -38.27 43.16 -9.20
CA MET D 491 -39.36 42.46 -9.86
C MET D 491 -38.87 41.34 -10.77
N HIS D 492 -37.78 41.56 -11.51
CA HIS D 492 -37.28 40.56 -12.43
C HIS D 492 -36.43 39.49 -11.76
N LEU D 493 -35.77 39.81 -10.64
CA LEU D 493 -35.11 38.78 -9.85
C LEU D 493 -36.09 38.00 -9.00
N GLN D 494 -37.34 38.45 -8.92
CA GLN D 494 -38.35 37.71 -8.18
C GLN D 494 -38.90 36.56 -9.01
N MET D 495 -39.13 36.80 -10.30
CA MET D 495 -39.61 35.75 -11.18
C MET D 495 -38.51 34.76 -11.57
N LEU D 496 -37.25 35.16 -11.46
CA LEU D 496 -36.16 34.28 -11.87
C LEU D 496 -35.87 33.23 -10.81
N MET D 497 -35.81 33.62 -9.54
CA MET D 497 -35.44 32.73 -8.47
C MET D 497 -36.63 32.19 -7.69
N GLU D 498 -37.86 32.59 -8.06
CA GLU D 498 -39.11 32.40 -7.30
C GLU D 498 -38.92 32.64 -5.79
N VAL D 499 -38.64 33.89 -5.45
CA VAL D 499 -38.44 34.26 -4.05
C VAL D 499 -39.46 35.33 -3.66
N VAL D 500 -40.03 35.18 -2.47
CA VAL D 500 -41.07 36.09 -2.01
C VAL D 500 -40.58 36.84 -0.77
N PRO D 501 -41.23 37.93 -0.37
CA PRO D 501 -41.04 38.46 0.97
C PRO D 501 -41.42 37.43 2.01
N PRO D 502 -40.64 37.39 3.08
CA PRO D 502 -40.85 36.43 4.18
C PRO D 502 -42.09 36.76 5.00
N GLU D 503 -43.08 35.88 4.94
CA GLU D 503 -44.31 36.08 5.72
C GLU D 503 -43.89 36.27 7.15
N GLU D 504 -43.50 37.49 7.49
CA GLU D 504 -43.03 37.74 8.84
C GLU D 504 -43.21 39.13 9.44
N ASP D 505 -42.82 39.19 10.71
CA ASP D 505 -42.81 40.35 11.58
C ASP D 505 -41.36 40.53 12.00
N PRO D 506 -41.05 41.65 12.66
CA PRO D 506 -39.67 41.92 13.12
C PRO D 506 -39.04 40.69 13.76
N GLU D 507 -39.87 39.78 14.27
CA GLU D 507 -39.39 38.56 14.91
C GLU D 507 -40.51 37.84 15.65
C1 NAG E . 37.28 -35.35 -26.01
C2 NAG E . 38.72 -35.75 -26.29
C3 NAG E . 38.76 -37.00 -27.18
C4 NAG E . 37.83 -38.11 -26.68
C5 NAG E . 36.48 -37.56 -26.18
C6 NAG E . 35.69 -38.56 -25.36
C7 NAG E . 39.34 -33.99 -27.98
C8 NAG E . 40.33 -32.91 -28.28
N2 NAG E . 39.53 -34.66 -26.83
O3 NAG E . 40.10 -37.48 -27.26
O4 NAG E . 37.54 -38.93 -27.81
O5 NAG E . 36.63 -36.40 -25.34
O6 NAG E . 34.31 -38.54 -25.69
O7 NAG E . 38.42 -34.25 -28.77
C1 NAG E . 37.81 -40.37 -27.79
C2 NAG E . 39.28 -40.64 -28.17
C3 NAG E . 39.55 -42.14 -28.17
C4 NAG E . 39.13 -42.77 -26.84
C5 NAG E . 37.68 -42.42 -26.50
C6 NAG E . 37.26 -42.91 -25.15
C7 NAG E . 40.82 -39.62 -29.78
C8 NAG E . 40.97 -39.05 -31.16
N2 NAG E . 39.60 -40.06 -29.46
O3 NAG E . 40.92 -42.40 -28.42
O4 NAG E . 39.25 -44.20 -26.93
O5 NAG E . 37.53 -40.99 -26.50
O6 NAG E . 35.84 -42.96 -25.03
O7 NAG E . 41.76 -39.69 -29.01
C1 NAG F . 49.61 -34.32 -9.65
C2 NAG F . 50.66 -34.28 -10.78
C3 NAG F . 51.86 -35.15 -10.45
C4 NAG F . 52.43 -34.78 -9.08
C5 NAG F . 51.33 -34.85 -8.02
C6 NAG F . 51.79 -34.37 -6.66
C7 NAG F . 49.55 -35.77 -12.48
C8 NAG F . 49.06 -35.80 -13.90
N2 NAG F . 50.11 -34.60 -12.10
O3 NAG F . 52.86 -34.97 -11.45
O4 NAG F . 53.58 -35.55 -8.75
O5 NAG F . 50.23 -34.01 -8.39
O6 NAG F . 50.90 -33.38 -6.15
O7 NAG F . 49.42 -36.73 -11.73
C1 NAG F . 53.46 -36.98 -8.64
C2 NAG F . 54.78 -37.65 -9.15
C3 NAG F . 54.82 -39.17 -8.88
C4 NAG F . 54.43 -39.47 -7.44
C5 NAG F . 53.09 -38.82 -7.10
C6 NAG F . 52.68 -39.03 -5.66
C7 NAG F . 54.73 -37.49 -11.76
C8 NAG F . 53.41 -38.25 -11.92
N2 NAG F . 55.23 -37.29 -10.51
O3 NAG F . 56.13 -39.65 -9.14
O4 NAG F . 54.31 -40.88 -7.25
O5 NAG F . 53.20 -37.40 -7.29
O6 NAG F . 53.28 -40.21 -5.11
O7 NAG F . 55.32 -37.07 -12.73
C1 NAG G . 18.96 -47.97 -33.91
C2 NAG G . 19.18 -48.18 -35.43
C3 NAG G . 18.62 -49.53 -35.90
C4 NAG G . 18.91 -50.61 -34.87
C5 NAG G . 18.12 -50.33 -33.60
C6 NAG G . 18.76 -50.86 -32.35
C7 NAG G . 19.29 -46.07 -36.73
C8 NAG G . 20.78 -46.09 -36.52
N2 NAG G . 18.60 -47.09 -36.21
O3 NAG G . 19.24 -49.87 -37.14
O4 NAG G . 18.67 -51.93 -35.37
O5 NAG G . 17.92 -48.91 -33.41
O6 NAG G . 18.26 -50.22 -31.18
O7 NAG G . 18.74 -45.18 -37.37
C1 NAG G . 17.38 -52.33 -35.86
C2 NAG G . 17.62 -53.47 -36.91
C3 NAG G . 16.31 -54.17 -37.36
C4 NAG G . 15.42 -54.51 -36.17
C5 NAG G . 15.21 -53.26 -35.32
C6 NAG G . 14.34 -53.50 -34.11
C7 NAG G . 18.46 -52.29 -39.08
C8 NAG G . 17.24 -51.39 -39.25
N2 NAG G . 18.53 -53.15 -38.03
O3 NAG G . 16.63 -55.36 -38.08
O4 NAG G . 14.16 -55.00 -36.62
O5 NAG G . 16.48 -52.80 -34.85
O6 NAG G . 13.64 -54.73 -34.20
O7 NAG G . 19.38 -52.22 -39.89
C1 NAG H . -1.31 -61.28 -13.12
C2 NAG H . -2.66 -60.75 -12.59
C3 NAG H . -3.54 -61.89 -12.01
C4 NAG H . -3.57 -63.12 -12.92
C5 NAG H . -2.18 -63.45 -13.49
C6 NAG H . -2.19 -64.49 -14.58
C7 NAG H . -2.09 -59.26 -10.52
C8 NAG H . -1.34 -60.35 -9.76
N2 NAG H . -2.62 -59.55 -11.74
O3 NAG H . -4.86 -61.39 -11.80
O4 NAG H . -3.98 -64.22 -12.12
O5 NAG H . -1.55 -62.28 -14.06
O6 NAG H . -2.06 -63.90 -15.86
O7 NAG H . -2.21 -58.14 -10.04
C1 NAG H . -5.18 -64.97 -12.48
C2 NAG H . -6.45 -64.26 -11.97
C3 NAG H . -7.71 -65.03 -12.39
C4 NAG H . -7.69 -65.35 -13.89
C5 NAG H . -6.38 -66.02 -14.28
C6 NAG H . -6.26 -66.28 -15.76
C7 NAG H . -7.03 -63.12 -9.86
C8 NAG H . -6.88 -63.13 -8.37
N2 NAG H . -6.41 -64.11 -10.52
O3 NAG H . -8.87 -64.27 -12.08
O4 NAG H . -8.77 -66.21 -14.21
O5 NAG H . -5.29 -65.17 -13.91
O6 NAG H . -5.48 -67.45 -16.01
O7 NAG H . -7.67 -62.25 -10.45
C1 NAG I . 27.40 -37.84 17.38
C2 NAG I . 28.21 -39.17 17.35
C3 NAG I . 29.59 -39.02 18.01
C4 NAG I . 30.32 -37.79 17.49
C5 NAG I . 29.42 -36.55 17.51
C6 NAG I . 30.02 -35.33 16.85
C7 NAG I . 26.93 -40.83 18.90
C8 NAG I . 26.98 -39.95 20.14
N2 NAG I . 27.49 -40.40 17.74
O3 NAG I . 30.35 -40.19 17.74
O4 NAG I . 31.42 -37.54 18.36
O5 NAG I . 28.18 -36.81 16.82
O6 NAG I . 30.32 -35.59 15.48
O7 NAG I . 26.39 -41.92 18.94
C1 NAG I . 32.75 -37.57 17.77
C2 NAG I . 33.40 -38.95 18.01
C3 NAG I . 34.79 -38.99 17.38
C4 NAG I . 34.74 -38.59 15.91
C5 NAG I . 34.03 -37.25 15.74
C6 NAG I . 33.83 -36.86 14.30
C7 NAG I . 33.11 -40.44 19.93
C8 NAG I . 33.24 -40.59 21.41
N2 NAG I . 33.47 -39.26 19.43
O3 NAG I . 35.32 -40.30 17.50
O4 NAG I . 36.06 -38.49 15.39
O5 NAG I . 32.72 -37.30 16.34
O6 NAG I . 32.54 -36.32 14.07
O7 NAG I . 32.71 -41.36 19.22
C1 NAG J . 57.40 -3.69 2.70
C2 NAG J . 58.68 -4.41 2.30
C3 NAG J . 59.90 -3.69 2.88
C4 NAG J . 59.86 -2.18 2.62
C5 NAG J . 58.44 -1.58 2.80
C6 NAG J . 58.30 -0.19 2.21
C7 NAG J . 58.57 -6.38 3.88
C8 NAG J . 58.59 -7.87 3.92
N2 NAG J . 58.67 -5.83 2.64
O3 NAG J . 61.09 -4.25 2.34
O4 NAG J . 60.68 -1.57 3.62
O5 NAG J . 57.44 -2.38 2.17
O6 NAG J . 57.55 0.66 3.06
O7 NAG J . 58.47 -5.71 4.90
C1 NAG J . 61.81 -0.71 3.25
C2 NAG J . 63.06 -1.56 2.96
C3 NAG J . 64.24 -0.65 2.61
C4 NAG J . 63.87 0.31 1.49
C5 NAG J . 62.58 1.06 1.81
C6 NAG J . 62.10 1.94 0.67
C7 NAG J . 63.98 -3.59 3.98
C8 NAG J . 64.24 -4.33 5.25
N2 NAG J . 63.38 -2.41 4.10
O3 NAG J . 65.37 -1.43 2.24
O4 NAG J . 64.92 1.25 1.27
O5 NAG J . 61.52 0.15 2.10
O6 NAG J . 61.20 2.93 1.13
O7 NAG J . 64.31 -4.05 2.88
C1 NAG K . 57.88 -9.99 -16.81
C2 NAG K . 58.95 -10.92 -16.21
C3 NAG K . 60.16 -11.04 -17.14
C4 NAG K . 59.71 -11.46 -18.54
C5 NAG K . 58.65 -10.50 -19.07
C6 NAG K . 58.06 -10.93 -20.39
C7 NAG K . 59.93 -9.37 -14.48
C8 NAG K . 60.22 -9.26 -13.02
N2 NAG K . 59.35 -10.53 -14.86
O3 NAG K . 61.06 -12.00 -16.61
O4 NAG K . 60.81 -11.61 -19.42
O5 NAG K . 57.55 -10.44 -18.15
O6 NAG K . 56.65 -10.97 -20.34
O7 NAG K . 60.21 -8.47 -15.26
C1 NAG K . 61.66 -10.49 -19.71
C2 NAG K . 63.13 -10.97 -19.88
C3 NAG K . 64.07 -9.85 -20.41
C4 NAG K . 63.45 -9.13 -21.60
C5 NAG K . 62.05 -8.65 -21.26
C6 NAG K . 61.36 -7.99 -22.42
C7 NAG K . 64.04 -11.48 -17.49
C8 NAG K . 63.79 -10.08 -16.94
N2 NAG K . 63.71 -11.75 -18.79
O3 NAG K . 65.32 -10.43 -20.77
O4 NAG K . 64.25 -8.01 -21.95
O5 NAG K . 61.24 -9.79 -20.88
O6 NAG K . 62.30 -7.45 -23.34
O7 NAG K . 64.53 -12.34 -16.77
C1 NAG L . 57.56 16.42 15.07
C2 NAG L . 58.45 16.17 16.31
C3 NAG L . 59.19 17.45 16.73
C4 NAG L . 59.69 18.21 15.51
C5 NAG L . 58.49 18.74 14.73
C6 NAG L . 58.75 18.90 13.26
C7 NAG L . 57.63 14.35 17.79
C8 NAG L . 58.49 13.40 17.00
N2 NAG L . 57.66 15.65 17.42
O3 NAG L . 60.30 17.07 17.54
O4 NAG L . 60.63 19.23 15.83
O5 NAG L . 57.34 17.88 14.88
O6 NAG L . 57.54 18.96 12.52
O7 NAG L . 56.94 13.98 18.73
C1 NAG L . 60.28 20.32 16.74
C2 NAG L . 61.61 20.80 17.40
C3 NAG L . 61.43 22.11 18.21
C4 NAG L . 60.64 23.14 17.43
C5 NAG L . 59.33 22.53 16.96
C6 NAG L . 58.46 23.48 16.17
C7 NAG L . 62.21 19.02 19.22
C8 NAG L . 60.91 19.16 20.00
N2 NAG L . 62.41 19.78 18.09
O3 NAG L . 62.72 22.63 18.53
O4 NAG L . 60.35 24.26 18.28
O5 NAG L . 59.62 21.41 16.11
O6 NAG L . 58.88 24.83 16.34
O7 NAG L . 63.07 18.23 19.58
C1 NAG M . 45.49 43.07 2.24
C2 NAG M . 44.07 43.67 2.39
C3 NAG M . 44.06 45.18 2.03
C4 NAG M . 45.23 45.93 2.66
C5 NAG M . 46.55 45.15 2.55
C6 NAG M . 47.68 45.73 3.38
C7 NAG M . 42.61 42.56 0.54
C8 NAG M . 43.50 42.96 -0.63
N2 NAG M . 42.95 42.91 1.81
O3 NAG M . 42.81 45.74 2.45
O4 NAG M . 45.39 47.14 1.92
O5 NAG M . 46.39 43.80 3.01
O6 NAG M . 47.86 45.00 4.59
O7 NAG M . 41.59 41.90 0.34
C1 NAG M . 45.28 48.43 2.60
C2 NAG M . 43.81 48.86 2.77
C3 NAG M . 43.71 50.18 3.52
C4 NAG M . 44.53 50.15 4.81
C5 NAG M . 45.96 49.70 4.53
C6 NAG M . 46.81 49.57 5.77
C7 NAG M . 41.84 48.76 1.28
C8 NAG M . 41.35 48.91 -0.12
N2 NAG M . 43.16 48.97 1.47
O3 NAG M . 42.35 50.46 3.83
O4 NAG M . 44.57 51.46 5.39
O5 NAG M . 45.93 48.41 3.90
O6 NAG M . 48.17 49.84 5.49
O7 NAG M . 41.10 48.47 2.21
C1 NAG N . 35.53 11.90 -32.88
C2 NAG N . 36.93 12.30 -33.38
C3 NAG N . 37.44 11.38 -34.52
C4 NAG N . 37.28 9.91 -34.14
C5 NAG N . 35.87 9.63 -33.59
C6 NAG N . 35.71 8.24 -33.04
C7 NAG N . 36.62 14.62 -34.55
C8 NAG N . 35.58 14.16 -35.55
N2 NAG N . 37.15 13.74 -33.66
O3 NAG N . 38.81 11.68 -34.78
O4 NAG N . 37.45 9.14 -35.33
O5 NAG N . 35.55 10.52 -32.52
O6 NAG N . 36.62 7.99 -31.96
O7 NAG N . 37.00 15.79 -34.56
C1 NAG N . 38.55 8.18 -35.33
C2 NAG N . 39.77 8.78 -36.02
C3 NAG N . 40.93 7.78 -36.03
C4 NAG N . 41.21 7.28 -34.62
C5 NAG N . 39.93 6.76 -33.96
C6 NAG N . 40.13 6.36 -32.51
C7 NAG N . 39.82 10.37 -37.90
C8 NAG N . 39.40 10.63 -39.30
N2 NAG N . 39.45 9.19 -37.39
O3 NAG N . 42.09 8.39 -36.57
O4 NAG N . 42.17 6.24 -34.66
O5 NAG N . 38.91 7.77 -33.99
O6 NAG N . 39.05 6.80 -31.70
O7 NAG N . 40.47 11.18 -37.24
CA CA O . 25.97 -19.42 -19.50
O13 3PH P . -36.50 4.51 26.35
P 3PH P . -35.83 4.21 25.05
O14 3PH P . -36.28 5.06 23.89
O12 3PH P . -34.33 4.03 25.17
O11 3PH P . -36.35 2.75 24.66
C1 3PH P . -36.33 2.32 23.30
C2 3PH P . -36.17 0.80 23.26
O21 3PH P . -35.47 0.40 24.43
C21 3PH P . -36.10 -0.71 25.11
O22 3PH P . -37.25 -1.01 24.83
C22 3PH P . -35.33 -1.48 26.16
C23 3PH P . -36.27 -2.48 26.80
C24 3PH P . -35.65 -3.88 26.84
C25 3PH P . -36.66 -4.89 26.33
C26 3PH P . -36.42 -6.27 26.91
C27 3PH P . -37.40 -7.27 26.33
C28 3PH P . -37.21 -8.65 26.94
C29 3PH P . -38.52 -9.42 26.92
C2A 3PH P . -38.39 -10.77 27.63
C2B 3PH P . -39.76 -11.29 28.03
C2C 3PH P . -39.64 -12.63 28.75
C2D 3PH P . -40.99 -13.08 29.28
C2E 3PH P . -41.02 -14.60 29.45
C2F 3PH P . -42.23 -15.02 30.28
C2G 3PH P . -42.61 -16.47 30.01
C2H 3PH P . -43.79 -16.90 30.87
C2I 3PH P . -44.34 -18.24 30.43
C3 3PH P . -35.30 0.46 22.07
O31 3PH P . -34.76 -0.84 22.27
C31 3PH P . -33.74 -1.34 21.37
O32 3PH P . -33.29 -0.58 20.53
C32 3PH P . -33.26 -2.76 21.46
C33 3PH P . -32.80 -3.06 22.88
C34 3PH P . -32.60 -4.56 23.05
C35 3PH P . -32.54 -4.91 24.53
C36 3PH P . -33.35 -6.16 24.84
C37 3PH P . -32.48 -7.40 24.90
C38 3PH P . -33.31 -8.58 25.44
C39 3PH P . -32.42 -9.77 25.73
C3A 3PH P . -33.25 -10.96 26.20
C3B 3PH P . -32.39 -12.21 26.26
C3C 3PH P . -33.21 -13.48 26.12
C3D 3PH P . -32.36 -14.60 25.54
C3E 3PH P . -33.19 -15.85 25.29
C3F 3PH P . -32.37 -16.94 24.60
C3G 3PH P . -33.13 -18.28 24.63
C3H 3PH P . -32.28 -19.40 24.03
C3I 3PH P . -30.97 -19.56 24.77
O13 3PH Q . -54.20 -11.50 25.49
P 3PH Q . -54.25 -11.87 24.03
O14 3PH Q . -55.62 -11.84 23.41
O12 3PH Q . -53.17 -11.23 23.22
O11 3PH Q . -53.85 -13.43 24.04
C1 3PH Q . -54.24 -14.29 22.97
C2 3PH Q . -53.34 -15.51 22.99
O21 3PH Q . -53.78 -16.48 22.04
C21 3PH Q . -52.81 -16.60 20.97
O22 3PH Q . -52.17 -15.62 20.63
C22 3PH Q . -52.60 -17.92 20.27
C23 3PH Q . -51.26 -17.85 19.56
C24 3PH Q . -50.12 -18.17 20.51
C25 3PH Q . -48.82 -17.55 20.01
C26 3PH Q . -47.66 -17.94 20.91
C27 3PH Q . -46.43 -17.10 20.62
C28 3PH Q . -45.19 -17.72 21.26
C29 3PH Q . -43.99 -16.80 21.18
C2A 3PH Q . -42.76 -17.49 21.75
C2B 3PH Q . -42.28 -18.59 20.81
C2C 3PH Q . -41.30 -19.52 21.49
C2D 3PH Q . -40.48 -20.30 20.49
C2E 3PH Q . -39.31 -19.48 19.98
C2F 3PH Q . -38.57 -20.19 18.85
C2G 3PH Q . -37.95 -21.50 19.31
C2H 3PH Q . -36.43 -21.46 19.22
C2I 3PH Q . -35.97 -21.13 17.82
C3 3PH Q . -53.34 -16.16 24.37
O31 3PH Q . -52.10 -16.84 24.51
C31 3PH Q . -51.78 -17.53 25.74
O32 3PH Q . -52.68 -17.87 26.48
C32 3PH Q . -50.35 -17.81 26.13
C33 3PH Q . -49.62 -16.46 26.25
C34 3PH Q . -48.30 -16.61 27.01
C35 3PH Q . -47.40 -17.62 26.32
C36 3PH Q . -46.10 -17.82 27.09
C37 3PH Q . -45.19 -16.61 27.00
C38 3PH Q . -44.94 -16.21 25.55
C39 3PH Q . -43.63 -15.42 25.39
C3A 3PH Q . -43.53 -14.29 26.40
C3B 3PH Q . -42.77 -13.11 25.79
C3C 3PH Q . -43.64 -12.42 24.75
C3D 3PH Q . -42.84 -12.22 23.46
C3E 3PH Q . -42.91 -10.77 22.99
C3F 3PH Q . -42.15 -9.86 23.93
C3G 3PH Q . -40.68 -10.25 24.01
C3H 3PH Q . -39.86 -9.50 22.98
C3I 3PH Q . -39.74 -8.05 23.37
CA CA R . 37.04 -6.56 3.98
O13 3PH S . -36.28 25.76 -8.60
P 3PH S . -35.14 25.31 -7.75
O14 3PH S . -35.53 24.79 -6.39
O12 3PH S . -34.13 24.46 -8.48
O11 3PH S . -34.33 26.65 -7.40
C1 3PH S . -33.49 26.70 -6.27
C2 3PH S . -32.36 27.68 -6.52
O21 3PH S . -32.10 27.71 -7.92
C21 3PH S . -32.03 29.06 -8.45
O22 3PH S . -32.43 29.98 -7.79
C22 3PH S . -31.45 29.29 -9.83
C23 3PH S . -31.61 30.76 -10.18
C24 3PH S . -30.31 31.35 -10.69
C25 3PH S . -30.05 32.67 -9.97
C26 3PH S . -29.22 33.61 -10.81
C27 3PH S . -28.92 34.89 -10.04
C28 3PH S . -28.12 35.86 -10.89
C29 3PH S . -28.41 37.30 -10.45
C2A 3PH S . -27.71 38.30 -11.35
C2B 3PH S . -28.37 39.67 -11.25
C2C 3PH S . -27.69 40.68 -12.15
C2D 3PH S . -28.43 42.02 -12.15
C2E 3PH S . -27.50 43.16 -12.53
C2F 3PH S . -28.30 44.42 -12.85
C2G 3PH S . -27.46 45.67 -12.68
C2H 3PH S . -28.25 46.92 -13.05
C2I 3PH S . -27.52 48.17 -12.63
C3 3PH S . -31.12 27.15 -5.85
O31 3PH S . -29.98 27.76 -6.45
C31 3PH S . -28.65 27.29 -6.13
O32 3PH S . -28.55 26.30 -5.43
C32 3PH S . -27.43 28.01 -6.62
C33 3PH S . -27.50 28.17 -8.14
C34 3PH S . -26.43 29.15 -8.61
C35 3PH S . -26.75 29.63 -10.02
C36 3PH S . -26.54 31.12 -10.16
C37 3PH S . -25.19 31.47 -10.76
C38 3PH S . -25.12 32.94 -11.08
C39 3PH S . -23.89 33.28 -11.90
C3A 3PH S . -23.79 34.77 -12.17
C3B 3PH S . -22.43 35.12 -12.78
C3C 3PH S . -22.04 36.56 -12.49
C3D 3PH S . -20.52 36.70 -12.49
C3E 3PH S . -20.11 38.13 -12.13
C3F 3PH S . -18.59 38.25 -12.02
C3G 3PH S . -18.18 39.72 -11.94
C3H 3PH S . -16.66 39.87 -11.91
C3I 3PH S . -16.02 39.24 -13.13
O13 3PH T . -36.28 49.01 -3.16
P 3PH T . -35.48 49.06 -1.89
O14 3PH T . -36.11 49.85 -0.77
O12 3PH T . -34.91 47.74 -1.49
O11 3PH T . -34.18 49.92 -2.29
C1 3PH T . -33.43 50.62 -1.30
C2 3PH T . -32.05 50.91 -1.87
O21 3PH T . -31.30 51.74 -0.99
C21 3PH T . -30.19 51.00 -0.43
O22 3PH T . -30.32 49.81 -0.24
C22 3PH T . -28.90 51.69 -0.10
C23 3PH T . -27.81 50.62 0.01
C24 3PH T . -27.26 50.25 -1.35
C25 3PH T . -26.67 48.86 -1.32
C26 3PH T . -26.03 48.52 -2.67
C27 3PH T . -25.72 47.04 -2.78
C28 3PH T . -24.78 46.78 -3.95
C29 3PH T . -24.62 45.29 -4.22
C2A 3PH T . -23.60 45.08 -5.33
C2B 3PH T . -22.19 45.39 -4.84
C2C 3PH T . -21.23 45.52 -6.01
C2D 3PH T . -19.79 45.37 -5.55
C2E 3PH T . -19.41 43.91 -5.43
C2F 3PH T . -18.02 43.73 -4.82
C2G 3PH T . -16.93 44.35 -5.69
C2H 3PH T . -15.97 43.29 -6.22
C2I 3PH T . -15.35 42.50 -5.09
C3 3PH T . -32.16 51.62 -3.22
O31 3PH T . -30.98 51.31 -3.95
C31 3PH T . -30.81 51.81 -5.31
O32 3PH T . -31.43 52.79 -5.65
C32 3PH T . -29.88 51.11 -6.26
C33 3PH T . -30.37 49.69 -6.46
C34 3PH T . -29.75 49.05 -7.70
C35 3PH T . -28.23 49.05 -7.60
C36 3PH T . -27.59 48.47 -8.85
C37 3PH T . -27.79 46.96 -8.95
C38 3PH T . -27.33 46.25 -7.69
C39 3PH T . -26.97 44.79 -7.94
C3A 3PH T . -28.07 44.07 -8.71
C3B 3PH T . -28.15 42.60 -8.29
C3C 3PH T . -28.74 42.50 -6.90
C3D 3PH T . -27.87 41.60 -6.03
C3E 3PH T . -28.70 40.53 -5.35
C3F 3PH T . -29.22 39.51 -6.36
C3G 3PH T . -28.06 38.85 -7.08
C3H 3PH T . -27.63 37.57 -6.37
C3I 3PH T . -28.69 36.50 -6.55
#